data_7VX0
#
_entry.id   7VX0
#
_cell.length_a   111.717
_cell.length_b   111.717
_cell.length_c   230.717
_cell.angle_alpha   90.000
_cell.angle_beta   90.000
_cell.angle_gamma   120.000
#
_symmetry.space_group_name_H-M   'P 31 2 1'
#
loop_
_entity.id
_entity.type
_entity.pdbx_description
1 polymer GdmN
2 non-polymer "ADENOSINE-5'-TRIPHOSPHATE"
3 non-polymer 'FE (III) ION'
4 non-polymer GLYCEROL
5 non-polymer 'SULFATE ION'
6 non-polymer 1,2-ETHANEDIOL
7 non-polymer 'PHOSPHORIC ACID MONO(FORMAMIDE)ESTER'
8 non-polymer 'PHOSPHATE ION'
9 water water
#
_entity_poly.entity_id   1
_entity_poly.type   'polypeptide(L)'
_entity_poly.pdbx_seq_one_letter_code
;MGSSHHHHHHSSGLVPRGSHMLVLGLNGNFSAADTDVVPQLGEVFFHDSAASLIRDGELVAAVEEERLNRIKKTTKFPLN
AVRECLALAGARPEDVDAVGYYFPENHIDTVLNHLYTEYPRAPLRYSRELIRQRLKEGLGWDLPDEKLVYVPHHEAHAYS
SYLHSGMDSALVLVLDGRGELHSGTVYRAEGTRLEKLADYPVPKSLGGLYLNATYLLGYGFGDEYKVMGLAPWGNPETYR
DTFAKLYTLQDNGEYELHGNIMVPNLVSPLFYAEGFRPRRKGEPFTQAHRDFAAALQETVEKIVLHILEYWAKTSGHSRL
CFGGGVAHNSSLNGLILKSGLFDEVFVHPASHDAGAGEGAAYAAAASLGTLERPGKRLLSASLGPALGGREQIRARLADW
APLIDVEFPDDAVETAAGLLAEGQVLGWAYGRSEFGPRALGHRSIVADARPEENRTRINAMVKKREGFRPFAPVVTAEAA
RDYFDLSGADGNHEFMSFVVPVLPERRTELGAVTHVDGTARVQVVSAESGERFHRLVRRFGELTGTPVLLNTSFNNNAEP
IVQSLDDVVTSFLTTDLDVLVVEDCLVRGKASPDLGVLVPRFRPVTRLVERRTAGPDASAGAKTHEIHLDYDGGPSAKVS
PELYELLGAVDGTTTLGDLAKTVGGLSDALATEVFALWEQRFLTLAPAGDIGPLADDGTRGH
;
_entity_poly.pdbx_strand_id   A,B
#
loop_
_chem_comp.id
_chem_comp.type
_chem_comp.name
_chem_comp.formula
ATP non-polymer ADENOSINE-5'-TRIPHOSPHATE 'C10 H16 N5 O13 P3'
CP non-polymer 'PHOSPHORIC ACID MONO(FORMAMIDE)ESTER' 'C H4 N O5 P'
EDO non-polymer 1,2-ETHANEDIOL 'C2 H6 O2'
FE non-polymer 'FE (III) ION' 'Fe 3'
GOL non-polymer GLYCEROL 'C3 H8 O3'
PO4 non-polymer 'PHOSPHATE ION' 'O4 P -3'
SO4 non-polymer 'SULFATE ION' 'O4 S -2'
#
# COMPACT_ATOMS: atom_id res chain seq x y z
N MET A 21 -42.35 9.26 9.10
CA MET A 21 -41.31 9.19 8.06
C MET A 21 -39.90 9.28 8.68
N LEU A 22 -39.24 8.13 8.85
CA LEU A 22 -37.98 8.04 9.58
C LEU A 22 -36.94 7.39 8.69
N VAL A 23 -35.84 8.11 8.41
CA VAL A 23 -34.86 7.64 7.43
C VAL A 23 -33.45 7.72 8.02
N LEU A 24 -32.68 6.65 7.81
CA LEU A 24 -31.28 6.56 8.25
C LEU A 24 -30.35 6.93 7.10
N GLY A 25 -29.34 7.74 7.37
CA GLY A 25 -28.29 8.05 6.41
C GLY A 25 -26.99 7.38 6.82
N LEU A 26 -26.37 6.67 5.88
CA LEU A 26 -25.16 5.90 6.12
C LEU A 26 -24.02 6.36 5.22
N ASN A 27 -22.80 6.32 5.76
CA ASN A 27 -21.58 6.51 4.97
C ASN A 27 -20.44 5.78 5.65
N GLY A 28 -19.42 5.45 4.88
CA GLY A 28 -18.28 4.71 5.38
C GLY A 28 -18.15 3.36 4.71
N ASN A 29 -17.13 2.61 5.15
CA ASN A 29 -16.92 1.27 4.61
C ASN A 29 -17.67 0.27 5.48
N PHE A 30 -17.33 -1.01 5.36
CA PHE A 30 -18.18 -2.07 5.90
C PHE A 30 -17.47 -2.97 6.88
N SER A 31 -16.29 -2.57 7.36
CA SER A 31 -15.48 -3.42 8.20
C SER A 31 -16.10 -3.58 9.58
N ALA A 32 -15.84 -4.74 10.20
CA ALA A 32 -16.26 -5.02 11.56
C ALA A 32 -15.39 -4.24 12.55
N ALA A 33 -15.68 -4.38 13.85
CA ALA A 33 -14.93 -3.64 14.87
C ALA A 33 -13.46 -4.08 14.92
N ASP A 34 -13.20 -5.37 14.76
CA ASP A 34 -11.88 -5.93 15.06
C ASP A 34 -11.05 -6.27 13.83
N THR A 35 -11.65 -6.31 12.64
CA THR A 35 -10.94 -6.54 11.39
C THR A 35 -11.46 -5.59 10.35
N ASP A 36 -10.78 -5.54 9.21
CA ASP A 36 -11.21 -4.73 8.08
C ASP A 36 -11.60 -5.62 6.91
N VAL A 37 -12.39 -5.05 5.98
CA VAL A 37 -12.90 -5.83 4.84
C VAL A 37 -11.75 -6.53 4.10
N VAL A 38 -10.64 -5.82 3.92
CA VAL A 38 -9.38 -6.46 3.52
C VAL A 38 -8.31 -6.03 4.52
N PRO A 39 -7.24 -6.81 4.71
CA PRO A 39 -6.26 -6.45 5.75
C PRO A 39 -5.61 -5.10 5.48
N GLN A 40 -5.45 -4.32 6.55
CA GLN A 40 -4.86 -2.98 6.49
C GLN A 40 -5.57 -2.07 5.46
N LEU A 41 -6.90 -2.22 5.33
CA LEU A 41 -7.66 -1.38 4.41
C LEU A 41 -7.27 0.08 4.58
N GLY A 42 -6.97 0.74 3.45
CA GLY A 42 -6.43 2.09 3.53
C GLY A 42 -7.38 3.05 4.23
N GLU A 43 -6.81 4.00 4.97
CA GLU A 43 -7.59 4.95 5.73
C GLU A 43 -8.45 5.86 4.85
N VAL A 44 -8.19 5.92 3.53
CA VAL A 44 -8.96 6.78 2.63
C VAL A 44 -10.09 6.05 1.94
N PHE A 45 -10.29 4.76 2.22
CA PHE A 45 -11.32 3.96 1.54
C PHE A 45 -12.64 4.09 2.29
N PHE A 46 -13.33 5.19 2.02
CA PHE A 46 -14.66 5.48 2.55
C PHE A 46 -14.59 5.71 4.06
N HIS A 47 -14.04 6.88 4.43
CA HIS A 47 -13.67 7.33 5.76
C HIS A 47 -14.77 8.18 6.40
N ASP A 48 -14.52 8.63 7.64
CA ASP A 48 -15.48 9.43 8.41
C ASP A 48 -16.85 8.77 8.49
N SER A 49 -16.86 7.46 8.68
CA SER A 49 -18.10 6.71 8.86
C SER A 49 -18.99 7.36 9.92
N ALA A 50 -20.29 7.43 9.62
CA ALA A 50 -21.23 8.12 10.49
C ALA A 50 -22.64 7.61 10.21
N ALA A 51 -23.56 7.96 11.10
CA ALA A 51 -24.97 7.67 10.92
C ALA A 51 -25.78 8.89 11.32
N SER A 52 -26.86 9.14 10.58
CA SER A 52 -27.77 10.25 10.77
C SER A 52 -29.18 9.70 10.70
N LEU A 53 -30.09 10.26 11.50
CA LEU A 53 -31.51 9.88 11.50
C LEU A 53 -32.34 11.13 11.27
N ILE A 54 -33.15 11.10 10.22
CA ILE A 54 -34.10 12.15 9.87
C ILE A 54 -35.49 11.69 10.30
N ARG A 55 -36.26 12.57 10.93
CA ARG A 55 -37.65 12.27 11.23
C ARG A 55 -38.51 13.46 10.83
N ASP A 56 -39.48 13.22 9.95
CA ASP A 56 -40.38 14.28 9.48
C ASP A 56 -39.61 15.49 8.96
N GLY A 57 -38.51 15.21 8.27
CA GLY A 57 -37.70 16.26 7.71
C GLY A 57 -36.65 16.85 8.63
N GLU A 58 -36.71 16.59 9.94
CA GLU A 58 -35.77 17.19 10.88
C GLU A 58 -34.63 16.22 11.18
N LEU A 59 -33.43 16.77 11.36
CA LEU A 59 -32.28 15.95 11.76
C LEU A 59 -32.34 15.74 13.26
N VAL A 60 -32.70 14.53 13.69
CA VAL A 60 -32.94 14.30 15.12
C VAL A 60 -31.75 13.66 15.82
N ALA A 61 -30.84 13.02 15.10
CA ALA A 61 -29.67 12.46 15.74
C ALA A 61 -28.59 12.26 14.69
N ALA A 62 -27.34 12.46 15.10
CA ALA A 62 -26.25 12.23 14.17
C ALA A 62 -24.98 12.09 14.99
N VAL A 63 -24.17 11.10 14.64
CA VAL A 63 -22.88 10.95 15.30
C VAL A 63 -21.93 10.20 14.37
N GLU A 64 -20.68 10.63 14.39
CA GLU A 64 -19.60 9.95 13.66
C GLU A 64 -19.10 8.72 14.42
N GLU A 65 -18.91 7.62 13.69
CA GLU A 65 -18.44 6.38 14.33
C GLU A 65 -17.10 6.58 15.08
N GLU A 66 -16.27 7.53 14.64
CA GLU A 66 -14.98 7.78 15.30
C GLU A 66 -15.16 8.10 16.78
N ARG A 67 -16.25 8.78 17.14
CA ARG A 67 -16.49 9.12 18.54
C ARG A 67 -16.74 7.89 19.39
N LEU A 68 -17.21 6.81 18.77
CA LEU A 68 -17.61 5.60 19.46
C LEU A 68 -16.55 4.49 19.41
N ASN A 69 -15.88 4.30 18.28
CA ASN A 69 -14.76 3.34 18.29
C ASN A 69 -13.41 3.99 18.55
N ARG A 70 -13.37 5.32 18.71
CA ARG A 70 -12.18 6.09 19.10
C ARG A 70 -11.07 6.05 18.05
N ILE A 71 -11.38 5.76 16.78
CA ILE A 71 -10.42 5.83 15.68
C ILE A 71 -10.76 7.06 14.85
N LYS A 72 -9.89 8.07 14.85
CA LYS A 72 -10.13 9.29 14.07
C LYS A 72 -10.47 9.00 12.61
N LYS A 73 -11.57 9.62 12.11
CA LYS A 73 -11.98 9.54 10.70
C LYS A 73 -12.16 8.10 10.22
N THR A 74 -12.61 7.21 11.11
CA THR A 74 -12.60 5.77 10.86
C THR A 74 -13.36 5.40 9.58
N THR A 75 -12.90 4.31 8.96
CA THR A 75 -13.58 3.73 7.80
C THR A 75 -14.52 2.59 8.18
N LYS A 76 -14.53 2.18 9.44
CA LYS A 76 -15.30 1.00 9.85
C LYS A 76 -16.80 1.28 9.80
N PHE A 77 -17.57 0.22 9.63
CA PHE A 77 -19.00 0.38 9.47
C PHE A 77 -19.57 1.06 10.71
N PRO A 78 -20.42 2.05 10.56
CA PRO A 78 -20.89 2.86 11.70
C PRO A 78 -22.03 2.19 12.48
N LEU A 79 -21.79 0.95 12.89
CA LEU A 79 -22.79 0.18 13.62
C LEU A 79 -23.16 0.84 14.95
N ASN A 80 -22.15 1.19 15.77
CA ASN A 80 -22.45 1.86 17.02
C ASN A 80 -23.21 3.15 16.80
N ALA A 81 -22.84 3.90 15.76
CA ALA A 81 -23.52 5.16 15.46
C ALA A 81 -25.00 4.93 15.16
N VAL A 82 -25.31 3.88 14.39
CA VAL A 82 -26.72 3.62 14.08
C VAL A 82 -27.49 3.29 15.35
N ARG A 83 -26.92 2.44 16.19
CA ARG A 83 -27.57 2.08 17.45
C ARG A 83 -27.82 3.31 18.31
N GLU A 84 -26.81 4.20 18.44
CA GLU A 84 -26.96 5.41 19.24
C GLU A 84 -28.01 6.34 18.64
N CYS A 85 -28.05 6.46 17.31
CA CYS A 85 -29.06 7.31 16.68
C CYS A 85 -30.47 6.79 16.98
N LEU A 86 -30.71 5.47 16.81
CA LEU A 86 -32.03 4.92 17.10
C LEU A 86 -32.44 5.17 18.55
N ALA A 87 -31.49 5.01 19.48
CA ALA A 87 -31.80 5.27 20.88
C ALA A 87 -32.20 6.71 21.11
N LEU A 88 -31.49 7.66 20.49
CA LEU A 88 -31.81 9.07 20.67
C LEU A 88 -33.19 9.41 20.11
N ALA A 89 -33.57 8.79 18.99
CA ALA A 89 -34.88 9.00 18.39
C ALA A 89 -35.97 8.22 19.10
N GLY A 90 -35.61 7.37 20.07
CA GLY A 90 -36.57 6.47 20.68
C GLY A 90 -37.18 5.50 19.70
N ALA A 91 -36.42 5.08 18.69
CA ALA A 91 -36.94 4.23 17.63
C ALA A 91 -36.30 2.85 17.70
N ARG A 92 -37.00 1.87 17.13
CA ARG A 92 -36.54 0.52 16.88
C ARG A 92 -36.09 0.41 15.43
N PRO A 93 -35.15 -0.49 15.11
CA PRO A 93 -34.77 -0.70 13.70
C PRO A 93 -35.97 -0.87 12.77
N GLU A 94 -37.02 -1.53 13.26
CA GLU A 94 -38.22 -1.77 12.47
C GLU A 94 -38.95 -0.48 12.10
N ASP A 95 -38.78 0.59 12.89
CA ASP A 95 -39.45 1.84 12.57
C ASP A 95 -38.84 2.58 11.39
N VAL A 96 -37.65 2.19 10.93
CA VAL A 96 -36.96 2.95 9.88
C VAL A 96 -37.63 2.66 8.53
N ASP A 97 -38.04 3.72 7.85
CA ASP A 97 -38.71 3.59 6.55
C ASP A 97 -37.76 3.38 5.38
N ALA A 98 -36.54 3.90 5.47
CA ALA A 98 -35.59 3.82 4.36
C ALA A 98 -34.19 4.06 4.89
N VAL A 99 -33.20 3.56 4.16
CA VAL A 99 -31.80 3.77 4.45
C VAL A 99 -31.13 4.29 3.19
N GLY A 100 -30.52 5.48 3.29
CA GLY A 100 -29.71 6.03 2.20
C GLY A 100 -28.22 5.79 2.44
N TYR A 101 -27.51 5.40 1.38
CA TYR A 101 -26.07 5.24 1.39
C TYR A 101 -25.45 6.26 0.44
N TYR A 102 -24.37 6.92 0.87
CA TYR A 102 -23.91 8.16 0.25
C TYR A 102 -23.11 8.00 -1.05
N PHE A 103 -23.12 6.84 -1.70
CA PHE A 103 -22.48 6.61 -2.99
C PHE A 103 -23.37 5.70 -3.83
N PRO A 104 -23.30 5.79 -5.15
CA PRO A 104 -24.02 4.83 -6.00
C PRO A 104 -23.49 3.43 -5.81
N GLU A 105 -24.39 2.47 -6.00
CA GLU A 105 -24.08 1.07 -5.71
C GLU A 105 -22.99 0.52 -6.63
N ASN A 106 -23.03 0.86 -7.92
CA ASN A 106 -22.03 0.33 -8.85
C ASN A 106 -20.63 0.81 -8.49
N HIS A 107 -20.51 2.06 -8.03
CA HIS A 107 -19.18 2.61 -7.77
C HIS A 107 -18.54 1.95 -6.53
N ILE A 108 -19.26 1.94 -5.40
CA ILE A 108 -18.68 1.30 -4.21
C ILE A 108 -18.40 -0.17 -4.48
N ASP A 109 -19.27 -0.86 -5.23
CA ASP A 109 -19.03 -2.28 -5.49
C ASP A 109 -17.83 -2.51 -6.40
N THR A 110 -17.65 -1.63 -7.39
CA THR A 110 -16.47 -1.73 -8.25
C THR A 110 -15.19 -1.51 -7.46
N VAL A 111 -15.22 -0.61 -6.47
CA VAL A 111 -14.03 -0.44 -5.62
C VAL A 111 -13.81 -1.69 -4.77
N LEU A 112 -14.87 -2.20 -4.13
CA LEU A 112 -14.73 -3.46 -3.39
C LEU A 112 -14.22 -4.56 -4.30
N ASN A 113 -14.76 -4.67 -5.52
CA ASN A 113 -14.32 -5.70 -6.45
C ASN A 113 -12.82 -5.57 -6.72
N HIS A 114 -12.33 -4.33 -6.85
CA HIS A 114 -10.89 -4.11 -7.07
C HIS A 114 -10.08 -4.58 -5.88
N LEU A 115 -10.47 -4.19 -4.66
CA LEU A 115 -9.83 -4.71 -3.45
C LEU A 115 -9.80 -6.23 -3.45
N TYR A 116 -10.90 -6.87 -3.89
CA TYR A 116 -10.96 -8.33 -3.84
C TYR A 116 -10.02 -8.97 -4.86
N THR A 117 -9.70 -8.28 -5.97
CA THR A 117 -8.73 -8.84 -6.89
C THR A 117 -7.32 -8.78 -6.29
N GLU A 118 -7.06 -7.81 -5.43
CA GLU A 118 -5.77 -7.71 -4.78
C GLU A 118 -5.64 -8.64 -3.57
N TYR A 119 -6.76 -9.08 -3.01
CA TYR A 119 -6.79 -9.91 -1.81
C TYR A 119 -7.62 -11.14 -2.13
N PRO A 120 -7.03 -12.13 -2.81
CA PRO A 120 -7.81 -13.29 -3.29
C PRO A 120 -8.43 -14.16 -2.19
N ARG A 121 -8.03 -14.00 -0.92
CA ARG A 121 -8.69 -14.71 0.17
C ARG A 121 -10.01 -14.08 0.58
N ALA A 122 -10.23 -12.82 0.26
CA ALA A 122 -11.45 -12.15 0.71
C ALA A 122 -12.66 -12.70 -0.05
N PRO A 123 -13.75 -13.02 0.65
CA PRO A 123 -14.94 -13.49 -0.07
C PRO A 123 -15.62 -12.34 -0.80
N LEU A 124 -16.24 -12.68 -1.93
CA LEU A 124 -16.82 -11.68 -2.81
C LEU A 124 -18.18 -11.23 -2.25
N ARG A 125 -18.10 -10.33 -1.27
CA ARG A 125 -19.27 -9.72 -0.64
C ARG A 125 -19.31 -8.25 -1.01
N TYR A 126 -20.35 -7.83 -1.73
CA TYR A 126 -20.48 -6.45 -2.14
C TYR A 126 -21.36 -5.69 -1.16
N SER A 127 -21.58 -4.41 -1.44
CA SER A 127 -22.06 -3.48 -0.40
C SER A 127 -23.47 -3.83 0.07
N ARG A 128 -24.36 -4.23 -0.85
CA ARG A 128 -25.72 -4.53 -0.45
C ARG A 128 -25.75 -5.65 0.58
N GLU A 129 -25.01 -6.73 0.31
CA GLU A 129 -24.92 -7.86 1.23
C GLU A 129 -24.23 -7.44 2.53
N LEU A 130 -23.22 -6.58 2.43
CA LEU A 130 -22.46 -6.22 3.63
C LEU A 130 -23.28 -5.30 4.54
N ILE A 131 -23.98 -4.33 3.97
CA ILE A 131 -24.85 -3.46 4.76
C ILE A 131 -25.92 -4.28 5.46
N ARG A 132 -26.52 -5.23 4.73
CA ARG A 132 -27.56 -6.05 5.33
C ARG A 132 -27.00 -6.98 6.39
N GLN A 133 -25.81 -7.55 6.15
CA GLN A 133 -25.19 -8.40 7.15
C GLN A 133 -24.90 -7.61 8.44
N ARG A 134 -24.31 -6.41 8.31
CA ARG A 134 -23.96 -5.65 9.51
C ARG A 134 -25.20 -5.29 10.31
N LEU A 135 -26.25 -4.82 9.65
CA LEU A 135 -27.46 -4.44 10.36
C LEU A 135 -28.14 -5.67 10.96
N LYS A 136 -28.11 -6.80 10.26
CA LYS A 136 -28.71 -8.02 10.78
C LYS A 136 -27.95 -8.53 12.01
N GLU A 137 -26.64 -8.74 11.88
CA GLU A 137 -25.86 -9.27 13.00
C GLU A 137 -25.72 -8.25 14.13
N GLY A 138 -25.66 -6.96 13.81
CA GLY A 138 -25.40 -5.96 14.82
C GLY A 138 -26.63 -5.40 15.52
N LEU A 139 -27.74 -5.24 14.80
CA LEU A 139 -28.97 -4.72 15.39
C LEU A 139 -30.12 -5.70 15.36
N GLY A 140 -29.94 -6.91 14.84
CA GLY A 140 -31.06 -7.82 14.65
C GLY A 140 -32.06 -7.30 13.65
N TRP A 141 -31.60 -6.54 12.66
CA TRP A 141 -32.46 -5.76 11.79
C TRP A 141 -32.39 -6.35 10.39
N ASP A 142 -33.52 -6.84 9.91
CA ASP A 142 -33.62 -7.46 8.60
C ASP A 142 -34.08 -6.39 7.61
N LEU A 143 -33.12 -5.78 6.92
CA LEU A 143 -33.42 -4.68 6.01
C LEU A 143 -33.88 -5.22 4.66
N PRO A 144 -35.09 -4.90 4.19
CA PRO A 144 -35.48 -5.33 2.84
C PRO A 144 -34.78 -4.54 1.75
N ASP A 145 -34.54 -5.22 0.63
CA ASP A 145 -33.81 -4.61 -0.48
C ASP A 145 -34.43 -3.29 -0.91
N GLU A 146 -35.76 -3.22 -0.88
CA GLU A 146 -36.44 -2.04 -1.40
C GLU A 146 -36.32 -0.82 -0.49
N LYS A 147 -35.86 -0.98 0.74
CA LYS A 147 -35.67 0.17 1.60
C LYS A 147 -34.27 0.78 1.51
N LEU A 148 -33.31 0.07 0.92
CA LEU A 148 -31.95 0.56 0.79
C LEU A 148 -31.81 1.37 -0.49
N VAL A 149 -31.50 2.66 -0.36
CA VAL A 149 -31.39 3.57 -1.50
C VAL A 149 -29.95 4.08 -1.60
N TYR A 150 -29.30 3.85 -2.74
CA TYR A 150 -27.97 4.42 -3.00
C TYR A 150 -28.10 5.75 -3.73
N VAL A 151 -27.22 6.68 -3.39
CA VAL A 151 -27.40 8.08 -3.75
C VAL A 151 -26.14 8.60 -4.44
N PRO A 152 -26.27 9.43 -5.49
CA PRO A 152 -25.10 10.17 -6.01
C PRO A 152 -24.40 10.97 -4.92
N HIS A 153 -23.08 10.86 -4.88
CA HIS A 153 -22.34 11.38 -3.73
C HIS A 153 -22.49 12.90 -3.58
N HIS A 154 -22.35 13.67 -4.66
CA HIS A 154 -22.44 15.12 -4.51
C HIS A 154 -23.87 15.58 -4.31
N GLU A 155 -24.86 14.81 -4.77
CA GLU A 155 -26.25 15.11 -4.44
C GLU A 155 -26.49 14.99 -2.94
N ALA A 156 -25.90 13.96 -2.31
CA ALA A 156 -26.04 13.79 -0.87
C ALA A 156 -25.43 14.97 -0.12
N HIS A 157 -24.21 15.36 -0.50
CA HIS A 157 -23.59 16.56 0.04
C HIS A 157 -24.51 17.77 -0.10
N ALA A 158 -25.08 17.96 -1.28
CA ALA A 158 -25.83 19.19 -1.56
C ALA A 158 -27.11 19.25 -0.73
N TYR A 159 -27.83 18.13 -0.62
CA TYR A 159 -29.02 18.10 0.22
C TYR A 159 -28.68 18.54 1.64
N SER A 160 -27.62 17.95 2.20
CA SER A 160 -27.24 18.27 3.57
C SER A 160 -26.95 19.75 3.74
N SER A 161 -26.08 20.30 2.89
CA SER A 161 -25.70 21.71 3.01
C SER A 161 -26.89 22.64 2.77
N TYR A 162 -27.73 22.32 1.79
CA TYR A 162 -28.79 23.28 1.42
C TYR A 162 -29.99 23.17 2.34
N LEU A 163 -30.45 21.94 2.64
CA LEU A 163 -31.69 21.79 3.39
C LEU A 163 -31.57 22.35 4.80
N HIS A 164 -30.36 22.46 5.34
CA HIS A 164 -30.17 23.02 6.68
C HIS A 164 -29.88 24.52 6.67
N SER A 165 -29.84 25.17 5.52
CA SER A 165 -29.46 26.57 5.45
C SER A 165 -30.59 27.53 5.82
N GLY A 166 -31.82 27.07 5.87
CA GLY A 166 -32.93 27.98 6.01
C GLY A 166 -33.31 28.72 4.75
N MET A 167 -32.63 28.50 3.62
CA MET A 167 -32.92 29.23 2.40
C MET A 167 -33.86 28.43 1.50
N ASP A 168 -34.69 29.17 0.75
CA ASP A 168 -35.63 28.54 -0.18
C ASP A 168 -35.12 28.57 -1.62
N SER A 169 -33.96 29.17 -1.86
CA SER A 169 -33.27 29.10 -3.14
C SER A 169 -31.81 29.50 -2.93
N ALA A 170 -30.91 28.88 -3.69
CA ALA A 170 -29.49 29.13 -3.51
C ALA A 170 -28.70 28.46 -4.62
N LEU A 171 -27.52 29.01 -4.87
CA LEU A 171 -26.46 28.26 -5.52
C LEU A 171 -25.81 27.32 -4.50
N VAL A 172 -25.59 26.07 -4.88
CA VAL A 172 -24.96 25.09 -4.00
C VAL A 172 -23.68 24.58 -4.68
N LEU A 173 -22.55 24.78 -4.02
CA LEU A 173 -21.26 24.29 -4.50
C LEU A 173 -20.80 23.13 -3.62
N VAL A 174 -20.48 21.99 -4.24
CA VAL A 174 -19.87 20.85 -3.56
C VAL A 174 -18.47 20.68 -4.11
N LEU A 175 -17.47 20.73 -3.23
CA LEU A 175 -16.08 20.45 -3.59
C LEU A 175 -15.49 19.47 -2.58
N ASP A 176 -15.02 18.32 -3.05
CA ASP A 176 -14.31 17.41 -2.15
C ASP A 176 -13.16 16.77 -2.90
N GLY A 177 -12.73 15.60 -2.44
CA GLY A 177 -11.75 14.81 -3.14
C GLY A 177 -12.39 14.24 -4.39
N ARG A 178 -13.43 13.44 -4.23
CA ARG A 178 -14.21 12.96 -5.37
C ARG A 178 -15.51 12.35 -4.90
N GLY A 179 -16.53 12.45 -5.74
CA GLY A 179 -17.63 11.52 -5.74
C GLY A 179 -17.37 10.40 -6.73
N GLU A 180 -18.45 9.75 -7.17
CA GLU A 180 -18.27 8.62 -8.08
C GLU A 180 -17.68 9.08 -9.43
N LEU A 181 -18.07 10.27 -9.91
CA LEU A 181 -17.67 10.73 -11.24
C LEU A 181 -17.01 12.11 -11.26
N HIS A 182 -17.12 12.89 -10.21
CA HIS A 182 -16.70 14.29 -10.26
C HIS A 182 -16.00 14.63 -8.96
N SER A 183 -15.17 15.67 -9.03
CA SER A 183 -14.55 16.24 -7.86
C SER A 183 -15.25 17.50 -7.38
N GLY A 184 -16.14 18.05 -8.20
CA GLY A 184 -16.88 19.25 -7.86
C GLY A 184 -18.19 19.29 -8.61
N THR A 185 -19.26 19.75 -7.96
CA THR A 185 -20.56 19.89 -8.59
C THR A 185 -21.17 21.22 -8.17
N VAL A 186 -21.84 21.87 -9.11
CA VAL A 186 -22.59 23.10 -8.88
C VAL A 186 -24.07 22.80 -9.12
N TYR A 187 -24.92 23.14 -8.15
CA TYR A 187 -26.37 22.97 -8.26
C TYR A 187 -27.08 24.31 -8.10
N ARG A 188 -28.23 24.40 -8.75
CA ARG A 188 -29.25 25.35 -8.33
C ARG A 188 -30.21 24.62 -7.40
N ALA A 189 -30.58 25.28 -6.30
CA ALA A 189 -31.54 24.73 -5.36
C ALA A 189 -32.73 25.67 -5.27
N GLU A 190 -33.93 25.11 -5.35
CA GLU A 190 -35.16 25.91 -5.23
C GLU A 190 -36.21 25.03 -4.58
N GLY A 191 -36.81 25.51 -3.48
CA GLY A 191 -37.68 24.64 -2.70
C GLY A 191 -36.89 23.44 -2.22
N THR A 192 -37.35 22.23 -2.54
CA THR A 192 -36.62 21.01 -2.23
C THR A 192 -36.00 20.37 -3.46
N ARG A 193 -35.95 21.07 -4.59
CA ARG A 193 -35.43 20.50 -5.83
C ARG A 193 -34.00 20.99 -6.06
N LEU A 194 -33.13 20.05 -6.42
CA LEU A 194 -31.77 20.35 -6.87
C LEU A 194 -31.72 20.15 -8.39
N GLU A 195 -31.08 21.10 -9.07
CA GLU A 195 -30.84 20.97 -10.50
C GLU A 195 -29.37 21.23 -10.75
N LYS A 196 -28.67 20.26 -11.33
CA LYS A 196 -27.25 20.42 -11.59
C LYS A 196 -27.01 21.51 -12.63
N LEU A 197 -26.04 22.36 -12.36
CA LEU A 197 -25.57 23.38 -13.29
C LEU A 197 -24.23 23.07 -13.92
N ALA A 198 -23.32 22.42 -13.19
CA ALA A 198 -21.97 22.16 -13.68
C ALA A 198 -21.33 21.08 -12.83
N ASP A 199 -20.29 20.45 -13.38
CA ASP A 199 -19.47 19.55 -12.59
C ASP A 199 -18.04 19.60 -13.11
N TYR A 200 -17.11 19.07 -12.32
CA TYR A 200 -15.70 19.09 -12.64
C TYR A 200 -15.12 17.70 -12.47
N PRO A 201 -14.31 17.25 -13.43
CA PRO A 201 -13.84 15.86 -13.40
C PRO A 201 -12.89 15.57 -12.26
N VAL A 202 -12.76 14.27 -11.98
CA VAL A 202 -11.94 13.81 -10.86
C VAL A 202 -10.50 14.34 -10.92
N PRO A 203 -9.81 14.31 -12.06
CA PRO A 203 -8.43 14.84 -12.06
C PRO A 203 -8.31 16.31 -11.68
N LYS A 204 -9.40 17.09 -11.73
CA LYS A 204 -9.34 18.51 -11.34
C LYS A 204 -9.58 18.71 -9.84
N SER A 205 -9.47 17.66 -9.04
CA SER A 205 -9.88 17.73 -7.64
C SER A 205 -9.06 18.72 -6.83
N LEU A 206 -9.74 19.65 -6.18
CA LEU A 206 -9.05 20.54 -5.25
C LEU A 206 -8.79 19.87 -3.93
N GLY A 207 -9.67 18.97 -3.48
CA GLY A 207 -9.37 18.18 -2.30
C GLY A 207 -8.17 17.27 -2.51
N GLY A 208 -8.07 16.64 -3.69
CA GLY A 208 -6.88 15.88 -4.03
C GLY A 208 -5.63 16.76 -4.09
N LEU A 209 -5.74 17.93 -4.71
CA LEU A 209 -4.61 18.87 -4.72
C LEU A 209 -4.15 19.20 -3.30
N TYR A 210 -5.08 19.59 -2.44
CA TYR A 210 -4.70 19.98 -1.08
C TYR A 210 -4.08 18.81 -0.33
N LEU A 211 -4.64 17.62 -0.49
CA LEU A 211 -4.11 16.44 0.19
C LEU A 211 -2.74 16.04 -0.38
N ASN A 212 -2.59 16.09 -1.70
CA ASN A 212 -1.29 15.87 -2.33
C ASN A 212 -0.22 16.78 -1.71
N ALA A 213 -0.54 18.07 -1.57
CA ALA A 213 0.42 19.03 -1.03
C ALA A 213 0.65 18.83 0.46
N THR A 214 -0.39 18.42 1.19
CA THR A 214 -0.27 18.17 2.62
C THR A 214 0.82 17.15 2.91
N TYR A 215 0.99 16.14 2.04
CA TYR A 215 2.01 15.13 2.23
C TYR A 215 3.43 15.67 2.13
N LEU A 216 3.64 16.81 1.46
CA LEU A 216 4.98 17.39 1.43
C LEU A 216 5.36 18.05 2.75
N LEU A 217 4.40 18.30 3.62
CA LEU A 217 4.69 18.90 4.91
C LEU A 217 4.76 17.86 6.03
N GLY A 218 5.00 16.60 5.67
CA GLY A 218 5.11 15.54 6.68
C GLY A 218 3.81 15.18 7.34
N TYR A 219 2.69 15.57 6.74
CA TYR A 219 1.35 15.32 7.26
C TYR A 219 0.64 14.28 6.39
N GLY A 220 -0.56 13.87 6.82
CA GLY A 220 -1.33 12.96 5.99
C GLY A 220 -2.80 13.27 5.96
N PHE A 221 -3.61 12.28 5.56
CA PHE A 221 -5.06 12.47 5.53
C PHE A 221 -5.56 12.91 6.90
N GLY A 222 -6.47 13.88 6.90
CA GLY A 222 -6.99 14.44 8.13
C GLY A 222 -6.20 15.62 8.65
N ASP A 223 -4.99 15.87 8.14
CA ASP A 223 -4.16 16.97 8.63
C ASP A 223 -4.32 18.25 7.83
N GLU A 224 -5.24 18.29 6.86
CA GLU A 224 -5.33 19.46 5.97
C GLU A 224 -5.59 20.74 6.74
N TYR A 225 -6.41 20.69 7.80
CA TYR A 225 -6.68 21.91 8.54
C TYR A 225 -5.45 22.41 9.31
N LYS A 226 -4.47 21.55 9.57
CA LYS A 226 -3.22 22.01 10.17
C LYS A 226 -2.37 22.77 9.15
N VAL A 227 -2.34 22.28 7.90
CA VAL A 227 -1.69 23.03 6.82
C VAL A 227 -2.34 24.41 6.69
N MET A 228 -3.67 24.44 6.72
CA MET A 228 -4.38 25.70 6.62
C MET A 228 -3.99 26.64 7.77
N GLY A 229 -3.84 26.09 8.97
CA GLY A 229 -3.40 26.88 10.11
C GLY A 229 -1.95 27.34 9.99
N LEU A 230 -1.12 26.61 9.24
CA LEU A 230 0.27 27.00 9.02
C LEU A 230 0.38 28.14 8.01
N ALA A 231 -0.51 28.18 7.02
CA ALA A 231 -0.35 29.06 5.86
C ALA A 231 -0.16 30.54 6.20
N PRO A 232 -0.86 31.13 7.19
CA PRO A 232 -0.65 32.56 7.45
C PRO A 232 0.73 32.89 7.97
N TRP A 233 1.49 31.91 8.45
CA TRP A 233 2.87 32.16 8.83
C TRP A 233 3.81 32.26 7.64
N GLY A 234 3.34 31.97 6.43
CA GLY A 234 4.18 31.91 5.26
C GLY A 234 3.94 33.09 4.34
N ASN A 235 4.88 33.27 3.41
CA ASN A 235 4.78 34.30 2.39
C ASN A 235 4.34 33.63 1.10
N PRO A 236 3.12 33.90 0.62
CA PRO A 236 2.65 33.21 -0.59
C PRO A 236 3.43 33.56 -1.85
N GLU A 237 4.30 34.58 -1.81
CA GLU A 237 5.05 34.95 -3.02
C GLU A 237 6.11 33.92 -3.39
N THR A 238 6.73 33.27 -2.39
CA THR A 238 7.88 32.42 -2.66
C THR A 238 7.59 31.36 -3.71
N TYR A 239 6.48 30.63 -3.56
CA TYR A 239 6.16 29.52 -4.44
C TYR A 239 4.98 29.81 -5.35
N ARG A 240 4.56 31.08 -5.45
CA ARG A 240 3.43 31.43 -6.31
C ARG A 240 3.67 31.02 -7.75
N ASP A 241 4.87 31.28 -8.28
CA ASP A 241 5.17 30.93 -9.67
C ASP A 241 5.32 29.42 -9.86
N THR A 242 5.71 28.69 -8.82
CA THR A 242 5.74 27.23 -8.91
C THR A 242 4.34 26.66 -8.98
N PHE A 243 3.48 27.07 -8.05
CA PHE A 243 2.10 26.60 -8.08
C PHE A 243 1.40 26.99 -9.36
N ALA A 244 1.75 28.15 -9.93
CA ALA A 244 1.14 28.59 -11.17
C ALA A 244 1.36 27.61 -12.32
N LYS A 245 2.40 26.77 -12.23
CA LYS A 245 2.61 25.77 -13.26
C LYS A 245 1.67 24.58 -13.12
N LEU A 246 0.99 24.45 -11.98
CA LEU A 246 0.13 23.29 -11.72
C LEU A 246 -1.35 23.55 -12.04
N TYR A 247 -1.75 24.78 -12.30
CA TYR A 247 -3.14 25.06 -12.63
C TYR A 247 -3.20 26.22 -13.63
N THR A 248 -4.28 26.25 -14.41
CA THR A 248 -4.60 27.37 -15.29
C THR A 248 -6.06 27.74 -15.10
N LEU A 249 -6.33 29.02 -14.86
CA LEU A 249 -7.70 29.49 -14.91
C LEU A 249 -8.10 29.75 -16.37
N GLN A 250 -9.30 29.33 -16.74
CA GLN A 250 -9.82 29.47 -18.09
C GLN A 250 -11.13 30.27 -18.09
N ASP A 251 -11.56 30.69 -19.28
CA ASP A 251 -12.75 31.53 -19.39
C ASP A 251 -13.98 30.80 -18.87
N ASN A 252 -14.98 31.59 -18.49
CA ASN A 252 -16.31 31.09 -18.12
C ASN A 252 -16.22 30.10 -16.96
N GLY A 253 -15.45 30.46 -15.94
CA GLY A 253 -15.45 29.68 -14.71
C GLY A 253 -14.79 28.33 -14.78
N GLU A 254 -13.99 28.07 -15.83
CA GLU A 254 -13.32 26.79 -15.97
C GLU A 254 -11.90 26.87 -15.42
N TYR A 255 -11.30 25.69 -15.23
CA TYR A 255 -9.91 25.63 -14.81
C TYR A 255 -9.34 24.27 -15.17
N GLU A 256 -8.02 24.18 -15.10
CA GLU A 256 -7.33 22.93 -15.38
C GLU A 256 -6.26 22.74 -14.30
N LEU A 257 -6.08 21.49 -13.87
CA LEU A 257 -4.90 21.14 -13.09
C LEU A 257 -3.99 20.32 -13.99
N HIS A 258 -2.70 20.59 -13.92
CA HIS A 258 -1.75 19.99 -14.87
C HIS A 258 -1.07 18.80 -14.20
N GLY A 259 -1.47 17.59 -14.59
CA GLY A 259 -0.98 16.38 -13.96
C GLY A 259 0.37 15.95 -14.50
N ASN A 260 0.81 14.78 -14.05
CA ASN A 260 2.08 14.21 -14.48
C ASN A 260 1.94 12.70 -14.48
N ILE A 261 2.86 12.03 -15.18
CA ILE A 261 2.84 10.58 -15.24
C ILE A 261 3.94 9.97 -14.40
N MET A 262 4.59 10.75 -13.54
CA MET A 262 5.67 10.20 -12.74
C MET A 262 5.15 9.44 -11.52
N VAL A 263 4.29 10.07 -10.72
CA VAL A 263 3.79 9.45 -9.49
C VAL A 263 2.35 9.90 -9.26
N PRO A 264 1.61 9.19 -8.41
CA PRO A 264 0.24 9.63 -8.12
C PRO A 264 0.19 10.76 -7.09
N ASN A 265 0.84 11.87 -7.44
CA ASN A 265 0.80 13.08 -6.62
C ASN A 265 1.04 14.24 -7.56
N LEU A 266 0.12 15.21 -7.56
CA LEU A 266 0.14 16.30 -8.53
C LEU A 266 1.27 17.28 -8.24
N VAL A 267 1.70 17.38 -6.98
CA VAL A 267 2.54 18.48 -6.53
C VAL A 267 3.99 18.06 -6.35
N SER A 268 4.24 16.83 -5.88
CA SER A 268 5.59 16.54 -5.41
C SER A 268 6.64 16.54 -6.54
N PRO A 269 6.33 16.10 -7.78
CA PRO A 269 7.42 16.08 -8.78
C PRO A 269 7.98 17.45 -9.12
N LEU A 270 7.12 18.46 -9.30
CA LEU A 270 7.62 19.77 -9.65
C LEU A 270 8.40 20.39 -8.49
N PHE A 271 7.89 20.24 -7.26
CA PHE A 271 8.59 20.84 -6.13
C PHE A 271 9.91 20.11 -5.85
N TYR A 272 9.95 18.79 -6.06
CA TYR A 272 11.23 18.09 -6.00
C TYR A 272 12.22 18.67 -7.00
N ALA A 273 11.80 18.83 -8.27
CA ALA A 273 12.69 19.35 -9.30
C ALA A 273 13.23 20.73 -8.97
N GLU A 274 12.50 21.51 -8.19
CA GLU A 274 13.00 22.83 -7.81
C GLU A 274 13.71 22.82 -6.47
N GLY A 275 13.98 21.65 -5.91
CA GLY A 275 14.82 21.55 -4.73
C GLY A 275 14.08 21.57 -3.41
N PHE A 276 12.76 21.47 -3.42
CA PHE A 276 12.01 21.45 -2.16
C PHE A 276 12.23 20.11 -1.47
N ARG A 277 12.34 20.14 -0.15
CA ARG A 277 12.57 18.92 0.63
C ARG A 277 11.40 18.65 1.58
N PRO A 278 10.65 17.57 1.36
CA PRO A 278 9.48 17.30 2.21
C PRO A 278 9.88 17.20 3.68
N ARG A 279 9.07 17.79 4.54
CA ARG A 279 9.33 17.79 5.97
C ARG A 279 9.30 16.37 6.52
N ARG A 280 10.25 16.08 7.41
CA ARG A 280 10.33 14.79 8.08
C ARG A 280 9.61 14.84 9.42
N LYS A 281 9.13 13.67 9.85
CA LYS A 281 8.42 13.59 11.12
C LYS A 281 9.31 14.05 12.25
N GLY A 282 8.75 14.85 13.15
CA GLY A 282 9.52 15.38 14.26
C GLY A 282 10.51 16.47 13.89
N GLU A 283 10.45 16.99 12.68
CA GLU A 283 11.38 18.06 12.39
C GLU A 283 10.62 19.38 12.26
N PRO A 284 11.29 20.51 12.50
CA PRO A 284 10.59 21.79 12.52
C PRO A 284 10.00 22.17 11.18
N PHE A 285 9.00 23.03 11.23
CA PHE A 285 8.43 23.62 10.02
C PHE A 285 9.27 24.84 9.67
N THR A 286 10.10 24.71 8.62
CA THR A 286 10.95 25.81 8.22
C THR A 286 10.14 26.93 7.58
N GLN A 287 10.81 28.05 7.31
CA GLN A 287 10.15 29.13 6.56
C GLN A 287 9.76 28.68 5.15
N ALA A 288 10.54 27.79 4.53
CA ALA A 288 10.14 27.26 3.23
C ALA A 288 8.85 26.43 3.34
N HIS A 289 8.73 25.61 4.39
CA HIS A 289 7.50 24.87 4.62
C HIS A 289 6.32 25.82 4.82
N ARG A 290 6.53 26.88 5.60
CA ARG A 290 5.50 27.88 5.82
C ARG A 290 5.08 28.53 4.50
N ASP A 291 6.07 28.95 3.71
CA ASP A 291 5.81 29.56 2.41
C ASP A 291 5.06 28.62 1.48
N PHE A 292 5.40 27.32 1.54
CA PHE A 292 4.70 26.32 0.73
C PHE A 292 3.22 26.28 1.10
N ALA A 293 2.92 26.17 2.40
CA ALA A 293 1.53 26.17 2.85
C ALA A 293 0.80 27.43 2.41
N ALA A 294 1.47 28.59 2.53
CA ALA A 294 0.85 29.85 2.13
C ALA A 294 0.50 29.86 0.65
N ALA A 295 1.41 29.36 -0.21
CA ALA A 295 1.12 29.36 -1.64
C ALA A 295 0.06 28.34 -2.01
N LEU A 296 0.04 27.16 -1.36
CA LEU A 296 -1.02 26.18 -1.58
C LEU A 296 -2.40 26.76 -1.26
N GLN A 297 -2.53 27.38 -0.08
CA GLN A 297 -3.78 27.99 0.33
C GLN A 297 -4.24 29.06 -0.67
N GLU A 298 -3.32 29.95 -1.04
CA GLU A 298 -3.65 30.97 -2.04
C GLU A 298 -4.14 30.34 -3.32
N THR A 299 -3.49 29.25 -3.76
CA THR A 299 -3.90 28.59 -5.00
C THR A 299 -5.35 28.13 -4.93
N VAL A 300 -5.72 27.42 -3.86
CA VAL A 300 -7.08 26.90 -3.81
C VAL A 300 -8.08 28.05 -3.70
N GLU A 301 -7.72 29.10 -2.97
CA GLU A 301 -8.56 30.28 -2.87
C GLU A 301 -8.79 30.89 -4.25
N LYS A 302 -7.72 31.04 -5.04
CA LYS A 302 -7.87 31.63 -6.36
C LYS A 302 -8.77 30.79 -7.27
N ILE A 303 -8.66 29.47 -7.21
CA ILE A 303 -9.48 28.63 -8.07
C ILE A 303 -10.95 28.66 -7.63
N VAL A 304 -11.21 28.52 -6.33
CA VAL A 304 -12.60 28.49 -5.87
C VAL A 304 -13.27 29.82 -6.14
N LEU A 305 -12.57 30.93 -5.87
CA LEU A 305 -13.17 32.23 -6.14
C LEU A 305 -13.40 32.43 -7.64
N HIS A 306 -12.56 31.83 -8.48
CA HIS A 306 -12.79 31.85 -9.92
C HIS A 306 -14.08 31.10 -10.28
N ILE A 307 -14.25 29.89 -9.77
CA ILE A 307 -15.48 29.15 -9.99
C ILE A 307 -16.68 29.97 -9.55
N LEU A 308 -16.61 30.53 -8.35
CA LEU A 308 -17.78 31.15 -7.76
C LEU A 308 -18.12 32.47 -8.44
N GLU A 309 -17.11 33.26 -8.82
CA GLU A 309 -17.37 34.50 -9.54
C GLU A 309 -18.19 34.23 -10.78
N TYR A 310 -17.83 33.19 -11.52
CA TYR A 310 -18.57 32.85 -12.72
C TYR A 310 -19.97 32.39 -12.40
N TRP A 311 -20.10 31.43 -11.47
CA TRP A 311 -21.41 30.82 -11.27
C TRP A 311 -22.35 31.72 -10.48
N ALA A 312 -21.83 32.66 -9.70
CA ALA A 312 -22.69 33.66 -9.07
C ALA A 312 -23.38 34.52 -10.13
N LYS A 313 -22.59 35.08 -11.06
CA LYS A 313 -23.19 35.97 -12.04
C LYS A 313 -23.98 35.21 -13.08
N THR A 314 -23.61 33.96 -13.38
CA THR A 314 -24.31 33.19 -14.41
C THR A 314 -25.64 32.67 -13.90
N SER A 315 -25.67 32.18 -12.65
CA SER A 315 -26.87 31.60 -12.08
C SER A 315 -27.83 32.65 -11.54
N GLY A 316 -27.33 33.85 -11.22
CA GLY A 316 -28.14 34.88 -10.63
C GLY A 316 -28.49 34.70 -9.17
N HIS A 317 -27.89 33.73 -8.47
CA HIS A 317 -28.22 33.50 -7.07
C HIS A 317 -27.44 34.44 -6.15
N SER A 318 -28.14 35.07 -5.20
CA SER A 318 -27.49 35.90 -4.20
C SER A 318 -27.04 35.12 -2.97
N ARG A 319 -27.45 33.87 -2.82
CA ARG A 319 -27.12 33.09 -1.63
C ARG A 319 -26.36 31.83 -2.03
N LEU A 320 -25.35 31.47 -1.22
CA LEU A 320 -24.51 30.30 -1.47
C LEU A 320 -24.57 29.32 -0.30
N CYS A 321 -24.75 28.04 -0.62
CA CYS A 321 -24.43 26.93 0.28
C CYS A 321 -23.19 26.24 -0.25
N PHE A 322 -22.23 25.95 0.64
CA PHE A 322 -20.95 25.37 0.25
C PHE A 322 -20.71 24.14 1.12
N GLY A 323 -20.58 22.98 0.50
CA GLY A 323 -20.38 21.71 1.18
C GLY A 323 -19.30 20.88 0.52
N GLY A 324 -19.16 19.61 0.92
CA GLY A 324 -17.97 18.85 0.58
C GLY A 324 -16.83 19.14 1.55
N GLY A 325 -15.88 18.22 1.61
CA GLY A 325 -14.79 18.33 2.56
C GLY A 325 -13.98 19.60 2.43
N VAL A 326 -13.94 20.18 1.23
CA VAL A 326 -13.15 21.40 1.03
C VAL A 326 -13.79 22.57 1.77
N ALA A 327 -15.10 22.52 2.01
CA ALA A 327 -15.79 23.55 2.78
C ALA A 327 -15.41 23.55 4.26
N HIS A 328 -14.59 22.62 4.73
CA HIS A 328 -14.00 22.81 6.05
C HIS A 328 -12.74 23.67 6.00
N ASN A 329 -12.42 24.25 4.84
CA ASN A 329 -11.32 25.21 4.76
C ASN A 329 -11.87 26.55 5.20
N SER A 330 -11.74 26.82 6.50
CA SER A 330 -12.33 28.01 7.10
C SER A 330 -11.76 29.28 6.50
N SER A 331 -10.48 29.25 6.12
CA SER A 331 -9.86 30.43 5.51
C SER A 331 -10.52 30.73 4.17
N LEU A 332 -10.63 29.71 3.32
CA LEU A 332 -11.33 29.85 2.05
C LEU A 332 -12.73 30.43 2.28
N ASN A 333 -13.46 29.87 3.25
CA ASN A 333 -14.82 30.34 3.51
C ASN A 333 -14.83 31.81 3.88
N GLY A 334 -13.86 32.24 4.70
CA GLY A 334 -13.79 33.64 5.09
C GLY A 334 -13.54 34.56 3.91
N LEU A 335 -12.73 34.11 2.95
CA LEU A 335 -12.55 34.88 1.72
C LEU A 335 -13.81 34.90 0.87
N ILE A 336 -14.51 33.77 0.76
CA ILE A 336 -15.80 33.77 0.07
C ILE A 336 -16.72 34.79 0.72
N LEU A 337 -16.70 34.84 2.05
CA LEU A 337 -17.52 35.80 2.78
C LEU A 337 -17.16 37.23 2.41
N LYS A 338 -15.86 37.53 2.33
CA LYS A 338 -15.41 38.89 2.09
C LYS A 338 -15.47 39.29 0.61
N SER A 339 -15.69 38.33 -0.30
CA SER A 339 -15.57 38.59 -1.72
C SER A 339 -16.66 39.52 -2.25
N GLY A 340 -17.80 39.60 -1.60
CA GLY A 340 -18.93 40.33 -2.12
C GLY A 340 -19.74 39.59 -3.17
N LEU A 341 -19.35 38.36 -3.52
CA LEU A 341 -20.03 37.64 -4.59
C LEU A 341 -21.46 37.26 -4.19
N PHE A 342 -21.72 37.11 -2.89
CA PHE A 342 -23.00 36.66 -2.38
C PHE A 342 -23.42 37.54 -1.22
N ASP A 343 -24.73 37.61 -1.00
CA ASP A 343 -25.28 38.30 0.17
C ASP A 343 -25.32 37.41 1.40
N GLU A 344 -25.46 36.10 1.23
CA GLU A 344 -25.47 35.15 2.33
C GLU A 344 -24.72 33.88 1.94
N VAL A 345 -24.03 33.30 2.92
CA VAL A 345 -23.30 32.05 2.73
C VAL A 345 -23.65 31.15 3.91
N PHE A 346 -23.95 29.89 3.62
CA PHE A 346 -24.21 28.90 4.66
C PHE A 346 -23.25 27.72 4.50
N VAL A 347 -22.68 27.27 5.61
CA VAL A 347 -21.86 26.05 5.66
C VAL A 347 -22.32 25.20 6.83
N HIS A 348 -22.52 23.90 6.57
CA HIS A 348 -22.95 22.87 7.51
C HIS A 348 -21.79 22.49 8.44
N PRO A 349 -22.08 22.18 9.71
CA PRO A 349 -21.00 21.78 10.64
C PRO A 349 -20.27 20.51 10.22
N ALA A 350 -20.93 19.62 9.49
CA ALA A 350 -20.28 18.40 9.01
C ALA A 350 -20.39 18.46 7.50
N SER A 351 -19.43 19.13 6.86
CA SER A 351 -19.48 19.24 5.41
C SER A 351 -18.67 18.15 4.72
N HIS A 352 -17.93 17.35 5.48
CA HIS A 352 -17.23 16.18 4.97
C HIS A 352 -18.20 15.03 4.78
N ASP A 353 -17.69 13.81 4.60
CA ASP A 353 -18.53 12.70 4.18
C ASP A 353 -19.56 12.29 5.22
N ALA A 354 -19.36 12.65 6.50
CA ALA A 354 -20.42 12.38 7.47
C ALA A 354 -21.69 13.15 7.12
N GLY A 355 -21.53 14.37 6.60
CA GLY A 355 -22.67 15.14 6.15
C GLY A 355 -23.30 14.60 4.87
N ALA A 356 -22.48 14.09 3.95
CA ALA A 356 -23.01 13.34 2.81
C ALA A 356 -23.85 12.15 3.26
N GLY A 357 -23.46 11.49 4.34
CA GLY A 357 -24.30 10.43 4.89
C GLY A 357 -25.66 10.96 5.30
N GLU A 358 -25.70 12.12 5.95
CA GLU A 358 -26.97 12.73 6.31
C GLU A 358 -27.80 13.09 5.09
N GLY A 359 -27.16 13.69 4.08
CA GLY A 359 -27.88 14.04 2.86
C GLY A 359 -28.40 12.84 2.11
N ALA A 360 -27.72 11.70 2.23
CA ALA A 360 -28.21 10.47 1.64
C ALA A 360 -29.56 10.05 2.24
N ALA A 361 -29.82 10.40 3.51
CA ALA A 361 -31.13 10.13 4.09
C ALA A 361 -32.21 10.98 3.40
N TYR A 362 -31.97 12.28 3.24
CA TYR A 362 -32.91 13.12 2.52
C TYR A 362 -33.13 12.62 1.09
N ALA A 363 -32.06 12.25 0.40
CA ALA A 363 -32.21 11.73 -0.96
C ALA A 363 -33.02 10.44 -0.98
N ALA A 364 -32.83 9.59 0.03
CA ALA A 364 -33.62 8.36 0.08
C ALA A 364 -35.10 8.66 0.34
N ALA A 365 -35.38 9.61 1.23
CA ALA A 365 -36.76 10.04 1.42
C ALA A 365 -37.36 10.59 0.12
N ALA A 366 -36.59 11.40 -0.61
CA ALA A 366 -37.09 11.99 -1.85
C ALA A 366 -37.39 10.95 -2.92
N SER A 367 -36.70 9.81 -2.92
CA SER A 367 -36.94 8.82 -3.97
C SER A 367 -38.10 7.90 -3.64
N LEU A 368 -38.47 7.82 -2.37
CA LEU A 368 -39.54 6.93 -1.89
C LEU A 368 -40.61 7.79 -1.22
N GLY A 369 -41.31 8.58 -2.04
CA GLY A 369 -42.24 9.58 -1.54
C GLY A 369 -41.73 10.98 -1.84
N THR A 370 -42.44 11.97 -1.31
CA THR A 370 -41.99 13.34 -1.40
C THR A 370 -41.11 13.68 -0.18
N LEU A 371 -40.51 14.87 -0.20
CA LEU A 371 -39.40 15.20 0.67
C LEU A 371 -39.81 16.22 1.72
N GLU A 372 -39.68 15.85 2.98
CA GLU A 372 -39.84 16.78 4.08
C GLU A 372 -38.46 17.35 4.45
N ARG A 373 -38.43 18.65 4.74
CA ARG A 373 -37.17 19.36 4.97
C ARG A 373 -37.21 20.06 6.32
N PRO A 374 -36.04 20.43 6.86
CA PRO A 374 -36.03 21.19 8.12
C PRO A 374 -36.82 22.49 7.99
N GLY A 375 -37.51 22.85 9.08
CA GLY A 375 -38.25 24.09 9.08
C GLY A 375 -37.39 25.33 9.22
N LYS A 376 -36.20 25.21 9.82
CA LYS A 376 -35.37 26.38 10.11
C LYS A 376 -33.90 26.08 9.81
N ARG A 377 -33.11 27.15 9.77
CA ARG A 377 -31.66 27.01 9.66
C ARG A 377 -31.09 26.32 10.90
N LEU A 378 -30.19 25.37 10.66
CA LEU A 378 -29.53 24.65 11.74
C LEU A 378 -28.65 25.60 12.55
N LEU A 379 -28.86 25.65 13.87
CA LEU A 379 -28.04 26.48 14.75
C LEU A 379 -27.17 25.69 15.72
N SER A 380 -27.51 24.44 15.99
CA SER A 380 -26.78 23.64 16.97
C SER A 380 -26.33 22.34 16.32
N ALA A 381 -25.07 21.97 16.53
CA ALA A 381 -24.57 20.67 16.10
C ALA A 381 -24.63 19.64 17.21
N SER A 382 -25.34 19.95 18.30
CA SER A 382 -25.37 19.13 19.51
C SER A 382 -26.34 17.99 19.26
N LEU A 383 -25.84 16.91 18.67
CA LEU A 383 -26.69 15.91 18.03
C LEU A 383 -26.31 14.48 18.35
N GLY A 384 -25.15 14.24 18.96
CA GLY A 384 -24.73 12.89 19.26
C GLY A 384 -25.32 12.45 20.58
N PRO A 385 -24.85 11.31 21.10
CA PRO A 385 -25.28 10.88 22.43
C PRO A 385 -24.92 11.91 23.48
N ALA A 386 -25.72 11.95 24.54
CA ALA A 386 -25.42 12.78 25.70
C ALA A 386 -24.52 12.01 26.66
N LEU A 387 -24.30 12.56 27.84
CA LEU A 387 -23.42 11.97 28.84
C LEU A 387 -24.15 11.05 29.82
N GLY A 388 -25.46 11.24 29.98
CA GLY A 388 -26.26 10.50 30.93
C GLY A 388 -27.11 11.42 31.78
N GLY A 389 -28.05 10.81 32.50
CA GLY A 389 -28.83 11.54 33.47
C GLY A 389 -28.01 11.87 34.70
N ARG A 390 -28.57 12.78 35.52
CA ARG A 390 -27.83 13.25 36.70
C ARG A 390 -27.46 12.10 37.63
N GLU A 391 -28.37 11.14 37.81
CA GLU A 391 -28.11 10.10 38.79
C GLU A 391 -27.02 9.15 38.31
N GLN A 392 -27.07 8.73 37.05
CA GLN A 392 -26.06 7.78 36.59
C GLN A 392 -24.70 8.47 36.47
N ILE A 393 -24.68 9.79 36.22
CA ILE A 393 -23.41 10.51 36.14
C ILE A 393 -22.77 10.63 37.51
N ARG A 394 -23.56 11.00 38.52
CA ARG A 394 -23.05 11.05 39.89
C ARG A 394 -22.57 9.67 40.34
N ALA A 395 -23.35 8.63 40.04
CA ALA A 395 -22.96 7.27 40.37
C ALA A 395 -21.67 6.86 39.65
N ARG A 396 -21.52 7.25 38.38
CA ARG A 396 -20.30 6.84 37.66
C ARG A 396 -19.08 7.61 38.18
N LEU A 397 -19.26 8.90 38.51
CA LEU A 397 -18.16 9.67 39.08
C LEU A 397 -17.69 9.09 40.41
N ALA A 398 -18.61 8.50 41.19
CA ALA A 398 -18.22 7.82 42.41
C ALA A 398 -17.31 6.63 42.12
N ASP A 399 -17.54 5.91 41.01
CA ASP A 399 -16.65 4.81 40.63
C ASP A 399 -15.23 5.31 40.37
N TRP A 400 -15.07 6.56 39.92
CA TRP A 400 -13.75 7.13 39.66
C TRP A 400 -13.14 7.76 40.91
N ALA A 401 -13.82 7.66 42.06
CA ALA A 401 -13.35 8.34 43.27
C ALA A 401 -11.87 8.14 43.59
N PRO A 402 -11.26 6.95 43.39
CA PRO A 402 -9.83 6.83 43.75
C PRO A 402 -8.91 7.69 42.91
N LEU A 403 -9.42 8.32 41.85
CA LEU A 403 -8.61 9.16 40.98
C LEU A 403 -9.03 10.62 40.97
N ILE A 404 -10.24 10.96 41.38
CA ILE A 404 -10.72 12.33 41.29
C ILE A 404 -11.40 12.78 42.59
N ASP A 405 -11.43 14.10 42.76
CA ASP A 405 -12.27 14.78 43.75
C ASP A 405 -13.38 15.53 43.03
N VAL A 406 -14.60 15.47 43.57
CA VAL A 406 -15.75 16.03 42.89
C VAL A 406 -16.47 17.01 43.83
N GLU A 407 -16.75 18.20 43.31
CA GLU A 407 -17.57 19.22 43.97
C GLU A 407 -18.86 19.42 43.17
N PHE A 408 -19.91 19.87 43.85
CA PHE A 408 -21.22 20.07 43.23
C PHE A 408 -21.69 21.50 43.54
N PRO A 409 -21.18 22.49 42.81
CA PRO A 409 -21.54 23.88 43.14
C PRO A 409 -23.00 24.18 42.86
N ASP A 410 -23.53 25.16 43.60
CA ASP A 410 -24.90 25.62 43.41
C ASP A 410 -25.12 26.07 41.97
N ASP A 411 -24.17 26.80 41.40
CA ASP A 411 -24.25 27.31 40.03
C ASP A 411 -22.93 27.00 39.32
N ALA A 412 -22.89 25.90 38.58
CA ALA A 412 -21.60 25.51 38.01
C ALA A 412 -21.13 26.48 36.93
N VAL A 413 -22.05 27.06 36.17
CA VAL A 413 -21.65 28.04 35.15
C VAL A 413 -21.02 29.26 35.80
N GLU A 414 -21.67 29.79 36.84
CA GLU A 414 -21.09 30.88 37.62
C GLU A 414 -19.69 30.50 38.10
N THR A 415 -19.54 29.31 38.68
CA THR A 415 -18.23 28.93 39.21
C THR A 415 -17.20 28.80 38.10
N ALA A 416 -17.59 28.18 36.97
CA ALA A 416 -16.64 28.00 35.88
C ALA A 416 -16.17 29.34 35.30
N ALA A 417 -17.08 30.31 35.17
CA ALA A 417 -16.67 31.63 34.71
C ALA A 417 -15.63 32.23 35.64
N GLY A 418 -15.81 32.07 36.95
CA GLY A 418 -14.82 32.60 37.88
C GLY A 418 -13.48 31.91 37.75
N LEU A 419 -13.49 30.59 37.62
CA LEU A 419 -12.25 29.84 37.45
C LEU A 419 -11.53 30.29 36.19
N LEU A 420 -12.28 30.52 35.12
CA LEU A 420 -11.67 30.97 33.88
C LEU A 420 -11.04 32.34 34.07
N ALA A 421 -11.73 33.25 34.78
CA ALA A 421 -11.19 34.57 35.04
C ALA A 421 -9.96 34.51 35.95
N GLU A 422 -9.84 33.46 36.76
CA GLU A 422 -8.68 33.26 37.60
C GLU A 422 -7.53 32.54 36.89
N GLY A 423 -7.68 32.26 35.59
CA GLY A 423 -6.59 31.74 34.81
C GLY A 423 -6.59 30.24 34.60
N GLN A 424 -7.64 29.55 35.00
CA GLN A 424 -7.68 28.11 34.86
C GLN A 424 -8.06 27.69 33.45
N VAL A 425 -7.56 26.53 33.01
CA VAL A 425 -7.94 25.90 31.75
C VAL A 425 -8.90 24.76 32.08
N LEU A 426 -10.09 24.79 31.47
CA LEU A 426 -11.21 23.94 31.87
C LEU A 426 -11.55 22.94 30.79
N GLY A 427 -11.82 21.70 31.20
CA GLY A 427 -12.63 20.81 30.37
C GLY A 427 -14.10 21.15 30.56
N TRP A 428 -14.87 21.06 29.47
CA TRP A 428 -16.27 21.47 29.46
C TRP A 428 -17.08 20.44 28.68
N ALA A 429 -17.88 19.64 29.39
CA ALA A 429 -18.63 18.55 28.79
C ALA A 429 -20.08 18.60 29.26
N TYR A 430 -21.00 18.80 28.33
CA TYR A 430 -22.42 18.97 28.61
C TYR A 430 -23.23 18.44 27.44
N GLY A 431 -24.29 17.69 27.75
CA GLY A 431 -25.29 17.27 26.78
C GLY A 431 -24.73 16.47 25.63
N ARG A 432 -25.31 16.70 24.45
CA ARG A 432 -25.09 15.87 23.29
C ARG A 432 -23.88 16.34 22.49
N SER A 433 -23.08 15.39 22.04
CA SER A 433 -21.81 15.75 21.43
C SER A 433 -21.99 16.38 20.04
N GLU A 434 -21.00 17.20 19.65
CA GLU A 434 -21.00 17.92 18.38
C GLU A 434 -20.86 16.99 17.18
N PHE A 435 -21.76 17.14 16.20
CA PHE A 435 -21.62 16.49 14.90
C PHE A 435 -20.66 17.33 14.06
N GLY A 436 -19.67 16.69 13.45
CA GLY A 436 -18.66 17.43 12.71
C GLY A 436 -17.46 17.78 13.58
N PRO A 437 -16.37 18.27 12.96
CA PRO A 437 -15.07 18.31 13.65
C PRO A 437 -14.93 19.40 14.72
N ARG A 438 -15.80 20.41 14.78
CA ARG A 438 -15.59 21.51 15.72
C ARG A 438 -16.29 21.28 17.05
N ALA A 439 -15.57 21.60 18.13
CA ALA A 439 -16.15 21.69 19.47
C ALA A 439 -16.80 23.06 19.66
N LEU A 440 -18.02 23.06 20.20
CA LEU A 440 -18.85 24.26 20.17
C LEU A 440 -19.55 24.50 21.51
N GLY A 441 -19.03 23.95 22.61
CA GLY A 441 -19.62 24.11 23.92
C GLY A 441 -20.27 22.89 24.50
N HIS A 442 -20.11 21.73 23.87
CA HIS A 442 -20.57 20.47 24.43
C HIS A 442 -19.45 19.50 24.74
N ARG A 443 -18.34 19.56 24.01
CA ARG A 443 -17.14 18.77 24.32
C ARG A 443 -15.93 19.67 24.01
N SER A 444 -15.70 20.65 24.89
CA SER A 444 -14.76 21.73 24.64
C SER A 444 -13.74 21.83 25.76
N ILE A 445 -12.59 22.42 25.42
CA ILE A 445 -11.62 22.92 26.40
C ILE A 445 -11.57 24.44 26.25
N VAL A 446 -11.76 25.16 27.37
CA VAL A 446 -11.88 26.61 27.31
C VAL A 446 -10.91 27.26 28.27
N ALA A 447 -10.52 28.49 27.93
CA ALA A 447 -9.60 29.27 28.72
C ALA A 447 -9.81 30.73 28.37
N ASP A 448 -9.34 31.60 29.26
CA ASP A 448 -9.21 33.02 28.97
C ASP A 448 -8.57 33.23 27.59
N ALA A 449 -9.23 34.03 26.74
CA ALA A 449 -8.74 34.29 25.38
C ALA A 449 -7.73 35.43 25.29
N ARG A 450 -7.47 36.16 26.39
CA ARG A 450 -6.69 37.39 26.34
C ARG A 450 -5.17 37.21 26.32
N PRO A 451 -4.57 36.32 27.13
CA PRO A 451 -3.09 36.31 27.18
C PRO A 451 -2.50 35.47 26.05
N GLU A 452 -1.59 36.07 25.28
CA GLU A 452 -0.91 35.32 24.24
C GLU A 452 -0.25 34.06 24.81
N GLU A 453 0.19 34.13 26.07
CA GLU A 453 0.82 32.98 26.73
C GLU A 453 -0.09 31.77 26.80
N ASN A 454 -1.42 31.96 26.84
CA ASN A 454 -2.34 30.83 26.86
C ASN A 454 -2.27 30.02 25.57
N ARG A 455 -2.05 30.69 24.42
CA ARG A 455 -1.83 29.96 23.18
C ARG A 455 -0.55 29.13 23.27
N THR A 456 0.55 29.78 23.71
CA THR A 456 1.82 29.09 23.81
C THR A 456 1.69 27.84 24.66
N ARG A 457 1.01 27.95 25.80
CA ARG A 457 0.98 26.84 26.75
C ARG A 457 -0.06 25.79 26.39
N ILE A 458 -1.25 26.21 25.92
CA ILE A 458 -2.24 25.21 25.59
C ILE A 458 -1.78 24.39 24.39
N ASN A 459 -1.07 25.02 23.44
CA ASN A 459 -0.42 24.26 22.37
C ASN A 459 0.63 23.31 22.94
N ALA A 460 1.55 23.83 23.77
CA ALA A 460 2.72 23.04 24.17
C ALA A 460 2.39 22.01 25.23
N MET A 461 1.59 22.37 26.23
CA MET A 461 1.42 21.55 27.42
C MET A 461 0.09 20.81 27.49
N VAL A 462 -0.97 21.35 26.90
CA VAL A 462 -2.30 20.77 27.07
C VAL A 462 -2.65 19.91 25.86
N LYS A 463 -2.75 20.54 24.69
CA LYS A 463 -3.03 19.79 23.46
C LYS A 463 -1.80 19.09 22.90
N LYS A 464 -0.61 19.49 23.33
CA LYS A 464 0.65 18.88 22.93
C LYS A 464 0.80 18.85 21.40
N ARG A 465 0.74 20.04 20.79
CA ARG A 465 0.81 20.12 19.34
C ARG A 465 1.74 21.27 18.96
N GLU A 466 1.79 21.59 17.67
CA GLU A 466 2.82 22.48 17.16
C GLU A 466 2.58 23.93 17.55
N GLY A 467 3.67 24.65 17.80
CA GLY A 467 3.59 26.03 18.25
C GLY A 467 2.93 26.97 17.26
N PHE A 468 2.86 26.60 15.97
CA PHE A 468 2.26 27.51 15.00
C PHE A 468 0.73 27.47 15.05
N ARG A 469 0.13 26.54 15.76
CA ARG A 469 -1.30 26.29 15.60
C ARG A 469 -2.11 27.40 16.26
N PRO A 470 -3.12 27.94 15.59
CA PRO A 470 -3.97 28.98 16.18
C PRO A 470 -5.01 28.36 17.11
N PHE A 471 -5.66 29.23 17.89
CA PHE A 471 -6.81 28.86 18.70
C PHE A 471 -8.00 29.71 18.31
N ALA A 472 -9.16 29.09 18.33
CA ALA A 472 -10.38 29.75 17.85
C ALA A 472 -11.13 30.35 19.03
N PRO A 473 -11.71 31.54 18.86
CA PRO A 473 -12.50 32.14 19.93
C PRO A 473 -13.99 31.86 19.80
N VAL A 474 -14.69 31.79 20.93
CA VAL A 474 -16.14 31.89 20.96
C VAL A 474 -16.51 33.24 21.58
N VAL A 475 -17.49 33.91 21.01
CA VAL A 475 -17.94 35.23 21.47
C VAL A 475 -19.46 35.21 21.54
N THR A 476 -20.04 35.99 22.45
CA THR A 476 -21.49 36.10 22.48
C THR A 476 -21.97 36.81 21.22
N ALA A 477 -23.18 36.46 20.78
CA ALA A 477 -23.75 37.13 19.61
C ALA A 477 -23.90 38.62 19.84
N GLU A 478 -24.12 39.03 21.10
CA GLU A 478 -24.34 40.45 21.39
C GLU A 478 -23.05 41.24 21.32
N ALA A 479 -21.90 40.60 21.53
CA ALA A 479 -20.63 41.31 21.50
C ALA A 479 -19.81 41.04 20.24
N ALA A 480 -20.29 40.16 19.36
CA ALA A 480 -19.49 39.73 18.22
C ALA A 480 -18.94 40.90 17.42
N ARG A 481 -19.79 41.89 17.12
CA ARG A 481 -19.33 42.97 16.26
C ARG A 481 -18.48 43.98 16.99
N ASP A 482 -18.35 43.86 18.32
CA ASP A 482 -17.35 44.62 19.06
C ASP A 482 -15.94 44.09 18.85
N TYR A 483 -15.79 42.85 18.37
CA TYR A 483 -14.48 42.19 18.32
C TYR A 483 -14.06 41.72 16.94
N PHE A 484 -15.01 41.38 16.08
CA PHE A 484 -14.70 40.74 14.81
C PHE A 484 -15.37 41.49 13.66
N ASP A 485 -14.73 41.45 12.50
CA ASP A 485 -15.24 42.09 11.30
C ASP A 485 -16.06 41.05 10.54
N LEU A 486 -17.38 41.08 10.74
CA LEU A 486 -18.27 40.12 10.10
C LEU A 486 -18.78 40.60 8.76
N SER A 487 -18.39 41.81 8.36
CA SER A 487 -18.91 42.49 7.18
C SER A 487 -18.69 41.68 5.92
N GLY A 488 -19.28 42.16 4.84
CA GLY A 488 -19.41 41.35 3.65
C GLY A 488 -20.77 40.70 3.69
N ALA A 489 -20.85 39.46 3.22
CA ALA A 489 -22.10 38.73 3.29
C ALA A 489 -22.46 38.38 4.73
N ASP A 490 -23.68 37.93 4.92
CA ASP A 490 -24.09 37.28 6.16
C ASP A 490 -23.73 35.80 6.08
N GLY A 491 -22.72 35.40 6.81
CA GLY A 491 -22.42 33.99 6.98
C GLY A 491 -22.96 33.49 8.31
N ASN A 492 -23.07 32.17 8.42
CA ASN A 492 -23.43 31.57 9.70
C ASN A 492 -22.16 31.24 10.48
N HIS A 493 -22.08 31.72 11.73
CA HIS A 493 -20.90 31.54 12.56
C HIS A 493 -21.14 30.63 13.76
N GLU A 494 -22.26 29.90 13.79
CA GLU A 494 -22.54 29.01 14.92
C GLU A 494 -21.60 27.81 14.97
N PHE A 495 -20.91 27.48 13.87
CA PHE A 495 -20.13 26.24 13.77
C PHE A 495 -18.67 26.50 13.44
N MET A 496 -18.20 27.73 13.59
CA MET A 496 -16.81 28.08 13.30
C MET A 496 -16.46 27.80 11.83
N SER A 497 -17.41 28.07 10.93
CA SER A 497 -17.16 27.80 9.52
C SER A 497 -16.29 28.86 8.85
N PHE A 498 -16.18 30.06 9.42
CA PHE A 498 -15.53 31.18 8.73
C PHE A 498 -14.38 31.75 9.55
N VAL A 499 -13.23 31.93 8.91
CA VAL A 499 -12.17 32.79 9.42
C VAL A 499 -12.58 34.24 9.13
N VAL A 500 -12.49 35.11 10.15
CA VAL A 500 -12.81 36.53 9.98
C VAL A 500 -11.69 37.35 10.61
N PRO A 501 -11.53 38.60 10.19
CA PRO A 501 -10.55 39.47 10.84
C PRO A 501 -10.99 39.78 12.26
N VAL A 502 -10.03 39.78 13.16
CA VAL A 502 -10.22 40.42 14.45
C VAL A 502 -10.05 41.92 14.25
N LEU A 503 -10.94 42.71 14.84
CA LEU A 503 -10.84 44.16 14.66
C LEU A 503 -9.48 44.63 15.13
N PRO A 504 -8.80 45.50 14.36
CA PRO A 504 -7.42 45.88 14.72
C PRO A 504 -7.27 46.39 16.14
N GLU A 505 -8.24 47.15 16.63
CA GLU A 505 -8.13 47.70 17.97
C GLU A 505 -8.39 46.66 19.05
N ARG A 506 -8.74 45.42 18.69
CA ARG A 506 -8.94 44.36 19.68
C ARG A 506 -7.89 43.26 19.61
N ARG A 507 -6.91 43.36 18.71
CA ARG A 507 -5.97 42.26 18.51
C ARG A 507 -5.08 42.07 19.73
N THR A 508 -4.64 43.17 20.34
CA THR A 508 -3.82 43.06 21.54
C THR A 508 -4.61 42.46 22.69
N GLU A 509 -5.89 42.83 22.79
CA GLU A 509 -6.72 42.33 23.89
C GLU A 509 -6.94 40.82 23.77
N LEU A 510 -7.15 40.33 22.56
CA LEU A 510 -7.43 38.91 22.29
C LEU A 510 -6.15 38.18 21.89
N GLY A 511 -5.17 38.14 22.81
CA GLY A 511 -3.86 37.66 22.43
C GLY A 511 -3.78 36.18 22.10
N ALA A 512 -4.61 35.36 22.76
CA ALA A 512 -4.51 33.92 22.53
C ALA A 512 -5.26 33.44 21.29
N VAL A 513 -6.17 34.26 20.74
CA VAL A 513 -7.10 33.82 19.72
C VAL A 513 -7.02 34.67 18.46
N THR A 514 -5.99 35.50 18.33
CA THR A 514 -5.79 36.26 17.12
C THR A 514 -4.60 35.63 16.40
N HIS A 515 -4.86 35.12 15.19
CA HIS A 515 -3.80 34.44 14.46
C HIS A 515 -2.75 35.47 14.01
N VAL A 516 -1.64 34.95 13.47
CA VAL A 516 -0.52 35.81 13.08
C VAL A 516 -0.96 36.84 12.03
N ASP A 517 -1.95 36.52 11.19
CA ASP A 517 -2.46 37.46 10.20
C ASP A 517 -3.66 38.26 10.69
N GLY A 518 -3.92 38.29 11.99
CA GLY A 518 -5.01 39.10 12.53
C GLY A 518 -6.39 38.52 12.41
N THR A 519 -6.52 37.22 12.12
CA THR A 519 -7.81 36.57 11.89
C THR A 519 -8.12 35.59 13.01
N ALA A 520 -9.34 35.07 12.95
CA ALA A 520 -9.81 34.11 13.94
C ALA A 520 -10.97 33.34 13.33
N ARG A 521 -10.97 32.03 13.55
CA ARG A 521 -12.07 31.15 13.14
C ARG A 521 -13.16 31.20 14.21
N VAL A 522 -14.07 32.17 14.10
CA VAL A 522 -14.88 32.56 15.26
C VAL A 522 -16.11 31.65 15.41
N GLN A 523 -16.46 31.32 16.65
CA GLN A 523 -17.79 30.80 16.97
C GLN A 523 -18.59 31.94 17.58
N VAL A 524 -19.73 32.26 16.98
CA VAL A 524 -20.64 33.22 17.58
C VAL A 524 -21.75 32.41 18.25
N VAL A 525 -21.78 32.42 19.58
CA VAL A 525 -22.74 31.63 20.34
C VAL A 525 -23.87 32.55 20.81
N SER A 526 -25.09 32.04 20.74
CA SER A 526 -26.25 32.79 21.14
C SER A 526 -27.10 31.94 22.08
N ALA A 527 -28.04 32.60 22.75
CA ALA A 527 -28.95 31.87 23.64
C ALA A 527 -29.67 30.76 22.89
N GLU A 528 -29.94 30.96 21.59
CA GLU A 528 -30.62 29.96 20.80
C GLU A 528 -29.69 28.86 20.28
N SER A 529 -28.42 29.18 19.97
CA SER A 529 -27.57 28.12 19.45
C SER A 529 -27.01 27.24 20.57
N GLY A 530 -26.76 27.83 21.72
CA GLY A 530 -26.23 27.08 22.85
C GLY A 530 -26.41 27.86 24.13
N GLU A 531 -27.55 27.69 24.78
CA GLU A 531 -27.95 28.57 25.88
C GLU A 531 -26.92 28.57 27.01
N ARG A 532 -26.47 27.36 27.40
CA ARG A 532 -25.56 27.25 28.54
C ARG A 532 -24.18 27.84 28.22
N PHE A 533 -23.64 27.52 27.05
CA PHE A 533 -22.33 28.05 26.67
C PHE A 533 -22.37 29.56 26.50
N HIS A 534 -23.47 30.06 25.93
CA HIS A 534 -23.66 31.51 25.84
C HIS A 534 -23.65 32.15 27.23
N ARG A 535 -24.33 31.51 28.19
CA ARG A 535 -24.32 32.04 29.55
C ARG A 535 -22.90 32.07 30.14
N LEU A 536 -22.12 31.02 29.91
CA LEU A 536 -20.74 31.00 30.41
C LEU A 536 -19.91 32.14 29.83
N VAL A 537 -19.98 32.34 28.50
CA VAL A 537 -19.19 33.38 27.88
C VAL A 537 -19.66 34.77 28.33
N ARG A 538 -20.98 34.96 28.44
CA ARG A 538 -21.51 36.24 28.86
C ARG A 538 -21.06 36.57 30.28
N ARG A 539 -21.13 35.58 31.19
CA ARG A 539 -20.71 35.82 32.56
C ARG A 539 -19.22 36.11 32.65
N PHE A 540 -18.41 35.35 31.92
CA PHE A 540 -16.98 35.67 31.87
C PHE A 540 -16.76 37.11 31.41
N GLY A 541 -17.50 37.54 30.39
CA GLY A 541 -17.37 38.92 29.95
C GLY A 541 -17.79 39.92 31.01
N GLU A 542 -18.82 39.58 31.79
CA GLU A 542 -19.24 40.46 32.88
C GLU A 542 -18.20 40.52 34.00
N LEU A 543 -17.50 39.42 34.24
CA LEU A 543 -16.43 39.41 35.24
C LEU A 543 -15.18 40.13 34.75
N THR A 544 -14.85 40.03 33.46
CA THR A 544 -13.55 40.48 32.99
C THR A 544 -13.58 41.70 32.10
N GLY A 545 -14.73 42.03 31.52
CA GLY A 545 -14.78 43.02 30.47
C GLY A 545 -14.63 42.47 29.06
N THR A 546 -14.35 41.17 28.90
CA THR A 546 -14.08 40.57 27.59
C THR A 546 -14.97 39.34 27.41
N PRO A 547 -16.09 39.45 26.67
CA PRO A 547 -16.98 38.29 26.50
C PRO A 547 -16.51 37.34 25.38
N VAL A 548 -15.27 36.87 25.51
CA VAL A 548 -14.62 35.99 24.53
C VAL A 548 -13.86 34.89 25.28
N LEU A 549 -13.96 33.65 24.81
CA LEU A 549 -13.16 32.55 25.35
C LEU A 549 -12.45 31.82 24.24
N LEU A 550 -11.24 31.33 24.55
CA LEU A 550 -10.60 30.30 23.74
C LEU A 550 -11.42 29.01 23.83
N ASN A 551 -11.68 28.37 22.67
CA ASN A 551 -12.48 27.16 22.61
C ASN A 551 -11.81 26.17 21.66
N THR A 552 -11.20 25.13 22.21
CA THR A 552 -10.54 24.10 21.43
C THR A 552 -11.21 22.77 21.73
N SER A 553 -11.04 21.80 20.83
CA SER A 553 -11.80 20.56 20.98
C SER A 553 -11.27 19.75 22.16
N PHE A 554 -12.18 19.08 22.87
CA PHE A 554 -11.84 18.29 24.06
C PHE A 554 -11.35 16.92 23.61
N ASN A 555 -10.04 16.82 23.36
CA ASN A 555 -9.38 15.56 23.01
C ASN A 555 -7.88 15.78 23.08
N ASN A 556 -7.14 14.74 23.49
CA ASN A 556 -5.69 14.83 23.38
C ASN A 556 -5.27 14.46 21.97
N ASN A 557 -3.95 14.41 21.72
CA ASN A 557 -3.50 14.19 20.35
C ASN A 557 -3.69 12.76 19.87
N ALA A 558 -4.22 11.84 20.70
CA ALA A 558 -4.33 10.43 20.32
C ALA A 558 -5.77 9.96 20.12
N GLU A 559 -6.73 10.88 19.98
CA GLU A 559 -8.13 10.47 20.02
C GLU A 559 -8.98 11.53 19.32
N PRO A 560 -10.16 11.16 18.86
CA PRO A 560 -11.15 12.16 18.43
C PRO A 560 -11.83 12.77 19.66
N ILE A 561 -12.67 13.77 19.40
CA ILE A 561 -13.44 14.43 20.45
C ILE A 561 -14.05 13.39 21.38
N VAL A 562 -13.92 13.62 22.70
CA VAL A 562 -14.45 12.68 23.68
C VAL A 562 -15.97 12.60 23.57
N GLN A 563 -16.50 11.41 23.82
CA GLN A 563 -17.93 11.16 23.70
C GLN A 563 -18.58 10.96 25.07
N SER A 564 -18.30 9.85 25.73
CA SER A 564 -18.99 9.41 26.93
C SER A 564 -18.37 10.01 28.18
N LEU A 565 -19.04 9.80 29.31
CA LEU A 565 -18.49 10.31 30.58
C LEU A 565 -17.11 9.72 30.85
N ASP A 566 -16.96 8.40 30.67
CA ASP A 566 -15.65 7.79 30.87
C ASP A 566 -14.60 8.38 29.92
N ASP A 567 -14.97 8.63 28.65
CA ASP A 567 -14.04 9.30 27.74
C ASP A 567 -13.60 10.65 28.30
N VAL A 568 -14.57 11.43 28.80
CA VAL A 568 -14.30 12.77 29.31
C VAL A 568 -13.34 12.73 30.50
N VAL A 569 -13.61 11.83 31.44
CA VAL A 569 -12.77 11.74 32.64
C VAL A 569 -11.39 11.20 32.27
N THR A 570 -11.34 10.18 31.41
CA THR A 570 -10.06 9.68 30.93
C THR A 570 -9.24 10.80 30.29
N SER A 571 -9.87 11.57 29.42
CA SER A 571 -9.14 12.64 28.77
C SER A 571 -8.72 13.70 29.77
N PHE A 572 -9.62 14.09 30.67
CA PHE A 572 -9.24 15.05 31.71
C PHE A 572 -8.01 14.57 32.47
N LEU A 573 -8.00 13.31 32.90
CA LEU A 573 -6.91 12.80 33.71
C LEU A 573 -5.61 12.60 32.91
N THR A 574 -5.66 12.49 31.58
CA THR A 574 -4.45 12.25 30.81
C THR A 574 -4.01 13.46 30.01
N THR A 575 -4.70 14.58 30.14
CA THR A 575 -4.20 15.85 29.63
C THR A 575 -4.05 16.80 30.82
N ASP A 576 -3.24 17.83 30.66
CA ASP A 576 -2.96 18.71 31.80
C ASP A 576 -3.98 19.85 31.85
N LEU A 577 -5.23 19.47 32.12
CA LEU A 577 -6.31 20.42 32.40
C LEU A 577 -6.37 20.71 33.89
N ASP A 578 -6.76 21.95 34.23
CA ASP A 578 -6.85 22.34 35.64
C ASP A 578 -8.09 21.77 36.33
N VAL A 579 -9.23 21.81 35.65
CA VAL A 579 -10.48 21.37 36.25
C VAL A 579 -11.41 20.96 35.13
N LEU A 580 -12.29 20.01 35.43
CA LEU A 580 -13.29 19.54 34.48
C LEU A 580 -14.67 19.93 35.00
N VAL A 581 -15.45 20.59 34.16
CA VAL A 581 -16.86 20.85 34.42
C VAL A 581 -17.66 19.90 33.54
N VAL A 582 -18.34 18.94 34.15
CA VAL A 582 -19.09 17.94 33.41
C VAL A 582 -20.48 17.84 34.06
N GLU A 583 -21.51 18.26 33.32
CA GLU A 583 -22.90 18.20 33.76
C GLU A 583 -23.07 18.72 35.21
N ASP A 584 -22.50 19.90 35.45
CA ASP A 584 -22.61 20.67 36.69
C ASP A 584 -21.76 20.12 37.83
N CYS A 585 -20.96 19.09 37.59
CA CYS A 585 -20.02 18.57 38.56
C CYS A 585 -18.65 19.15 38.28
N LEU A 586 -17.96 19.61 39.32
CA LEU A 586 -16.60 20.13 39.23
C LEU A 586 -15.64 19.02 39.62
N VAL A 587 -14.85 18.54 38.65
CA VAL A 587 -13.96 17.39 38.82
C VAL A 587 -12.51 17.88 38.84
N ARG A 588 -11.72 17.40 39.80
CA ARG A 588 -10.29 17.64 39.83
C ARG A 588 -9.55 16.33 40.09
N GLY A 589 -8.31 16.24 39.58
CA GLY A 589 -7.51 15.05 39.80
C GLY A 589 -7.03 14.99 41.24
N LYS A 590 -7.11 13.81 41.83
CA LYS A 590 -6.59 13.60 43.19
C LYS A 590 -5.08 13.84 43.22
N ALA A 591 -4.59 14.22 44.39
CA ALA A 591 -3.15 14.42 44.60
C ALA A 591 -2.37 13.20 44.15
N SER A 592 -2.69 12.04 44.71
CA SER A 592 -2.11 10.77 44.26
C SER A 592 -3.23 9.83 43.81
N PRO A 593 -3.46 9.71 42.51
CA PRO A 593 -4.58 8.87 42.03
C PRO A 593 -4.19 7.40 41.96
N ASP A 594 -5.10 6.55 42.39
CA ASP A 594 -4.85 5.10 42.43
C ASP A 594 -5.22 4.47 41.10
N LEU A 595 -4.22 4.33 40.23
CA LEU A 595 -4.40 3.64 38.95
C LEU A 595 -4.74 2.17 39.12
N GLY A 596 -4.44 1.58 40.29
CA GLY A 596 -4.63 0.17 40.48
C GLY A 596 -6.08 -0.28 40.44
N VAL A 597 -7.01 0.62 40.77
CA VAL A 597 -8.42 0.24 40.72
C VAL A 597 -9.00 0.24 39.31
N LEU A 598 -8.26 0.75 38.32
CA LEU A 598 -8.78 0.78 36.96
C LEU A 598 -8.72 -0.61 36.35
N VAL A 599 -9.72 -0.97 35.57
CA VAL A 599 -9.80 -2.29 34.94
C VAL A 599 -9.32 -2.14 33.50
N PRO A 600 -8.20 -2.75 33.11
CA PRO A 600 -7.75 -2.64 31.72
C PRO A 600 -8.64 -3.47 30.79
N ARG A 601 -8.89 -2.93 29.61
CA ARG A 601 -9.59 -3.68 28.56
C ARG A 601 -8.88 -3.42 27.23
N PHE A 602 -8.70 -4.48 26.45
CA PHE A 602 -8.26 -4.30 25.07
C PHE A 602 -9.34 -3.56 24.28
N ARG A 603 -8.91 -2.65 23.40
CA ARG A 603 -9.77 -2.18 22.33
C ARG A 603 -9.89 -3.28 21.29
N PRO A 604 -10.93 -3.26 20.45
CA PRO A 604 -11.04 -4.31 19.42
C PRO A 604 -9.83 -4.37 18.50
N VAL A 605 -9.08 -3.28 18.35
CA VAL A 605 -7.92 -3.24 17.49
C VAL A 605 -6.59 -3.37 18.25
N THR A 606 -6.62 -3.50 19.58
CA THR A 606 -5.38 -3.62 20.35
C THR A 606 -4.71 -4.96 20.08
N ARG A 607 -3.39 -4.92 19.84
CA ARG A 607 -2.56 -6.09 19.62
C ARG A 607 -1.30 -5.98 20.46
N LEU A 608 -0.82 -7.13 20.94
CA LEU A 608 0.37 -7.23 21.77
C LEU A 608 1.33 -8.20 21.07
N VAL A 609 2.60 -7.83 20.94
CA VAL A 609 3.54 -8.58 20.11
C VAL A 609 4.87 -8.72 20.85
N GLU A 610 5.41 -9.94 20.89
CA GLU A 610 6.80 -10.20 21.19
C GLU A 610 7.49 -10.60 19.89
N ARG A 611 8.57 -9.92 19.54
CA ARG A 611 9.15 -10.06 18.21
C ARG A 611 10.66 -10.24 18.26
N ARG A 612 11.16 -11.10 17.36
CA ARG A 612 12.59 -11.19 17.07
C ARG A 612 12.83 -11.03 15.58
N THR A 613 13.75 -10.15 15.21
CA THR A 613 14.26 -10.11 13.86
C THR A 613 15.57 -10.89 13.80
N ALA A 614 16.26 -10.82 12.66
CA ALA A 614 17.57 -11.44 12.57
C ALA A 614 18.59 -10.59 13.32
N GLY A 615 19.61 -11.26 13.87
CA GLY A 615 20.66 -10.60 14.58
C GLY A 615 22.02 -10.93 14.00
N PRO A 616 23.09 -10.54 14.68
CA PRO A 616 24.44 -10.77 14.14
C PRO A 616 24.69 -12.25 13.93
N ASP A 617 25.49 -12.54 12.90
CA ASP A 617 25.84 -13.91 12.52
C ASP A 617 24.60 -14.75 12.19
N ALA A 618 23.54 -14.11 11.69
CA ALA A 618 22.30 -14.79 11.31
C ALA A 618 21.64 -15.48 12.53
N SER A 619 21.84 -14.92 13.71
CA SER A 619 21.15 -15.39 14.90
C SER A 619 19.72 -14.86 14.93
N ALA A 620 18.93 -15.41 15.85
CA ALA A 620 17.70 -14.73 16.24
C ALA A 620 18.06 -13.49 17.06
N GLY A 621 17.50 -12.35 16.68
CA GLY A 621 17.76 -11.13 17.42
C GLY A 621 17.16 -11.16 18.81
N ALA A 622 17.57 -10.19 19.62
CA ALA A 622 17.00 -10.04 20.96
C ALA A 622 15.51 -9.71 20.89
N LYS A 623 14.75 -10.26 21.84
CA LYS A 623 13.30 -10.04 21.93
C LYS A 623 12.99 -8.57 22.12
N THR A 624 11.92 -8.11 21.47
CA THR A 624 11.30 -6.82 21.80
C THR A 624 9.79 -7.03 21.94
N HIS A 625 9.17 -6.11 22.65
CA HIS A 625 7.74 -6.20 22.97
C HIS A 625 7.09 -4.89 22.56
N GLU A 626 5.89 -5.00 21.97
CA GLU A 626 5.18 -3.83 21.47
C GLU A 626 3.69 -4.00 21.70
N ILE A 627 3.01 -2.86 21.83
CA ILE A 627 1.56 -2.80 21.73
C ILE A 627 1.27 -1.96 20.50
N HIS A 628 0.23 -2.32 19.74
CA HIS A 628 -0.11 -1.49 18.59
C HIS A 628 -1.60 -1.56 18.35
N LEU A 629 -2.08 -0.63 17.53
CA LEU A 629 -3.47 -0.59 17.13
C LEU A 629 -3.54 -1.03 15.68
N ASP A 630 -4.32 -2.07 15.41
CA ASP A 630 -4.29 -2.77 14.12
C ASP A 630 -5.31 -2.13 13.17
N TYR A 631 -4.92 -0.98 12.62
CA TYR A 631 -5.63 -0.38 11.50
C TYR A 631 -4.61 0.46 10.76
N ASP A 632 -4.93 0.76 9.50
CA ASP A 632 -3.98 1.48 8.67
C ASP A 632 -3.69 2.84 9.28
N GLY A 633 -2.42 3.11 9.56
CA GLY A 633 -2.03 4.32 10.25
C GLY A 633 -2.05 4.22 11.77
N GLY A 634 -2.32 3.04 12.32
CA GLY A 634 -2.42 2.88 13.75
C GLY A 634 -1.07 3.01 14.43
N PRO A 635 -1.04 3.60 15.62
CA PRO A 635 0.23 3.79 16.34
C PRO A 635 0.73 2.48 16.93
N SER A 636 1.98 2.54 17.39
CA SER A 636 2.60 1.43 18.12
C SER A 636 3.54 2.00 19.16
N ALA A 637 3.84 1.19 20.18
CA ALA A 637 4.71 1.64 21.25
C ALA A 637 5.43 0.43 21.85
N LYS A 638 6.70 0.59 22.14
CA LYS A 638 7.43 -0.42 22.89
C LYS A 638 6.87 -0.56 24.30
N VAL A 639 6.90 -1.79 24.82
CA VAL A 639 6.55 -2.04 26.20
C VAL A 639 7.65 -2.90 26.83
N SER A 640 7.75 -2.83 28.15
CA SER A 640 8.72 -3.63 28.88
C SER A 640 8.30 -5.10 28.90
N PRO A 641 9.25 -6.02 29.12
CA PRO A 641 8.87 -7.44 29.31
C PRO A 641 7.86 -7.63 30.44
N GLU A 642 8.00 -6.85 31.52
CA GLU A 642 7.11 -6.97 32.67
C GLU A 642 5.68 -6.58 32.31
N LEU A 643 5.52 -5.44 31.62
CA LEU A 643 4.18 -5.02 31.21
C LEU A 643 3.62 -5.93 30.11
N TYR A 644 4.48 -6.42 29.21
CA TYR A 644 4.02 -7.41 28.24
C TYR A 644 3.37 -8.59 28.94
N GLU A 645 4.00 -9.11 29.99
CA GLU A 645 3.42 -10.22 30.74
C GLU A 645 2.14 -9.82 31.45
N LEU A 646 2.14 -8.64 32.09
CA LEU A 646 0.92 -8.12 32.72
C LEU A 646 -0.23 -8.03 31.71
N LEU A 647 -0.01 -7.35 30.58
CA LEU A 647 -1.09 -7.13 29.64
C LEU A 647 -1.60 -8.42 29.02
N GLY A 648 -0.75 -9.45 28.94
CA GLY A 648 -1.20 -10.75 28.45
C GLY A 648 -2.28 -11.42 29.31
N ALA A 649 -2.40 -11.01 30.58
CA ALA A 649 -3.40 -11.59 31.49
C ALA A 649 -4.69 -10.79 31.53
N VAL A 650 -4.79 -9.70 30.76
CA VAL A 650 -5.99 -8.87 30.77
C VAL A 650 -7.21 -9.72 30.46
N ASP A 651 -8.23 -9.61 31.29
CA ASP A 651 -9.47 -10.36 31.08
C ASP A 651 -10.69 -9.47 30.98
N GLY A 652 -10.54 -8.16 31.13
CA GLY A 652 -11.66 -7.25 31.04
C GLY A 652 -12.43 -7.06 32.33
N THR A 653 -12.08 -7.77 33.39
CA THR A 653 -12.83 -7.65 34.64
C THR A 653 -11.91 -7.39 35.82
N THR A 654 -10.68 -7.92 35.77
CA THR A 654 -9.72 -7.77 36.86
C THR A 654 -9.05 -6.40 36.83
N THR A 655 -8.90 -5.78 38.01
CA THR A 655 -8.25 -4.48 38.09
C THR A 655 -6.76 -4.58 37.80
N LEU A 656 -6.20 -3.43 37.42
CA LEU A 656 -4.78 -3.34 37.14
C LEU A 656 -3.94 -3.75 38.34
N GLY A 657 -4.37 -3.36 39.54
CA GLY A 657 -3.65 -3.73 40.75
C GLY A 657 -3.59 -5.24 40.95
N ASP A 658 -4.71 -5.93 40.74
CA ASP A 658 -4.72 -7.38 40.92
C ASP A 658 -3.94 -8.07 39.80
N LEU A 659 -4.09 -7.59 38.56
CA LEU A 659 -3.28 -8.14 37.46
C LEU A 659 -1.79 -8.03 37.76
N ALA A 660 -1.35 -6.89 38.29
CA ALA A 660 0.07 -6.67 38.51
C ALA A 660 0.66 -7.61 39.56
N LYS A 661 -0.18 -8.26 40.37
CA LYS A 661 0.32 -9.21 41.36
C LYS A 661 1.16 -10.32 40.73
N THR A 662 0.81 -10.74 39.51
CA THR A 662 1.53 -11.80 38.84
C THR A 662 2.95 -11.38 38.45
N VAL A 663 3.22 -10.09 38.32
CA VAL A 663 4.58 -9.62 38.07
C VAL A 663 5.15 -8.92 39.30
N GLY A 664 4.62 -9.24 40.48
CA GLY A 664 5.17 -8.71 41.71
C GLY A 664 4.63 -7.38 42.13
N GLY A 665 3.44 -7.00 41.69
CA GLY A 665 2.82 -5.81 42.23
C GLY A 665 2.98 -4.60 41.33
N LEU A 666 1.96 -3.73 41.36
CA LEU A 666 1.99 -2.50 40.59
C LEU A 666 3.04 -1.57 41.15
N SER A 667 4.29 -1.71 40.71
CA SER A 667 5.31 -0.76 41.08
C SER A 667 4.99 0.61 40.51
N ASP A 668 5.79 1.59 40.93
CA ASP A 668 5.70 2.93 40.35
C ASP A 668 6.09 2.92 38.88
N ALA A 669 7.10 2.12 38.52
CA ALA A 669 7.51 2.06 37.13
C ALA A 669 6.41 1.50 36.25
N LEU A 670 5.73 0.44 36.70
CA LEU A 670 4.68 -0.15 35.89
C LEU A 670 3.48 0.80 35.77
N ALA A 671 3.11 1.45 36.87
CA ALA A 671 1.98 2.37 36.81
C ALA A 671 2.29 3.53 35.88
N THR A 672 3.52 4.03 35.90
CA THR A 672 3.90 5.10 34.99
C THR A 672 3.91 4.62 33.55
N GLU A 673 4.41 3.40 33.32
CA GLU A 673 4.41 2.86 31.95
C GLU A 673 2.98 2.70 31.45
N VAL A 674 2.09 2.17 32.31
CA VAL A 674 0.69 2.00 31.93
C VAL A 674 0.06 3.36 31.64
N PHE A 675 0.38 4.36 32.46
CA PHE A 675 -0.17 5.70 32.24
C PHE A 675 0.14 6.22 30.85
N ALA A 676 1.39 6.04 30.39
CA ALA A 676 1.75 6.52 29.06
C ALA A 676 1.01 5.78 27.95
N LEU A 677 0.72 4.49 28.14
CA LEU A 677 -0.07 3.78 27.13
C LEU A 677 -1.55 4.21 27.16
N TRP A 678 -2.06 4.51 28.35
CA TRP A 678 -3.39 5.07 28.49
C TRP A 678 -3.52 6.39 27.77
N GLU A 679 -2.52 7.25 27.94
CA GLU A 679 -2.51 8.55 27.30
C GLU A 679 -2.54 8.42 25.77
N GLN A 680 -1.89 7.41 25.22
CA GLN A 680 -1.92 7.17 23.77
C GLN A 680 -3.09 6.29 23.36
N ARG A 681 -3.93 5.89 24.31
CA ARG A 681 -5.18 5.17 24.05
C ARG A 681 -4.95 3.76 23.48
N PHE A 682 -3.85 3.10 23.84
CA PHE A 682 -3.63 1.74 23.33
C PHE A 682 -4.58 0.74 23.95
N LEU A 683 -5.11 1.06 25.12
CA LEU A 683 -6.07 0.20 25.78
C LEU A 683 -7.02 1.09 26.55
N THR A 684 -8.10 0.48 27.00
CA THR A 684 -9.12 1.20 27.76
C THR A 684 -8.85 0.95 29.24
N LEU A 685 -8.82 2.01 30.02
CA LEU A 685 -8.63 1.93 31.47
C LEU A 685 -9.74 2.74 32.12
N ALA A 686 -10.60 2.09 32.87
CA ALA A 686 -11.71 2.78 33.52
C ALA A 686 -12.13 1.94 34.71
N PRO A 687 -12.85 2.53 35.67
CA PRO A 687 -13.29 1.75 36.83
C PRO A 687 -14.17 0.58 36.39
N ALA A 688 -14.30 -0.40 37.28
CA ALA A 688 -15.16 -1.54 37.03
C ALA A 688 -16.56 -1.09 36.67
N GLY A 689 -17.17 -1.80 35.72
CA GLY A 689 -18.52 -1.48 35.31
C GLY A 689 -18.57 -0.37 34.27
N ASP A 690 -19.75 0.21 34.15
CA ASP A 690 -19.94 1.33 33.24
C ASP A 690 -21.15 2.14 33.72
N ILE A 691 -21.47 3.19 32.95
CA ILE A 691 -22.55 4.10 33.33
C ILE A 691 -23.92 3.50 33.08
N GLY A 692 -24.03 2.45 32.26
CA GLY A 692 -25.32 1.89 31.90
C GLY A 692 -25.95 2.61 30.73
N PRO A 693 -27.09 2.11 30.26
CA PRO A 693 -27.80 2.80 29.16
C PRO A 693 -28.14 4.23 29.53
N LEU A 694 -28.04 5.12 28.55
CA LEU A 694 -28.29 6.53 28.80
C LEU A 694 -29.78 6.82 28.82
N MET B 21 37.72 -1.12 -20.86
CA MET B 21 36.45 -0.66 -20.30
C MET B 21 35.68 -1.74 -19.51
N LEU B 22 35.69 -1.63 -18.19
CA LEU B 22 34.95 -2.51 -17.29
C LEU B 22 33.81 -1.71 -16.67
N VAL B 23 32.58 -2.11 -16.96
CA VAL B 23 31.41 -1.29 -16.65
C VAL B 23 30.37 -2.14 -15.92
N LEU B 24 29.93 -1.67 -14.76
CA LEU B 24 28.89 -2.32 -13.99
C LEU B 24 27.51 -1.77 -14.37
N GLY B 25 26.56 -2.66 -14.65
CA GLY B 25 25.18 -2.28 -14.86
C GLY B 25 24.32 -2.64 -13.66
N LEU B 26 23.52 -1.68 -13.19
CA LEU B 26 22.70 -1.84 -12.00
C LEU B 26 21.22 -1.64 -12.32
N ASN B 27 20.37 -2.43 -11.66
CA ASN B 27 18.93 -2.18 -11.68
C ASN B 27 18.34 -2.65 -10.36
N GLY B 28 17.22 -2.06 -9.98
CA GLY B 28 16.55 -2.40 -8.74
C GLY B 28 16.44 -1.19 -7.82
N ASN B 29 15.87 -1.45 -6.64
CA ASN B 29 15.74 -0.41 -5.63
C ASN B 29 16.98 -0.46 -4.73
N PHE B 30 16.92 0.22 -3.58
CA PHE B 30 18.12 0.53 -2.80
C PHE B 30 18.07 -0.02 -1.37
N SER B 31 17.17 -0.95 -1.09
CA SER B 31 17.00 -1.46 0.27
C SER B 31 18.18 -2.33 0.70
N ALA B 32 18.49 -2.26 2.00
CA ALA B 32 19.42 -3.17 2.65
C ALA B 32 18.84 -4.58 2.71
N ALA B 33 19.64 -5.51 3.22
CA ALA B 33 19.20 -6.90 3.32
C ALA B 33 18.03 -7.07 4.28
N ASP B 34 18.06 -6.40 5.43
CA ASP B 34 17.12 -6.70 6.50
C ASP B 34 15.94 -5.75 6.58
N THR B 35 15.99 -4.60 5.92
CA THR B 35 14.91 -3.63 5.92
C THR B 35 14.72 -3.11 4.51
N ASP B 36 13.62 -2.39 4.29
CA ASP B 36 13.37 -1.76 2.99
C ASP B 36 13.43 -0.25 3.14
N VAL B 37 13.63 0.45 2.01
CA VAL B 37 13.83 1.90 2.09
C VAL B 37 12.62 2.58 2.73
N VAL B 38 11.42 2.05 2.51
CA VAL B 38 10.26 2.37 3.34
C VAL B 38 9.65 1.05 3.77
N PRO B 39 9.01 0.99 4.94
CA PRO B 39 8.45 -0.29 5.42
C PRO B 39 7.48 -0.87 4.42
N GLN B 40 7.65 -2.16 4.14
CA GLN B 40 6.75 -2.91 3.26
C GLN B 40 6.74 -2.34 1.84
N LEU B 41 7.86 -1.73 1.41
CA LEU B 41 8.01 -1.24 0.04
C LEU B 41 7.42 -2.21 -0.98
N GLY B 42 6.51 -1.69 -1.81
CA GLY B 42 5.76 -2.56 -2.71
C GLY B 42 6.67 -3.36 -3.63
N GLU B 43 6.28 -4.61 -3.89
CA GLU B 43 7.08 -5.52 -4.70
C GLU B 43 7.27 -5.05 -6.14
N VAL B 44 6.49 -4.07 -6.61
CA VAL B 44 6.65 -3.58 -7.98
C VAL B 44 7.56 -2.36 -8.07
N PHE B 45 8.14 -1.89 -6.95
CA PHE B 45 8.94 -0.67 -6.95
C PHE B 45 10.39 -1.02 -7.25
N PHE B 46 10.68 -1.16 -8.54
CA PHE B 46 12.03 -1.39 -9.05
C PHE B 46 12.52 -2.77 -8.64
N HIS B 47 11.94 -3.77 -9.29
CA HIS B 47 12.04 -5.19 -8.99
C HIS B 47 13.10 -5.85 -9.87
N ASP B 48 13.35 -7.14 -9.61
CA ASP B 48 14.30 -7.95 -10.37
C ASP B 48 15.71 -7.36 -10.33
N SER B 49 16.09 -6.85 -9.16
CA SER B 49 17.40 -6.26 -8.96
C SER B 49 18.48 -7.22 -9.44
N ALA B 50 19.52 -6.66 -10.03
CA ALA B 50 20.54 -7.50 -10.63
C ALA B 50 21.78 -6.66 -10.85
N ALA B 51 22.90 -7.35 -11.05
CA ALA B 51 24.14 -6.70 -11.43
C ALA B 51 24.73 -7.43 -12.63
N SER B 52 25.24 -6.65 -13.57
CA SER B 52 25.89 -7.15 -14.77
C SER B 52 27.26 -6.49 -14.90
N LEU B 53 28.20 -7.23 -15.46
CA LEU B 53 29.55 -6.70 -15.67
C LEU B 53 29.94 -6.92 -17.13
N ILE B 54 30.30 -5.83 -17.80
N ILE B 54 30.28 -5.84 -17.83
CA ILE B 54 30.80 -5.85 -19.18
CA ILE B 54 30.80 -5.94 -19.19
C ILE B 54 32.29 -5.54 -19.15
C ILE B 54 32.26 -5.52 -19.19
N ARG B 55 33.06 -6.25 -19.96
CA ARG B 55 34.46 -5.91 -20.15
C ARG B 55 34.79 -5.96 -21.63
N ASP B 56 35.36 -4.86 -22.14
CA ASP B 56 35.73 -4.76 -23.54
C ASP B 56 34.59 -5.22 -24.43
N GLY B 57 33.37 -4.81 -24.06
CA GLY B 57 32.17 -5.03 -24.83
C GLY B 57 31.48 -6.35 -24.62
N GLU B 58 32.05 -7.27 -23.85
CA GLU B 58 31.46 -8.60 -23.65
C GLU B 58 30.82 -8.69 -22.27
N LEU B 59 29.69 -9.39 -22.19
CA LEU B 59 29.05 -9.67 -20.90
C LEU B 59 29.83 -10.76 -20.19
N VAL B 60 30.62 -10.38 -19.20
CA VAL B 60 31.46 -11.38 -18.54
C VAL B 60 30.81 -11.97 -17.28
N ALA B 61 29.83 -11.28 -16.69
CA ALA B 61 29.15 -11.80 -15.52
C ALA B 61 27.81 -11.07 -15.35
N ALA B 62 26.83 -11.81 -14.85
CA ALA B 62 25.49 -11.27 -14.60
C ALA B 62 24.77 -12.24 -13.68
N VAL B 63 24.11 -11.72 -12.65
CA VAL B 63 23.31 -12.54 -11.76
C VAL B 63 22.23 -11.66 -11.13
N GLU B 64 21.03 -12.21 -10.99
CA GLU B 64 19.95 -11.52 -10.32
C GLU B 64 20.08 -11.66 -8.80
N GLU B 65 19.83 -10.56 -8.08
CA GLU B 65 19.94 -10.58 -6.62
C GLU B 65 19.02 -11.63 -6.01
N GLU B 66 17.88 -11.93 -6.64
CA GLU B 66 16.97 -12.96 -6.12
C GLU B 66 17.68 -14.29 -5.90
N ARG B 67 18.69 -14.61 -6.72
CA ARG B 67 19.41 -15.86 -6.57
C ARG B 67 20.25 -15.88 -5.30
N LEU B 68 20.62 -14.71 -4.80
CA LEU B 68 21.51 -14.60 -3.66
C LEU B 68 20.77 -14.26 -2.37
N ASN B 69 19.73 -13.43 -2.41
CA ASN B 69 18.96 -13.23 -1.19
C ASN B 69 17.72 -14.13 -1.12
N ARG B 70 17.46 -14.92 -2.17
CA ARG B 70 16.43 -15.96 -2.17
C ARG B 70 15.01 -15.39 -2.15
N ILE B 71 14.86 -14.12 -2.52
CA ILE B 71 13.54 -13.48 -2.61
C ILE B 71 13.21 -13.32 -4.08
N LYS B 72 12.17 -14.02 -4.56
CA LYS B 72 11.81 -13.94 -5.97
C LYS B 72 11.61 -12.50 -6.42
N LYS B 73 12.26 -12.13 -7.53
CA LYS B 73 12.08 -10.83 -8.19
C LYS B 73 12.34 -9.67 -7.25
N THR B 74 13.27 -9.86 -6.31
CA THR B 74 13.49 -8.92 -5.22
C THR B 74 13.72 -7.48 -5.73
N THR B 75 13.31 -6.51 -4.89
CA THR B 75 13.58 -5.09 -5.10
C THR B 75 14.82 -4.62 -4.37
N LYS B 76 15.41 -5.45 -3.51
CA LYS B 76 16.50 -5.00 -2.66
C LYS B 76 17.72 -4.65 -3.50
N PHE B 77 18.59 -3.81 -2.97
CA PHE B 77 19.78 -3.40 -3.69
C PHE B 77 20.65 -4.62 -4.00
N PRO B 78 21.12 -4.77 -5.24
CA PRO B 78 21.85 -5.99 -5.65
C PRO B 78 23.32 -6.01 -5.23
N LEU B 79 23.56 -5.80 -3.94
CA LEU B 79 24.94 -5.71 -3.43
C LEU B 79 25.68 -7.03 -3.59
N ASN B 80 25.02 -8.15 -3.24
CA ASN B 80 25.64 -9.47 -3.40
C ASN B 80 25.90 -9.76 -4.87
N ALA B 81 24.98 -9.36 -5.75
CA ALA B 81 25.19 -9.55 -7.18
C ALA B 81 26.43 -8.82 -7.65
N VAL B 82 26.62 -7.57 -7.20
CA VAL B 82 27.82 -6.82 -7.56
C VAL B 82 29.06 -7.56 -7.07
N ARG B 83 29.07 -7.95 -5.80
CA ARG B 83 30.21 -8.67 -5.24
C ARG B 83 30.55 -9.91 -6.08
N GLU B 84 29.54 -10.71 -6.41
CA GLU B 84 29.77 -11.94 -7.18
C GLU B 84 30.30 -11.62 -8.56
N CYS B 85 29.78 -10.56 -9.19
CA CYS B 85 30.23 -10.19 -10.53
C CYS B 85 31.69 -9.77 -10.51
N LEU B 86 32.09 -8.97 -9.52
CA LEU B 86 33.48 -8.55 -9.43
C LEU B 86 34.41 -9.75 -9.26
N ALA B 87 33.98 -10.73 -8.46
CA ALA B 87 34.80 -11.93 -8.24
C ALA B 87 34.93 -12.76 -9.52
N LEU B 88 33.84 -12.90 -10.29
CA LEU B 88 33.94 -13.62 -11.55
C LEU B 88 34.85 -12.92 -12.55
N ALA B 89 34.96 -11.59 -12.47
CA ALA B 89 35.81 -10.85 -13.39
C ALA B 89 37.23 -10.68 -12.88
N GLY B 90 37.52 -11.11 -11.66
CA GLY B 90 38.83 -10.90 -11.06
C GLY B 90 39.14 -9.44 -10.84
N ALA B 91 38.14 -8.63 -10.47
CA ALA B 91 38.30 -7.19 -10.40
C ALA B 91 38.13 -6.71 -8.97
N ARG B 92 38.92 -5.69 -8.59
CA ARG B 92 38.56 -4.94 -7.41
C ARG B 92 37.38 -4.04 -7.77
N PRO B 93 36.62 -3.57 -6.78
CA PRO B 93 35.62 -2.53 -7.09
C PRO B 93 36.24 -1.34 -7.79
N GLU B 94 37.44 -0.94 -7.37
CA GLU B 94 38.12 0.23 -7.91
C GLU B 94 38.57 0.04 -9.35
N ASP B 95 38.55 -1.20 -9.85
CA ASP B 95 38.83 -1.45 -11.27
C ASP B 95 37.70 -1.01 -12.18
N VAL B 96 36.49 -0.80 -11.64
CA VAL B 96 35.33 -0.54 -12.50
C VAL B 96 35.45 0.87 -13.07
N ASP B 97 35.31 0.98 -14.40
CA ASP B 97 35.49 2.27 -15.06
C ASP B 97 34.23 3.14 -14.99
N ALA B 98 33.05 2.54 -14.99
CA ALA B 98 31.80 3.29 -14.93
C ALA B 98 30.70 2.39 -14.41
N VAL B 99 29.65 3.02 -13.87
CA VAL B 99 28.45 2.34 -13.40
C VAL B 99 27.25 2.97 -14.09
N GLY B 100 26.42 2.14 -14.72
CA GLY B 100 25.17 2.60 -15.34
C GLY B 100 23.97 2.10 -14.56
N TYR B 101 23.00 2.99 -14.33
CA TYR B 101 21.75 2.65 -13.66
C TYR B 101 20.60 2.78 -14.66
N TYR B 102 19.72 1.77 -14.68
CA TYR B 102 18.71 1.59 -15.74
C TYR B 102 17.52 2.54 -15.76
N PHE B 103 17.59 3.68 -15.08
CA PHE B 103 16.56 4.72 -15.17
C PHE B 103 17.24 6.07 -15.09
N PRO B 104 16.64 7.13 -15.67
CA PRO B 104 17.19 8.48 -15.47
C PRO B 104 17.08 8.90 -14.00
N GLU B 105 18.07 9.69 -13.58
CA GLU B 105 18.20 10.07 -12.17
C GLU B 105 16.97 10.81 -11.67
N ASN B 106 16.46 11.75 -12.45
CA ASN B 106 15.29 12.52 -12.02
C ASN B 106 14.09 11.61 -11.79
N HIS B 107 13.95 10.54 -12.59
CA HIS B 107 12.75 9.72 -12.46
C HIS B 107 12.79 8.88 -11.19
N ILE B 108 13.85 8.07 -11.01
CA ILE B 108 13.95 7.28 -9.79
C ILE B 108 13.92 8.19 -8.56
N ASP B 109 14.55 9.36 -8.65
CA ASP B 109 14.58 10.24 -7.47
C ASP B 109 13.21 10.83 -7.17
N THR B 110 12.40 11.08 -8.21
CA THR B 110 11.03 11.56 -8.00
C THR B 110 10.16 10.48 -7.37
N VAL B 111 10.36 9.22 -7.77
CA VAL B 111 9.61 8.14 -7.15
C VAL B 111 10.04 7.95 -5.69
N LEU B 112 11.35 7.98 -5.42
CA LEU B 112 11.81 7.94 -4.04
C LEU B 112 11.21 9.08 -3.22
N ASN B 113 11.24 10.29 -3.77
CA ASN B 113 10.68 11.45 -3.10
C ASN B 113 9.20 11.21 -2.77
N HIS B 114 8.45 10.64 -3.71
CA HIS B 114 7.04 10.34 -3.44
C HIS B 114 6.90 9.35 -2.30
N LEU B 115 7.72 8.29 -2.30
CA LEU B 115 7.71 7.35 -1.18
C LEU B 115 8.03 8.07 0.13
N TYR B 116 8.96 9.03 0.08
CA TYR B 116 9.33 9.75 1.30
C TYR B 116 8.23 10.69 1.77
N THR B 117 7.39 11.21 0.86
CA THR B 117 6.22 11.97 1.34
C THR B 117 5.21 11.06 2.02
N GLU B 118 5.12 9.79 1.61
CA GLU B 118 4.18 8.89 2.25
C GLU B 118 4.68 8.33 3.57
N TYR B 119 5.98 8.36 3.80
CA TYR B 119 6.59 7.82 5.03
C TYR B 119 7.51 8.90 5.57
N PRO B 120 6.96 9.85 6.34
CA PRO B 120 7.76 11.02 6.73
C PRO B 120 8.90 10.70 7.68
N ARG B 121 8.98 9.47 8.22
CA ARG B 121 10.11 9.10 9.06
C ARG B 121 11.34 8.73 8.22
N ALA B 122 11.17 8.46 6.94
CA ALA B 122 12.30 8.04 6.12
C ALA B 122 13.22 9.22 5.82
N PRO B 123 14.53 9.10 6.06
CA PRO B 123 15.44 10.20 5.70
C PRO B 123 15.47 10.43 4.20
N LEU B 124 15.75 11.67 3.81
CA LEU B 124 15.73 12.08 2.39
C LEU B 124 17.05 11.69 1.72
N ARG B 125 17.13 10.43 1.31
CA ARG B 125 18.29 9.89 0.59
C ARG B 125 17.86 9.48 -0.81
N TYR B 126 18.44 10.12 -1.81
CA TYR B 126 18.09 9.86 -3.20
C TYR B 126 19.09 8.87 -3.81
N SER B 127 18.88 8.53 -5.08
CA SER B 127 19.48 7.32 -5.63
C SER B 127 21.01 7.39 -5.63
N ARG B 128 21.56 8.54 -6.03
CA ARG B 128 23.01 8.68 -6.12
C ARG B 128 23.68 8.48 -4.77
N GLU B 129 23.12 9.11 -3.73
CA GLU B 129 23.66 8.93 -2.38
C GLU B 129 23.45 7.50 -1.90
N LEU B 130 22.31 6.89 -2.24
CA LEU B 130 22.06 5.52 -1.80
C LEU B 130 22.98 4.53 -2.51
N ILE B 131 23.16 4.69 -3.82
CA ILE B 131 24.08 3.81 -4.54
C ILE B 131 25.47 3.92 -3.93
N ARG B 132 25.92 5.15 -3.69
CA ARG B 132 27.25 5.32 -3.14
C ARG B 132 27.34 4.76 -1.73
N GLN B 133 26.30 4.95 -0.91
CA GLN B 133 26.33 4.38 0.44
C GLN B 133 26.40 2.86 0.41
N ARG B 134 25.59 2.22 -0.43
CA ARG B 134 25.57 0.76 -0.48
C ARG B 134 26.92 0.20 -0.91
N LEU B 135 27.53 0.78 -1.94
CA LEU B 135 28.83 0.29 -2.41
C LEU B 135 29.92 0.57 -1.40
N LYS B 136 29.90 1.74 -0.77
CA LYS B 136 30.92 2.07 0.21
C LYS B 136 30.83 1.16 1.43
N GLU B 137 29.63 0.98 1.98
CA GLU B 137 29.49 0.15 3.17
C GLU B 137 29.59 -1.34 2.85
N GLY B 138 29.10 -1.76 1.68
CA GLY B 138 29.05 -3.17 1.36
C GLY B 138 30.33 -3.70 0.79
N LEU B 139 31.10 -2.83 0.11
CA LEU B 139 32.30 -3.26 -0.60
C LEU B 139 33.54 -2.40 -0.36
N GLY B 140 33.48 -1.43 0.55
CA GLY B 140 34.62 -0.55 0.72
C GLY B 140 34.89 0.37 -0.45
N TRP B 141 33.95 0.46 -1.39
CA TRP B 141 34.13 1.12 -2.68
C TRP B 141 33.63 2.56 -2.62
N ASP B 142 34.53 3.52 -2.79
CA ASP B 142 34.19 4.94 -2.94
C ASP B 142 33.93 5.21 -4.41
N LEU B 143 32.66 5.27 -4.79
CA LEU B 143 32.32 5.49 -6.19
C LEU B 143 32.39 6.97 -6.51
N PRO B 144 33.31 7.41 -7.36
CA PRO B 144 33.32 8.84 -7.73
C PRO B 144 32.09 9.21 -8.55
N ASP B 145 31.55 10.40 -8.28
CA ASP B 145 30.31 10.82 -8.91
C ASP B 145 30.38 10.72 -10.43
N GLU B 146 31.53 11.06 -11.02
CA GLU B 146 31.63 11.10 -12.47
C GLU B 146 31.59 9.73 -13.10
N LYS B 147 31.65 8.64 -12.30
CA LYS B 147 31.58 7.29 -12.86
C LYS B 147 30.16 6.74 -12.89
N LEU B 148 29.19 7.42 -12.30
CA LEU B 148 27.81 6.94 -12.24
C LEU B 148 26.99 7.61 -13.34
N VAL B 149 26.42 6.80 -14.23
CA VAL B 149 25.66 7.27 -15.38
C VAL B 149 24.24 6.70 -15.31
N TYR B 150 23.24 7.56 -15.39
CA TYR B 150 21.85 7.15 -15.41
C TYR B 150 21.36 7.10 -16.85
N VAL B 151 20.49 6.15 -17.15
CA VAL B 151 20.20 5.76 -18.53
C VAL B 151 18.69 5.74 -18.79
N PRO B 152 18.20 6.26 -19.92
CA PRO B 152 16.79 6.06 -20.27
C PRO B 152 16.43 4.58 -20.27
N HIS B 153 15.26 4.27 -19.73
CA HIS B 153 14.98 2.88 -19.40
C HIS B 153 14.82 2.01 -20.65
N HIS B 154 14.10 2.49 -21.65
CA HIS B 154 13.93 1.66 -22.83
C HIS B 154 15.18 1.61 -23.69
N GLU B 155 16.04 2.63 -23.57
CA GLU B 155 17.34 2.57 -24.20
C GLU B 155 18.19 1.44 -23.61
N ALA B 156 18.17 1.29 -22.29
CA ALA B 156 18.89 0.19 -21.66
C ALA B 156 18.36 -1.16 -22.15
N HIS B 157 17.03 -1.32 -22.18
CA HIS B 157 16.45 -2.54 -22.75
C HIS B 157 16.94 -2.78 -24.18
N ALA B 158 16.99 -1.72 -24.98
CA ALA B 158 17.26 -1.90 -26.41
C ALA B 158 18.71 -2.29 -26.64
N TYR B 159 19.63 -1.70 -25.89
CA TYR B 159 21.03 -2.06 -26.03
C TYR B 159 21.23 -3.54 -25.70
N SER B 160 20.67 -3.99 -24.58
CA SER B 160 20.78 -5.40 -24.17
C SER B 160 20.23 -6.34 -25.24
N SER B 161 19.02 -6.08 -25.72
CA SER B 161 18.38 -6.98 -26.68
C SER B 161 19.15 -6.98 -28.00
N TYR B 162 19.52 -5.80 -28.49
CA TYR B 162 20.13 -5.72 -29.81
C TYR B 162 21.60 -6.13 -29.81
N LEU B 163 22.38 -5.69 -28.82
CA LEU B 163 23.82 -5.90 -28.88
C LEU B 163 24.21 -7.37 -28.73
N HIS B 164 23.32 -8.20 -28.20
CA HIS B 164 23.60 -9.62 -28.09
C HIS B 164 23.01 -10.41 -29.25
N SER B 165 22.37 -9.75 -30.20
CA SER B 165 21.63 -10.47 -31.25
C SER B 165 22.54 -11.02 -32.35
N GLY B 166 23.79 -10.56 -32.43
CA GLY B 166 24.63 -10.85 -33.58
C GLY B 166 24.24 -10.15 -34.87
N MET B 167 23.22 -9.30 -34.87
CA MET B 167 22.81 -8.62 -36.09
C MET B 167 23.58 -7.32 -36.28
N ASP B 168 23.76 -6.94 -37.54
CA ASP B 168 24.42 -5.68 -37.88
C ASP B 168 23.43 -4.52 -37.90
N SER B 169 22.15 -4.82 -38.01
CA SER B 169 21.12 -3.79 -37.95
C SER B 169 19.80 -4.49 -37.69
N ALA B 170 18.84 -3.77 -37.09
CA ALA B 170 17.58 -4.42 -36.76
C ALA B 170 16.55 -3.39 -36.36
N LEU B 171 15.28 -3.72 -36.57
CA LEU B 171 14.20 -3.06 -35.86
C LEU B 171 14.20 -3.57 -34.42
N VAL B 172 14.10 -2.67 -33.45
CA VAL B 172 14.13 -3.05 -32.02
C VAL B 172 12.83 -2.56 -31.38
N LEU B 173 12.07 -3.50 -30.78
CA LEU B 173 10.85 -3.17 -30.06
C LEU B 173 11.02 -3.45 -28.58
N VAL B 174 10.68 -2.47 -27.74
CA VAL B 174 10.73 -2.63 -26.29
C VAL B 174 9.32 -2.43 -25.76
N LEU B 175 8.77 -3.44 -25.11
CA LEU B 175 7.45 -3.32 -24.47
C LEU B 175 7.55 -3.81 -23.04
N ASP B 176 7.12 -2.99 -22.09
CA ASP B 176 7.10 -3.45 -20.70
C ASP B 176 5.93 -2.79 -19.98
N GLY B 177 6.00 -2.74 -18.65
CA GLY B 177 5.04 -1.99 -17.85
C GLY B 177 5.24 -0.51 -18.12
N ARG B 178 6.42 0.00 -17.78
CA ARG B 178 6.74 1.39 -18.12
C ARG B 178 8.22 1.63 -17.94
N GLY B 179 8.76 2.50 -18.78
CA GLY B 179 9.98 3.21 -18.49
C GLY B 179 9.63 4.55 -17.86
N GLU B 180 10.57 5.50 -17.92
CA GLU B 180 10.34 6.79 -17.26
C GLU B 180 9.18 7.54 -17.92
N LEU B 181 9.03 7.41 -19.24
CA LEU B 181 8.04 8.18 -19.98
C LEU B 181 7.15 7.33 -20.88
N HIS B 182 7.50 6.08 -21.15
CA HIS B 182 6.79 5.31 -22.17
C HIS B 182 6.57 3.88 -21.68
N SER B 183 5.52 3.24 -22.24
CA SER B 183 5.34 1.81 -22.05
C SER B 183 5.87 0.99 -23.21
N GLY B 184 6.20 1.63 -24.33
CA GLY B 184 6.73 0.94 -25.49
C GLY B 184 7.59 1.87 -26.30
N THR B 185 8.66 1.36 -26.91
CA THR B 185 9.52 2.18 -27.75
C THR B 185 9.96 1.34 -28.94
N VAL B 186 10.07 1.98 -30.10
CA VAL B 186 10.56 1.36 -31.33
C VAL B 186 11.83 2.09 -31.74
N TYR B 187 12.90 1.32 -31.99
CA TYR B 187 14.19 1.86 -32.44
C TYR B 187 14.59 1.26 -33.79
N ARG B 188 15.46 1.97 -34.50
CA ARG B 188 16.29 1.37 -35.54
C ARG B 188 17.70 1.25 -34.98
N ALA B 189 18.25 0.03 -35.03
CA ALA B 189 19.61 -0.22 -34.57
C ALA B 189 20.49 -0.51 -35.77
N GLU B 190 21.70 0.04 -35.75
CA GLU B 190 22.69 -0.18 -36.80
C GLU B 190 24.06 0.00 -36.18
N GLY B 191 24.92 -1.00 -36.33
CA GLY B 191 26.21 -0.92 -35.68
C GLY B 191 26.00 -0.89 -34.18
N THR B 192 26.44 0.21 -33.55
CA THR B 192 26.23 0.43 -32.13
C THR B 192 25.33 1.64 -31.87
N ARG B 193 24.56 2.08 -32.84
CA ARG B 193 23.73 3.27 -32.67
C ARG B 193 22.25 2.89 -32.66
N LEU B 194 21.52 3.51 -31.75
CA LEU B 194 20.07 3.37 -31.67
C LEU B 194 19.44 4.67 -32.14
N GLU B 195 18.44 4.56 -33.00
CA GLU B 195 17.64 5.70 -33.43
C GLU B 195 16.18 5.42 -33.08
N LYS B 196 15.58 6.29 -32.27
CA LYS B 196 14.20 6.09 -31.85
C LYS B 196 13.23 6.46 -32.97
N LEU B 197 12.32 5.54 -33.29
CA LEU B 197 11.33 5.77 -34.33
C LEU B 197 9.96 6.14 -33.78
N ALA B 198 9.59 5.63 -32.60
CA ALA B 198 8.25 5.81 -32.08
C ALA B 198 8.23 5.44 -30.62
N ASP B 199 7.18 5.87 -29.94
CA ASP B 199 6.95 5.41 -28.58
C ASP B 199 5.45 5.39 -28.31
N TYR B 200 5.10 4.78 -27.19
CA TYR B 200 3.73 4.63 -26.73
C TYR B 200 3.67 5.05 -25.26
N PRO B 201 2.67 5.83 -24.86
CA PRO B 201 2.67 6.42 -23.52
C PRO B 201 2.38 5.39 -22.43
N VAL B 202 2.66 5.78 -21.20
CA VAL B 202 2.51 4.85 -20.07
C VAL B 202 1.10 4.27 -19.98
N PRO B 203 0.02 5.05 -20.10
CA PRO B 203 -1.31 4.44 -19.93
C PRO B 203 -1.68 3.41 -20.99
N LYS B 204 -0.96 3.31 -22.11
CA LYS B 204 -1.23 2.26 -23.10
C LYS B 204 -0.44 1.00 -22.81
N SER B 205 0.09 0.86 -21.60
CA SER B 205 1.01 -0.23 -21.29
C SER B 205 0.34 -1.57 -21.48
N LEU B 206 1.00 -2.44 -22.27
CA LEU B 206 0.54 -3.80 -22.42
C LEU B 206 1.01 -4.68 -21.28
N GLY B 207 2.17 -4.37 -20.70
CA GLY B 207 2.54 -5.00 -19.44
C GLY B 207 1.58 -4.66 -18.32
N GLY B 208 1.17 -3.40 -18.23
CA GLY B 208 0.16 -3.02 -17.25
C GLY B 208 -1.17 -3.69 -17.50
N LEU B 209 -1.60 -3.75 -18.76
CA LEU B 209 -2.85 -4.45 -19.08
C LEU B 209 -2.80 -5.91 -18.65
N TYR B 210 -1.68 -6.58 -18.94
CA TYR B 210 -1.58 -8.00 -18.62
C TYR B 210 -1.54 -8.23 -17.11
N LEU B 211 -0.77 -7.41 -16.39
CA LEU B 211 -0.75 -7.52 -14.93
C LEU B 211 -2.11 -7.19 -14.35
N ASN B 212 -2.77 -6.13 -14.84
CA ASN B 212 -4.12 -5.80 -14.38
C ASN B 212 -5.04 -7.01 -14.48
N ALA B 213 -4.99 -7.71 -15.61
CA ALA B 213 -5.88 -8.86 -15.85
C ALA B 213 -5.46 -10.05 -15.00
N THR B 214 -4.17 -10.23 -14.78
CA THR B 214 -3.66 -11.33 -13.98
C THR B 214 -4.30 -11.35 -12.58
N TYR B 215 -4.56 -10.17 -12.01
CA TYR B 215 -5.16 -10.12 -10.68
C TYR B 215 -6.53 -10.78 -10.63
N LEU B 216 -7.32 -10.69 -11.72
CA LEU B 216 -8.64 -11.30 -11.76
C LEU B 216 -8.59 -12.82 -11.69
N LEU B 217 -7.43 -13.43 -11.93
CA LEU B 217 -7.27 -14.88 -11.88
C LEU B 217 -6.71 -15.34 -10.55
N GLY B 218 -6.76 -14.49 -9.53
CA GLY B 218 -6.22 -14.83 -8.22
C GLY B 218 -4.72 -14.84 -8.17
N TYR B 219 -4.07 -14.32 -9.18
CA TYR B 219 -2.62 -14.27 -9.29
C TYR B 219 -2.16 -12.83 -9.09
N GLY B 220 -0.85 -12.63 -9.16
CA GLY B 220 -0.31 -11.30 -8.97
C GLY B 220 0.99 -11.11 -9.71
N PHE B 221 1.76 -10.08 -9.33
CA PHE B 221 2.99 -9.77 -10.03
C PHE B 221 3.92 -10.98 -10.04
N GLY B 222 4.47 -11.28 -11.21
CA GLY B 222 5.30 -12.46 -11.38
C GLY B 222 4.56 -13.71 -11.80
N ASP B 223 3.23 -13.72 -11.79
CA ASP B 223 2.46 -14.88 -12.21
C ASP B 223 2.01 -14.80 -13.66
N GLU B 224 2.42 -13.77 -14.39
CA GLU B 224 1.97 -13.60 -15.77
C GLU B 224 2.26 -14.85 -16.59
N TYR B 225 3.41 -15.49 -16.34
CA TYR B 225 3.76 -16.69 -17.10
C TYR B 225 2.77 -17.83 -16.84
N LYS B 226 2.15 -17.87 -15.66
CA LYS B 226 1.13 -18.87 -15.38
C LYS B 226 -0.14 -18.57 -16.16
N VAL B 227 -0.52 -17.29 -16.23
CA VAL B 227 -1.68 -16.91 -17.03
C VAL B 227 -1.47 -17.29 -18.49
N MET B 228 -0.26 -17.09 -19.00
CA MET B 228 0.02 -17.44 -20.39
C MET B 228 -0.03 -18.94 -20.58
N GLY B 229 0.40 -19.71 -19.56
CA GLY B 229 0.28 -21.16 -19.61
C GLY B 229 -1.15 -21.65 -19.57
N LEU B 230 -2.05 -20.89 -18.95
CA LEU B 230 -3.46 -21.27 -18.84
C LEU B 230 -4.25 -20.97 -20.11
N ALA B 231 -3.83 -19.97 -20.88
CA ALA B 231 -4.65 -19.49 -22.00
C ALA B 231 -5.00 -20.56 -23.03
N PRO B 232 -4.12 -21.51 -23.39
CA PRO B 232 -4.53 -22.54 -24.36
C PRO B 232 -5.72 -23.40 -23.93
N TRP B 233 -5.98 -23.52 -22.62
CA TRP B 233 -7.15 -24.26 -22.16
C TRP B 233 -8.46 -23.50 -22.33
N GLY B 234 -8.42 -22.24 -22.76
CA GLY B 234 -9.59 -21.41 -22.83
C GLY B 234 -10.03 -21.19 -24.26
N ASN B 235 -11.27 -20.70 -24.39
CA ASN B 235 -11.85 -20.32 -25.67
C ASN B 235 -11.85 -18.81 -25.79
N PRO B 236 -10.98 -18.22 -26.63
CA PRO B 236 -10.88 -16.76 -26.68
C PRO B 236 -12.14 -16.07 -27.19
N GLU B 237 -13.11 -16.83 -27.70
CA GLU B 237 -14.32 -16.23 -28.24
C GLU B 237 -15.19 -15.64 -27.12
N THR B 238 -15.22 -16.28 -25.95
CA THR B 238 -16.19 -15.93 -24.92
C THR B 238 -16.10 -14.47 -24.52
N TYR B 239 -14.89 -13.96 -24.27
CA TYR B 239 -14.70 -12.60 -23.81
C TYR B 239 -14.08 -11.69 -24.87
N ARG B 240 -14.04 -12.14 -26.13
CA ARG B 240 -13.44 -11.32 -27.18
C ARG B 240 -14.12 -9.97 -27.29
N ASP B 241 -15.47 -9.95 -27.25
CA ASP B 241 -16.20 -8.69 -27.37
C ASP B 241 -16.06 -7.81 -26.13
N THR B 242 -15.80 -8.41 -24.98
CA THR B 242 -15.56 -7.61 -23.78
C THR B 242 -14.22 -6.90 -23.85
N PHE B 243 -13.15 -7.66 -24.13
CA PHE B 243 -11.84 -7.04 -24.29
C PHE B 243 -11.84 -6.03 -25.44
N ALA B 244 -12.68 -6.25 -26.47
CA ALA B 244 -12.78 -5.30 -27.57
C ALA B 244 -13.21 -3.91 -27.10
N LYS B 245 -13.93 -3.83 -25.98
CA LYS B 245 -14.29 -2.52 -25.45
C LYS B 245 -13.13 -1.83 -24.76
N LEU B 246 -12.03 -2.54 -24.50
CA LEU B 246 -10.93 -1.96 -23.74
C LEU B 246 -9.77 -1.47 -24.62
N TYR B 247 -9.77 -1.78 -25.91
CA TYR B 247 -8.74 -1.29 -26.81
C TYR B 247 -9.32 -1.03 -28.19
N THR B 248 -8.68 -0.13 -28.93
CA THR B 248 -9.00 0.14 -30.32
C THR B 248 -7.71 0.20 -31.13
N LEU B 249 -7.61 -0.60 -32.20
CA LEU B 249 -6.46 -0.50 -33.09
C LEU B 249 -6.65 0.66 -34.04
N GLN B 250 -5.59 1.42 -34.30
CA GLN B 250 -5.70 2.65 -35.08
C GLN B 250 -4.68 2.66 -36.21
N ASP B 251 -4.80 3.67 -37.07
CA ASP B 251 -3.92 3.81 -38.21
C ASP B 251 -2.48 4.04 -37.76
N ASN B 252 -1.54 3.76 -38.67
CA ASN B 252 -0.12 4.00 -38.45
C ASN B 252 0.38 3.29 -37.21
N GLY B 253 -0.07 2.04 -37.02
CA GLY B 253 0.40 1.25 -35.91
C GLY B 253 0.09 1.82 -34.55
N GLU B 254 -0.92 2.68 -34.46
CA GLU B 254 -1.35 3.23 -33.18
C GLU B 254 -2.41 2.33 -32.56
N TYR B 255 -2.58 2.48 -31.26
CA TYR B 255 -3.68 1.83 -30.58
C TYR B 255 -4.04 2.68 -29.38
N GLU B 256 -5.22 2.43 -28.83
CA GLU B 256 -5.66 3.09 -27.61
C GLU B 256 -6.11 2.01 -26.64
N LEU B 257 -5.84 2.21 -25.35
CA LEU B 257 -6.45 1.45 -24.26
C LEU B 257 -7.43 2.37 -23.54
N HIS B 258 -8.66 1.92 -23.35
CA HIS B 258 -9.71 2.79 -22.83
C HIS B 258 -9.76 2.69 -21.31
N GLY B 259 -9.39 3.76 -20.63
CA GLY B 259 -9.24 3.73 -19.20
C GLY B 259 -10.55 4.03 -18.50
N ASN B 260 -10.49 4.11 -17.17
CA ASN B 260 -11.67 4.46 -16.40
C ASN B 260 -11.22 5.25 -15.20
N ILE B 261 -12.18 5.95 -14.57
CA ILE B 261 -11.87 6.76 -13.40
C ILE B 261 -12.26 6.07 -12.11
N MET B 262 -12.56 4.78 -12.16
CA MET B 262 -13.11 4.09 -11.00
C MET B 262 -12.01 3.54 -10.09
N VAL B 263 -11.08 2.78 -10.64
CA VAL B 263 -10.03 2.11 -9.86
C VAL B 263 -8.75 2.08 -10.69
N PRO B 264 -7.59 1.89 -10.07
CA PRO B 264 -6.34 1.76 -10.84
C PRO B 264 -6.16 0.37 -11.44
N ASN B 265 -7.13 -0.04 -12.25
CA ASN B 265 -7.08 -1.32 -12.96
C ASN B 265 -7.92 -1.15 -14.21
N LEU B 266 -7.31 -1.42 -15.37
CA LEU B 266 -7.95 -1.20 -16.68
C LEU B 266 -9.10 -2.16 -16.90
N VAL B 267 -9.02 -3.35 -16.31
CA VAL B 267 -9.82 -4.50 -16.71
C VAL B 267 -10.96 -4.74 -15.72
N SER B 268 -10.72 -4.47 -14.44
CA SER B 268 -11.64 -5.03 -13.45
C SER B 268 -13.04 -4.42 -13.50
N PRO B 269 -13.23 -3.10 -13.71
CA PRO B 269 -14.60 -2.57 -13.67
C PRO B 269 -15.51 -3.14 -14.74
N LEU B 270 -15.03 -3.29 -15.97
CA LEU B 270 -15.91 -3.81 -17.01
C LEU B 270 -16.24 -5.28 -16.76
N PHE B 271 -15.26 -6.08 -16.33
CA PHE B 271 -15.57 -7.48 -16.07
C PHE B 271 -16.47 -7.64 -14.85
N TYR B 272 -16.35 -6.74 -13.86
CA TYR B 272 -17.30 -6.76 -12.75
C TYR B 272 -18.71 -6.46 -13.24
N ALA B 273 -18.84 -5.45 -14.10
CA ALA B 273 -20.16 -5.06 -14.61
C ALA B 273 -20.82 -6.17 -15.42
N GLU B 274 -20.02 -7.08 -15.99
CA GLU B 274 -20.55 -8.18 -16.76
C GLU B 274 -20.67 -9.48 -15.96
N GLY B 275 -20.47 -9.42 -14.65
CA GLY B 275 -20.71 -10.59 -13.82
C GLY B 275 -19.53 -11.52 -13.65
N PHE B 276 -18.34 -11.14 -14.09
CA PHE B 276 -17.18 -11.98 -13.87
C PHE B 276 -16.87 -12.12 -12.39
N ARG B 277 -16.46 -13.32 -11.98
CA ARG B 277 -16.12 -13.59 -10.58
C ARG B 277 -14.62 -13.82 -10.46
N PRO B 278 -13.87 -12.87 -9.91
CA PRO B 278 -12.42 -13.08 -9.76
C PRO B 278 -12.11 -14.27 -8.86
N ARG B 279 -11.14 -15.08 -9.31
CA ARG B 279 -10.82 -16.33 -8.64
C ARG B 279 -10.30 -16.07 -7.23
N ARG B 280 -10.77 -16.87 -6.27
CA ARG B 280 -10.30 -16.82 -4.89
C ARG B 280 -9.15 -17.79 -4.67
N LYS B 281 -8.39 -17.55 -3.60
CA LYS B 281 -7.25 -18.41 -3.32
C LYS B 281 -7.73 -19.84 -3.10
N GLY B 282 -6.99 -20.80 -3.66
CA GLY B 282 -7.38 -22.19 -3.56
C GLY B 282 -8.60 -22.59 -4.36
N GLU B 283 -9.27 -21.66 -5.04
CA GLU B 283 -10.36 -22.08 -5.91
C GLU B 283 -9.80 -22.59 -7.24
N PRO B 284 -10.38 -23.65 -7.81
CA PRO B 284 -9.92 -24.11 -9.12
C PRO B 284 -10.36 -23.15 -10.22
N PHE B 285 -9.62 -23.19 -11.32
CA PHE B 285 -9.92 -22.35 -12.48
C PHE B 285 -11.22 -22.81 -13.12
N THR B 286 -12.21 -21.93 -13.17
CA THR B 286 -13.45 -22.28 -13.88
C THR B 286 -13.23 -22.15 -15.38
N GLN B 287 -14.26 -22.53 -16.15
CA GLN B 287 -14.19 -22.32 -17.59
C GLN B 287 -14.17 -20.83 -17.91
N ALA B 288 -14.86 -20.01 -17.12
CA ALA B 288 -14.79 -18.57 -17.31
C ALA B 288 -13.35 -18.06 -17.13
N HIS B 289 -12.65 -18.57 -16.11
CA HIS B 289 -11.27 -18.16 -15.87
C HIS B 289 -10.35 -18.54 -17.03
N ARG B 290 -10.45 -19.80 -17.49
CA ARG B 290 -9.65 -20.25 -18.63
C ARG B 290 -9.93 -19.40 -19.87
N ASP B 291 -11.22 -19.18 -20.15
CA ASP B 291 -11.60 -18.34 -21.29
C ASP B 291 -11.05 -16.93 -21.13
N PHE B 292 -11.08 -16.42 -19.89
CA PHE B 292 -10.57 -15.08 -19.65
C PHE B 292 -9.09 -14.99 -20.00
N ALA B 293 -8.29 -15.96 -19.56
CA ALA B 293 -6.88 -15.97 -19.93
C ALA B 293 -6.69 -16.05 -21.43
N ALA B 294 -7.50 -16.87 -22.10
CA ALA B 294 -7.37 -17.02 -23.55
C ALA B 294 -7.63 -15.70 -24.28
N ALA B 295 -8.67 -14.97 -23.86
CA ALA B 295 -9.00 -13.72 -24.52
C ALA B 295 -8.00 -12.61 -24.16
N LEU B 296 -7.44 -12.62 -22.95
CA LEU B 296 -6.39 -11.66 -22.60
C LEU B 296 -5.15 -11.88 -23.47
N GLN B 297 -4.73 -13.14 -23.61
CA GLN B 297 -3.56 -13.47 -24.41
C GLN B 297 -3.79 -13.11 -25.88
N GLU B 298 -4.97 -13.41 -26.41
CA GLU B 298 -5.29 -13.03 -27.78
C GLU B 298 -5.26 -11.52 -27.96
N THR B 299 -5.81 -10.77 -27.00
CA THR B 299 -5.81 -9.32 -27.08
C THR B 299 -4.40 -8.75 -27.22
N VAL B 300 -3.49 -9.17 -26.35
CA VAL B 300 -2.13 -8.64 -26.41
C VAL B 300 -1.46 -9.04 -27.70
N GLU B 301 -1.69 -10.28 -28.15
CA GLU B 301 -1.11 -10.71 -29.40
C GLU B 301 -1.58 -9.83 -30.56
N LYS B 302 -2.87 -9.49 -30.58
CA LYS B 302 -3.39 -8.69 -31.69
C LYS B 302 -2.82 -7.27 -31.68
N ILE B 303 -2.62 -6.70 -30.48
CA ILE B 303 -2.10 -5.34 -30.42
C ILE B 303 -0.64 -5.32 -30.86
N VAL B 304 0.16 -6.26 -30.36
CA VAL B 304 1.58 -6.27 -30.69
C VAL B 304 1.79 -6.56 -32.18
N LEU B 305 1.06 -7.54 -32.73
CA LEU B 305 1.15 -7.80 -34.16
C LEU B 305 0.70 -6.60 -34.99
N HIS B 306 -0.26 -5.81 -34.48
CA HIS B 306 -0.65 -4.57 -35.14
C HIS B 306 0.51 -3.57 -35.13
N ILE B 307 1.20 -3.43 -34.00
CA ILE B 307 2.37 -2.57 -33.92
C ILE B 307 3.45 -3.04 -34.91
N LEU B 308 3.77 -4.33 -34.88
CA LEU B 308 4.92 -4.82 -35.64
C LEU B 308 4.64 -4.83 -37.15
N GLU B 309 3.40 -5.15 -37.56
CA GLU B 309 3.04 -5.06 -38.97
C GLU B 309 3.33 -3.68 -39.51
N TYR B 310 2.93 -2.64 -38.77
CA TYR B 310 3.17 -1.28 -39.23
C TYR B 310 4.65 -0.94 -39.23
N TRP B 311 5.36 -1.27 -38.16
CA TRP B 311 6.76 -0.85 -38.13
C TRP B 311 7.65 -1.73 -39.00
N ALA B 312 7.26 -2.97 -39.29
CA ALA B 312 8.01 -3.75 -40.28
C ALA B 312 7.90 -3.11 -41.66
N LYS B 313 6.67 -2.76 -42.07
CA LYS B 313 6.45 -2.15 -43.39
C LYS B 313 7.09 -0.77 -43.46
N THR B 314 6.91 0.06 -42.42
CA THR B 314 7.40 1.44 -42.46
C THR B 314 8.92 1.48 -42.44
N SER B 315 9.56 0.68 -41.58
CA SER B 315 11.01 0.69 -41.53
C SER B 315 11.64 -0.12 -42.64
N GLY B 316 10.89 -1.07 -43.21
CA GLY B 316 11.41 -1.96 -44.21
C GLY B 316 12.39 -2.99 -43.70
N HIS B 317 12.57 -3.09 -42.38
CA HIS B 317 13.58 -3.99 -41.85
C HIS B 317 13.08 -5.43 -41.83
N SER B 318 14.02 -6.36 -42.02
CA SER B 318 13.72 -7.78 -42.04
C SER B 318 14.13 -8.50 -40.75
N ARG B 319 14.78 -7.80 -39.82
CA ARG B 319 15.24 -8.39 -38.57
C ARG B 319 14.61 -7.65 -37.39
N LEU B 320 14.19 -8.41 -36.37
CA LEU B 320 13.57 -7.84 -35.17
C LEU B 320 14.31 -8.33 -33.93
N CYS B 321 14.64 -7.39 -33.04
CA CYS B 321 14.95 -7.69 -31.64
C CYS B 321 13.80 -7.21 -30.78
N PHE B 322 13.37 -8.05 -29.84
CA PHE B 322 12.21 -7.78 -29.00
C PHE B 322 12.61 -7.93 -27.54
N GLY B 323 12.47 -6.84 -26.77
CA GLY B 323 12.88 -6.81 -25.37
C GLY B 323 11.85 -6.10 -24.52
N GLY B 324 12.16 -5.96 -23.24
CA GLY B 324 11.17 -5.60 -22.24
C GLY B 324 10.46 -6.83 -21.69
N GLY B 325 9.90 -6.66 -20.47
CA GLY B 325 9.27 -7.78 -19.79
C GLY B 325 8.21 -8.51 -20.61
N VAL B 326 7.50 -7.77 -21.47
CA VAL B 326 6.48 -8.43 -22.30
C VAL B 326 7.13 -9.45 -23.23
N ALA B 327 8.40 -9.27 -23.59
CA ALA B 327 9.07 -10.24 -24.44
C ALA B 327 9.33 -11.57 -23.76
N HIS B 328 8.93 -11.74 -22.50
CA HIS B 328 8.91 -13.07 -21.92
C HIS B 328 7.60 -13.80 -22.19
N ASN B 329 6.71 -13.20 -22.97
CA ASN B 329 5.50 -13.90 -23.42
C ASN B 329 5.92 -14.75 -24.61
N SER B 330 6.34 -15.99 -24.35
CA SER B 330 6.84 -16.84 -25.41
C SER B 330 5.75 -17.23 -26.40
N SER B 331 4.48 -17.26 -25.97
CA SER B 331 3.39 -17.48 -26.91
C SER B 331 3.31 -16.34 -27.92
N LEU B 332 3.42 -15.09 -27.45
CA LEU B 332 3.48 -13.95 -28.36
C LEU B 332 4.66 -14.07 -29.31
N ASN B 333 5.83 -14.44 -28.78
CA ASN B 333 7.03 -14.52 -29.59
C ASN B 333 6.88 -15.58 -30.69
N GLY B 334 6.25 -16.71 -30.34
CA GLY B 334 5.97 -17.73 -31.34
C GLY B 334 5.10 -17.21 -32.47
N LEU B 335 4.11 -16.36 -32.16
CA LEU B 335 3.28 -15.80 -33.22
C LEU B 335 4.05 -14.78 -34.05
N ILE B 336 4.87 -13.95 -33.40
CA ILE B 336 5.74 -13.06 -34.15
C ILE B 336 6.61 -13.86 -35.10
N LEU B 337 7.15 -15.00 -34.63
CA LEU B 337 7.97 -15.85 -35.48
C LEU B 337 7.18 -16.41 -36.66
N LYS B 338 5.95 -16.85 -36.41
CA LYS B 338 5.10 -17.43 -37.45
C LYS B 338 4.45 -16.39 -38.37
N SER B 339 4.56 -15.09 -38.06
CA SER B 339 3.82 -14.10 -38.79
C SER B 339 4.39 -13.83 -40.18
N GLY B 340 5.65 -14.20 -40.42
CA GLY B 340 6.33 -13.88 -41.64
C GLY B 340 6.63 -12.41 -41.85
N LEU B 341 6.54 -11.59 -40.79
CA LEU B 341 6.90 -10.19 -40.94
C LEU B 341 8.40 -10.00 -41.00
N PHE B 342 9.16 -10.90 -40.40
CA PHE B 342 10.60 -10.77 -40.28
C PHE B 342 11.26 -12.07 -40.76
N ASP B 343 12.52 -11.94 -41.18
CA ASP B 343 13.34 -13.11 -41.50
C ASP B 343 14.04 -13.69 -40.28
N GLU B 344 14.43 -12.83 -39.34
CA GLU B 344 15.08 -13.25 -38.11
C GLU B 344 14.47 -12.49 -36.95
N VAL B 345 14.41 -13.16 -35.79
CA VAL B 345 13.94 -12.57 -34.54
C VAL B 345 14.89 -13.01 -33.43
N PHE B 346 15.32 -12.07 -32.60
CA PHE B 346 16.17 -12.36 -31.45
C PHE B 346 15.52 -11.85 -30.17
N VAL B 347 15.57 -12.67 -29.12
CA VAL B 347 15.08 -12.32 -27.79
C VAL B 347 16.13 -12.73 -26.77
N HIS B 348 16.53 -11.78 -25.90
CA HIS B 348 17.52 -11.99 -24.86
C HIS B 348 16.97 -12.91 -23.77
N PRO B 349 17.83 -13.69 -23.11
CA PRO B 349 17.33 -14.56 -22.02
C PRO B 349 16.79 -13.78 -20.82
N ALA B 350 17.25 -12.55 -20.62
CA ALA B 350 16.76 -11.69 -19.53
C ALA B 350 16.23 -10.43 -20.19
N SER B 351 15.01 -10.50 -20.72
CA SER B 351 14.39 -9.35 -21.36
C SER B 351 13.65 -8.46 -20.36
N HIS B 352 13.45 -8.93 -19.14
CA HIS B 352 12.87 -8.09 -18.10
C HIS B 352 13.93 -7.12 -17.57
N ASP B 353 13.66 -6.46 -16.45
CA ASP B 353 14.49 -5.35 -16.01
C ASP B 353 15.92 -5.74 -15.65
N ALA B 354 16.18 -7.01 -15.32
CA ALA B 354 17.58 -7.42 -15.13
C ALA B 354 18.38 -7.21 -16.40
N GLY B 355 17.78 -7.46 -17.56
CA GLY B 355 18.44 -7.15 -18.81
C GLY B 355 18.58 -5.67 -19.07
N ALA B 356 17.61 -4.86 -18.59
CA ALA B 356 17.78 -3.42 -18.69
C ALA B 356 18.96 -2.95 -17.85
N GLY B 357 19.19 -3.61 -16.71
CA GLY B 357 20.40 -3.31 -15.94
C GLY B 357 21.66 -3.60 -16.75
N GLU B 358 21.67 -4.72 -17.47
CA GLU B 358 22.80 -5.02 -18.36
C GLU B 358 22.96 -3.95 -19.44
N GLY B 359 21.86 -3.62 -20.13
CA GLY B 359 21.92 -2.60 -21.16
C GLY B 359 22.38 -1.26 -20.64
N ALA B 360 22.10 -0.96 -19.36
CA ALA B 360 22.55 0.30 -18.79
C ALA B 360 24.07 0.39 -18.76
N ALA B 361 24.76 -0.75 -18.62
CA ALA B 361 26.22 -0.74 -18.67
C ALA B 361 26.72 -0.30 -20.05
N TYR B 362 26.17 -0.89 -21.12
CA TYR B 362 26.53 -0.45 -22.46
C TYR B 362 26.23 1.03 -22.65
N ALA B 363 25.04 1.47 -22.23
CA ALA B 363 24.72 2.88 -22.40
C ALA B 363 25.66 3.77 -21.61
N ALA B 364 26.10 3.31 -20.44
CA ALA B 364 27.08 4.11 -19.70
C ALA B 364 28.40 4.17 -20.45
N ALA B 365 28.82 3.04 -21.05
CA ALA B 365 30.04 3.05 -21.85
C ALA B 365 29.91 3.99 -23.04
N ALA B 366 28.75 3.99 -23.70
CA ALA B 366 28.54 4.87 -24.86
C ALA B 366 28.59 6.33 -24.45
N SER B 367 27.96 6.68 -23.34
CA SER B 367 27.95 8.07 -22.92
C SER B 367 29.33 8.51 -22.45
N LEU B 368 30.02 7.67 -21.68
CA LEU B 368 31.36 7.97 -21.19
C LEU B 368 32.45 7.61 -22.20
N GLY B 369 32.21 7.86 -23.48
CA GLY B 369 33.21 7.59 -24.49
C GLY B 369 32.75 6.65 -25.58
N THR B 370 33.47 5.55 -25.78
CA THR B 370 33.21 4.65 -26.89
C THR B 370 32.61 3.34 -26.40
N LEU B 371 31.71 2.81 -27.22
CA LEU B 371 30.97 1.60 -26.91
C LEU B 371 31.58 0.43 -27.68
N GLU B 372 32.13 -0.54 -26.95
CA GLU B 372 32.48 -1.81 -27.53
C GLU B 372 31.30 -2.76 -27.38
N ARG B 373 31.04 -3.56 -28.40
CA ARG B 373 29.89 -4.44 -28.42
C ARG B 373 30.34 -5.89 -28.47
N PRO B 374 29.45 -6.84 -28.15
CA PRO B 374 29.82 -8.26 -28.24
C PRO B 374 30.19 -8.66 -29.66
N GLY B 375 31.13 -9.60 -29.75
CA GLY B 375 31.55 -10.08 -31.06
C GLY B 375 30.51 -10.95 -31.75
N LYS B 376 29.70 -11.68 -30.98
CA LYS B 376 28.86 -12.73 -31.56
C LYS B 376 27.51 -12.75 -30.86
N ARG B 377 26.55 -13.44 -31.49
CA ARG B 377 25.26 -13.64 -30.87
C ARG B 377 25.39 -14.43 -29.57
N LEU B 378 24.62 -14.03 -28.56
CA LEU B 378 24.64 -14.73 -27.28
C LEU B 378 23.97 -16.09 -27.39
N LEU B 379 24.65 -17.14 -26.92
CA LEU B 379 24.09 -18.49 -26.95
C LEU B 379 23.94 -19.14 -25.58
N SER B 380 24.69 -18.70 -24.57
CA SER B 380 24.61 -19.27 -23.24
C SER B 380 24.23 -18.18 -22.24
N ALA B 381 23.26 -18.48 -21.39
CA ALA B 381 22.90 -17.60 -20.27
C ALA B 381 23.68 -17.96 -19.00
N SER B 382 24.69 -18.82 -19.10
CA SER B 382 25.39 -19.35 -17.93
C SER B 382 26.40 -18.32 -17.46
N LEU B 383 25.93 -17.36 -16.66
CA LEU B 383 26.73 -16.19 -16.36
C LEU B 383 26.84 -15.85 -14.88
N GLY B 384 26.12 -16.52 -14.01
CA GLY B 384 26.22 -16.25 -12.59
C GLY B 384 27.43 -16.91 -11.95
N PRO B 385 27.45 -16.93 -10.61
CA PRO B 385 28.53 -17.65 -9.92
C PRO B 385 28.37 -19.15 -10.17
N ALA B 386 29.50 -19.85 -10.10
CA ALA B 386 29.50 -21.30 -10.27
C ALA B 386 29.16 -21.97 -8.92
N LEU B 387 29.19 -23.30 -8.89
CA LEU B 387 28.97 -24.02 -7.65
C LEU B 387 30.25 -24.13 -6.81
N GLY B 388 31.41 -24.05 -7.44
CA GLY B 388 32.69 -24.16 -6.77
C GLY B 388 33.58 -25.19 -7.42
N GLY B 389 34.85 -25.17 -7.01
CA GLY B 389 35.81 -26.14 -7.47
C GLY B 389 35.50 -27.55 -6.99
N ARG B 390 36.11 -28.52 -7.66
CA ARG B 390 35.86 -29.93 -7.36
C ARG B 390 36.18 -30.24 -5.89
N GLU B 391 37.27 -29.70 -5.37
CA GLU B 391 37.72 -30.06 -4.04
C GLU B 391 36.81 -29.50 -2.95
N GLN B 392 36.38 -28.24 -3.09
CA GLN B 392 35.49 -27.69 -2.07
C GLN B 392 34.08 -28.27 -2.19
N ILE B 393 33.69 -28.72 -3.38
CA ILE B 393 32.38 -29.36 -3.53
C ILE B 393 32.36 -30.71 -2.82
N ARG B 394 33.41 -31.53 -3.04
CA ARG B 394 33.49 -32.79 -2.33
C ARG B 394 33.48 -32.58 -0.83
N ALA B 395 34.28 -31.63 -0.33
CA ALA B 395 34.34 -31.38 1.10
C ALA B 395 32.98 -30.91 1.63
N ARG B 396 32.30 -30.01 0.89
CA ARG B 396 31.00 -29.53 1.36
C ARG B 396 29.95 -30.64 1.36
N LEU B 397 29.94 -31.48 0.31
CA LEU B 397 29.01 -32.60 0.30
C LEU B 397 29.29 -33.56 1.45
N ALA B 398 30.53 -33.59 1.94
CA ALA B 398 30.83 -34.42 3.10
C ALA B 398 30.19 -33.84 4.36
N ASP B 399 30.19 -32.51 4.48
CA ASP B 399 29.47 -31.85 5.57
C ASP B 399 28.00 -32.28 5.61
N TRP B 400 27.42 -32.59 4.45
CA TRP B 400 26.02 -33.01 4.37
C TRP B 400 25.83 -34.50 4.58
N ALA B 401 26.89 -35.23 4.90
CA ALA B 401 26.83 -36.69 4.94
C ALA B 401 25.68 -37.25 5.78
N PRO B 402 25.32 -36.72 6.95
CA PRO B 402 24.21 -37.31 7.72
C PRO B 402 22.85 -37.23 7.03
N LEU B 403 22.75 -36.58 5.88
CA LEU B 403 21.48 -36.50 5.16
C LEU B 403 21.49 -37.17 3.79
N ILE B 404 22.66 -37.36 3.16
CA ILE B 404 22.73 -37.82 1.77
C ILE B 404 23.76 -38.93 1.63
N ASP B 405 23.59 -39.72 0.58
CA ASP B 405 24.61 -40.64 0.09
C ASP B 405 25.13 -40.15 -1.26
N VAL B 406 26.45 -40.24 -1.46
CA VAL B 406 27.09 -39.70 -2.66
C VAL B 406 27.91 -40.78 -3.36
N GLU B 407 27.77 -40.86 -4.69
CA GLU B 407 28.60 -41.68 -5.55
C GLU B 407 29.31 -40.80 -6.57
N PHE B 408 30.44 -41.29 -7.07
CA PHE B 408 31.27 -40.52 -8.01
C PHE B 408 31.49 -41.35 -9.26
N PRO B 409 30.49 -41.44 -10.15
CA PRO B 409 30.66 -42.23 -11.37
C PRO B 409 31.80 -41.70 -12.22
N ASP B 410 32.36 -42.58 -13.05
CA ASP B 410 33.48 -42.15 -13.89
C ASP B 410 33.00 -41.24 -15.00
N ASP B 411 31.78 -41.44 -15.49
CA ASP B 411 31.17 -40.57 -16.51
C ASP B 411 29.76 -40.26 -16.03
N ALA B 412 29.63 -39.12 -15.33
CA ALA B 412 28.36 -38.76 -14.70
C ALA B 412 27.26 -38.56 -15.74
N VAL B 413 27.61 -38.01 -16.90
CA VAL B 413 26.61 -37.75 -17.93
C VAL B 413 26.03 -39.07 -18.46
N GLU B 414 26.91 -40.03 -18.73
CA GLU B 414 26.46 -41.36 -19.13
C GLU B 414 25.53 -41.96 -18.08
N THR B 415 25.98 -42.00 -16.83
CA THR B 415 25.12 -42.52 -15.76
C THR B 415 23.79 -41.79 -15.75
N ALA B 416 23.84 -40.46 -15.82
CA ALA B 416 22.62 -39.66 -15.74
C ALA B 416 21.67 -39.99 -16.89
N ALA B 417 22.21 -40.05 -18.12
CA ALA B 417 21.38 -40.43 -19.26
C ALA B 417 20.70 -41.77 -19.03
N GLY B 418 21.44 -42.74 -18.48
CA GLY B 418 20.83 -44.03 -18.16
C GLY B 418 19.73 -43.91 -17.13
N LEU B 419 20.00 -43.20 -16.03
CA LEU B 419 18.98 -42.96 -15.01
C LEU B 419 17.70 -42.37 -15.62
N LEU B 420 17.85 -41.34 -16.47
CA LEU B 420 16.70 -40.74 -17.12
C LEU B 420 15.99 -41.77 -18.00
N ALA B 421 16.76 -42.62 -18.68
CA ALA B 421 16.19 -43.66 -19.52
C ALA B 421 15.32 -44.62 -18.70
N GLU B 422 15.74 -44.91 -17.46
CA GLU B 422 14.95 -45.75 -16.57
C GLU B 422 13.68 -45.06 -16.07
N GLY B 423 13.52 -43.77 -16.31
CA GLY B 423 12.34 -43.05 -15.88
C GLY B 423 12.50 -42.24 -14.61
N GLN B 424 13.73 -41.97 -14.18
CA GLN B 424 13.96 -41.21 -12.97
C GLN B 424 14.00 -39.72 -13.27
N VAL B 425 13.57 -38.92 -12.29
CA VAL B 425 13.55 -37.46 -12.39
C VAL B 425 14.79 -36.92 -11.68
N LEU B 426 15.57 -36.11 -12.38
CA LEU B 426 16.90 -35.72 -11.96
C LEU B 426 16.99 -34.23 -11.64
N GLY B 427 17.66 -33.91 -10.54
CA GLY B 427 18.22 -32.59 -10.38
C GLY B 427 19.59 -32.51 -11.06
N TRP B 428 19.84 -31.38 -11.71
CA TRP B 428 21.00 -31.24 -12.57
C TRP B 428 21.60 -29.86 -12.35
N ALA B 429 22.77 -29.79 -11.70
CA ALA B 429 23.40 -28.54 -11.30
C ALA B 429 24.86 -28.55 -11.73
N TYR B 430 25.23 -27.65 -12.65
CA TYR B 430 26.57 -27.60 -13.18
C TYR B 430 26.95 -26.15 -13.48
N GLY B 431 28.16 -25.76 -13.08
CA GLY B 431 28.76 -24.52 -13.53
C GLY B 431 28.00 -23.27 -13.11
N ARG B 432 28.05 -22.26 -13.98
CA ARG B 432 27.51 -20.94 -13.65
C ARG B 432 26.00 -20.88 -13.88
N SER B 433 25.31 -20.17 -13.00
CA SER B 433 23.85 -20.17 -13.03
C SER B 433 23.32 -19.29 -14.17
N GLU B 434 22.11 -19.64 -14.63
CA GLU B 434 21.45 -18.96 -15.74
C GLU B 434 21.00 -17.55 -15.37
N PHE B 435 21.35 -16.60 -16.21
CA PHE B 435 20.81 -15.24 -16.16
C PHE B 435 19.45 -15.22 -16.84
N GLY B 436 18.43 -14.68 -16.16
CA GLY B 436 17.09 -14.73 -16.68
C GLY B 436 16.30 -15.91 -16.13
N PRO B 437 14.98 -15.92 -16.34
CA PRO B 437 14.10 -16.84 -15.60
C PRO B 437 14.14 -18.30 -16.03
N ARG B 438 14.69 -18.64 -17.20
CA ARG B 438 14.62 -20.01 -17.72
C ARG B 438 15.85 -20.81 -17.29
N ALA B 439 15.61 -22.04 -16.84
CA ALA B 439 16.68 -23.00 -16.61
C ALA B 439 17.03 -23.69 -17.92
N LEU B 440 18.33 -23.80 -18.20
CA LEU B 440 18.77 -24.23 -19.52
C LEU B 440 19.88 -25.29 -19.45
N GLY B 441 20.01 -25.98 -18.31
CA GLY B 441 21.01 -27.02 -18.17
C GLY B 441 22.09 -26.73 -17.15
N HIS B 442 21.94 -25.67 -16.35
CA HIS B 442 22.89 -25.40 -15.29
C HIS B 442 22.26 -25.44 -13.90
N ARG B 443 20.97 -25.14 -13.79
CA ARG B 443 20.21 -25.30 -12.57
C ARG B 443 18.84 -25.83 -12.99
N SER B 444 18.80 -27.10 -13.40
CA SER B 444 17.63 -27.68 -14.05
C SER B 444 17.15 -28.92 -13.32
N ILE B 445 15.90 -29.26 -13.61
CA ILE B 445 15.31 -30.54 -13.27
C ILE B 445 14.91 -31.18 -14.59
N VAL B 446 15.47 -32.36 -14.88
CA VAL B 446 15.27 -33.00 -16.18
C VAL B 446 14.66 -34.39 -15.99
N ALA B 447 13.85 -34.79 -16.97
CA ALA B 447 13.19 -36.08 -16.98
C ALA B 447 12.92 -36.49 -18.42
N ASP B 448 12.51 -37.74 -18.58
CA ASP B 448 12.03 -38.24 -19.87
C ASP B 448 10.87 -37.37 -20.35
N ALA B 449 10.90 -36.97 -21.61
CA ALA B 449 9.87 -36.08 -22.14
C ALA B 449 8.66 -36.82 -22.70
N ARG B 450 8.70 -38.15 -22.82
CA ARG B 450 7.64 -38.88 -23.51
C ARG B 450 6.37 -39.14 -22.67
N PRO B 451 6.48 -39.55 -21.40
CA PRO B 451 5.26 -39.95 -20.67
C PRO B 451 4.42 -38.75 -20.24
N GLU B 452 3.16 -38.72 -20.67
CA GLU B 452 2.22 -37.69 -20.23
C GLU B 452 2.10 -37.64 -18.72
N GLU B 453 2.32 -38.79 -18.06
CA GLU B 453 2.19 -38.87 -16.60
C GLU B 453 3.21 -37.98 -15.90
N ASN B 454 4.34 -37.70 -16.54
CA ASN B 454 5.37 -36.88 -15.89
C ASN B 454 4.88 -35.48 -15.55
N ARG B 455 3.76 -35.03 -16.13
CA ARG B 455 3.26 -33.69 -15.85
C ARG B 455 2.75 -33.56 -14.42
N THR B 456 1.75 -34.37 -14.06
CA THR B 456 1.29 -34.36 -12.67
C THR B 456 2.35 -34.92 -11.73
N ARG B 457 3.16 -35.87 -12.20
CA ARG B 457 4.19 -36.47 -11.37
C ARG B 457 5.21 -35.43 -10.89
N ILE B 458 5.74 -34.63 -11.81
CA ILE B 458 6.82 -33.73 -11.42
C ILE B 458 6.29 -32.50 -10.70
N ASN B 459 5.08 -32.05 -11.04
CA ASN B 459 4.44 -31.00 -10.24
C ASN B 459 4.32 -31.42 -8.78
N ALA B 460 3.91 -32.68 -8.54
CA ALA B 460 3.84 -33.19 -7.17
C ALA B 460 5.22 -33.23 -6.51
N MET B 461 6.24 -33.63 -7.26
CA MET B 461 7.58 -33.73 -6.67
C MET B 461 8.09 -32.37 -6.18
N VAL B 462 7.88 -31.31 -6.97
CA VAL B 462 8.34 -29.98 -6.59
C VAL B 462 7.26 -29.18 -5.86
N LYS B 463 6.11 -29.79 -5.62
CA LYS B 463 4.98 -29.20 -4.89
C LYS B 463 4.42 -27.97 -5.60
N LYS B 464 4.73 -27.78 -6.88
CA LYS B 464 4.04 -26.77 -7.65
C LYS B 464 2.67 -27.31 -8.09
N ARG B 465 1.77 -26.39 -8.41
CA ARG B 465 0.39 -26.75 -8.72
C ARG B 465 0.01 -26.27 -10.12
N GLU B 466 0.94 -26.41 -11.06
CA GLU B 466 0.71 -25.99 -12.44
C GLU B 466 0.49 -27.18 -13.36
N GLY B 467 -0.30 -28.17 -12.92
CA GLY B 467 -0.64 -29.30 -13.78
C GLY B 467 -1.32 -28.89 -15.08
N PHE B 468 -1.98 -27.73 -15.09
CA PHE B 468 -2.53 -27.20 -16.33
C PHE B 468 -1.44 -26.74 -17.30
N ARG B 469 -0.22 -26.52 -16.81
CA ARG B 469 0.85 -26.03 -17.68
C ARG B 469 1.82 -27.14 -18.01
N PRO B 470 2.13 -27.36 -19.28
CA PRO B 470 3.12 -28.39 -19.62
C PRO B 470 4.53 -27.93 -19.30
N PHE B 471 5.44 -28.89 -19.32
CA PHE B 471 6.85 -28.60 -19.20
C PHE B 471 7.45 -28.30 -20.56
N ALA B 472 8.61 -27.67 -20.54
CA ALA B 472 9.34 -27.25 -21.72
C ALA B 472 10.35 -28.33 -22.14
N PRO B 473 10.44 -28.62 -23.43
CA PRO B 473 11.43 -29.59 -23.91
C PRO B 473 12.75 -28.94 -24.29
N VAL B 474 13.82 -29.69 -24.06
CA VAL B 474 15.13 -29.38 -24.61
C VAL B 474 15.48 -30.48 -25.62
N VAL B 475 15.91 -30.08 -26.82
CA VAL B 475 16.25 -31.02 -27.90
C VAL B 475 17.60 -30.60 -28.47
N THR B 476 18.36 -31.59 -28.97
CA THR B 476 19.61 -31.31 -29.66
C THR B 476 19.35 -30.47 -30.91
N ALA B 477 20.34 -29.64 -31.26
CA ALA B 477 20.28 -28.89 -32.52
C ALA B 477 20.07 -29.83 -33.71
N GLU B 478 20.73 -30.99 -33.68
CA GLU B 478 20.66 -31.94 -34.79
C GLU B 478 19.25 -32.48 -34.99
N ALA B 479 18.52 -32.74 -33.91
CA ALA B 479 17.21 -33.37 -34.02
C ALA B 479 16.05 -32.38 -33.98
N ALA B 480 16.33 -31.09 -33.81
CA ALA B 480 15.29 -30.13 -33.47
C ALA B 480 14.18 -30.12 -34.50
N ARG B 481 14.53 -30.10 -35.79
CA ARG B 481 13.54 -30.03 -36.84
C ARG B 481 12.82 -31.34 -37.08
N ASP B 482 13.29 -32.44 -36.48
CA ASP B 482 12.57 -33.71 -36.52
C ASP B 482 11.36 -33.72 -35.59
N TYR B 483 11.24 -32.73 -34.70
CA TYR B 483 10.19 -32.77 -33.68
C TYR B 483 9.39 -31.48 -33.65
N PHE B 484 10.02 -30.36 -34.01
CA PHE B 484 9.42 -29.05 -33.85
C PHE B 484 9.40 -28.30 -35.17
N ASP B 485 8.29 -27.60 -35.42
CA ASP B 485 8.09 -26.76 -36.60
C ASP B 485 8.68 -25.39 -36.29
N LEU B 486 9.96 -25.20 -36.63
CA LEU B 486 10.63 -23.92 -36.43
C LEU B 486 10.39 -22.92 -37.57
N SER B 487 9.54 -23.27 -38.54
CA SER B 487 9.35 -22.50 -39.77
C SER B 487 8.91 -21.07 -39.50
N GLY B 488 8.77 -20.30 -40.57
CA GLY B 488 8.63 -18.87 -40.44
C GLY B 488 10.02 -18.29 -40.42
N ALA B 489 10.25 -17.30 -39.57
CA ALA B 489 11.55 -16.69 -39.46
C ALA B 489 12.54 -17.63 -38.77
N ASP B 490 13.78 -17.18 -38.74
CA ASP B 490 14.88 -17.81 -38.01
C ASP B 490 14.95 -17.11 -36.64
N GLY B 491 14.37 -17.75 -35.61
CA GLY B 491 14.46 -17.25 -34.26
C GLY B 491 15.50 -18.01 -33.45
N ASN B 492 15.99 -17.37 -32.38
CA ASN B 492 16.99 -17.99 -31.51
C ASN B 492 16.28 -18.82 -30.43
N HIS B 493 16.67 -20.09 -30.31
CA HIS B 493 15.97 -20.98 -29.41
C HIS B 493 16.83 -21.45 -28.25
N GLU B 494 18.02 -20.87 -28.06
CA GLU B 494 18.87 -21.28 -26.96
C GLU B 494 18.28 -20.97 -25.60
N PHE B 495 17.24 -20.12 -25.52
CA PHE B 495 16.75 -19.65 -24.23
C PHE B 495 15.26 -19.85 -24.05
N MET B 496 14.62 -20.72 -24.84
CA MET B 496 13.18 -20.98 -24.70
C MET B 496 12.32 -19.71 -24.90
N SER B 497 12.80 -18.76 -25.72
CA SER B 497 12.06 -17.53 -25.94
C SER B 497 10.81 -17.73 -26.79
N PHE B 498 10.73 -18.82 -27.55
CA PHE B 498 9.68 -18.99 -28.54
C PHE B 498 8.90 -20.27 -28.28
N VAL B 499 7.57 -20.14 -28.31
CA VAL B 499 6.66 -21.26 -28.44
C VAL B 499 6.58 -21.65 -29.92
N VAL B 500 6.70 -22.95 -30.21
CA VAL B 500 6.57 -23.44 -31.58
C VAL B 500 5.63 -24.65 -31.62
N PRO B 501 4.99 -24.95 -32.76
CA PRO B 501 4.17 -26.17 -32.82
C PRO B 501 5.05 -27.41 -32.77
N VAL B 502 4.56 -28.43 -32.07
CA VAL B 502 5.15 -29.76 -32.17
C VAL B 502 4.58 -30.41 -33.42
N LEU B 503 5.46 -30.99 -34.24
CA LEU B 503 5.01 -31.63 -35.47
C LEU B 503 3.89 -32.63 -35.15
N PRO B 504 2.77 -32.59 -35.86
CA PRO B 504 1.62 -33.43 -35.47
C PRO B 504 1.98 -34.90 -35.28
N GLU B 505 2.81 -35.46 -36.16
CA GLU B 505 3.21 -36.86 -36.03
C GLU B 505 4.18 -37.11 -34.87
N ARG B 506 4.55 -36.10 -34.08
CA ARG B 506 5.38 -36.31 -32.92
C ARG B 506 4.68 -35.99 -31.60
N ARG B 507 3.45 -35.47 -31.64
CA ARG B 507 2.82 -34.97 -30.42
C ARG B 507 2.59 -36.07 -29.40
N THR B 508 2.16 -37.25 -29.85
CA THR B 508 1.92 -38.34 -28.90
C THR B 508 3.24 -38.85 -28.30
N GLU B 509 4.30 -38.89 -29.10
CA GLU B 509 5.61 -39.29 -28.59
C GLU B 509 6.10 -38.36 -27.48
N LEU B 510 5.79 -37.06 -27.56
CA LEU B 510 6.25 -36.07 -26.59
C LEU B 510 5.08 -35.69 -25.68
N GLY B 511 4.69 -36.64 -24.83
CA GLY B 511 3.47 -36.45 -24.06
C GLY B 511 3.59 -35.47 -22.90
N ALA B 512 4.81 -35.32 -22.36
CA ALA B 512 5.01 -34.49 -21.18
C ALA B 512 5.26 -33.02 -21.50
N VAL B 513 5.56 -32.68 -22.76
CA VAL B 513 6.05 -31.36 -23.11
C VAL B 513 5.23 -30.72 -24.24
N THR B 514 4.08 -31.33 -24.55
CA THR B 514 3.21 -30.82 -25.60
C THR B 514 1.95 -30.25 -24.96
N HIS B 515 1.67 -28.99 -25.25
CA HIS B 515 0.49 -28.33 -24.71
C HIS B 515 -0.77 -28.84 -25.39
N VAL B 516 -1.93 -28.42 -24.86
CA VAL B 516 -3.21 -28.83 -25.39
C VAL B 516 -3.43 -28.35 -26.81
N ASP B 517 -2.73 -27.31 -27.25
CA ASP B 517 -2.84 -26.82 -28.62
C ASP B 517 -1.66 -27.26 -29.49
N GLY B 518 -0.90 -28.26 -29.03
CA GLY B 518 0.15 -28.84 -29.84
C GLY B 518 1.46 -28.09 -29.86
N THR B 519 1.63 -27.09 -29.00
CA THR B 519 2.80 -26.23 -28.99
C THR B 519 3.70 -26.55 -27.81
N ALA B 520 4.92 -26.02 -27.86
CA ALA B 520 5.92 -26.24 -26.83
C ALA B 520 6.89 -25.08 -26.82
N ARG B 521 7.41 -24.77 -25.63
CA ARG B 521 8.37 -23.67 -25.43
C ARG B 521 9.77 -24.27 -25.42
N VAL B 522 10.32 -24.50 -26.63
CA VAL B 522 11.44 -25.42 -26.82
C VAL B 522 12.76 -24.73 -26.54
N GLN B 523 13.68 -25.45 -25.90
CA GLN B 523 15.08 -25.10 -25.92
C GLN B 523 15.76 -25.98 -26.94
N VAL B 524 16.54 -25.37 -27.83
CA VAL B 524 17.40 -26.11 -28.75
C VAL B 524 18.82 -25.96 -28.24
N VAL B 525 19.39 -27.04 -27.73
CA VAL B 525 20.73 -27.02 -27.18
C VAL B 525 21.70 -27.51 -28.23
N SER B 526 22.85 -26.89 -28.30
CA SER B 526 23.87 -27.23 -29.27
C SER B 526 25.18 -27.42 -28.55
N ALA B 527 26.14 -28.07 -29.20
CA ALA B 527 27.45 -28.18 -28.59
C ALA B 527 28.04 -26.81 -28.27
N GLU B 528 27.58 -25.77 -28.97
CA GLU B 528 28.08 -24.44 -28.71
C GLU B 528 27.33 -23.77 -27.56
N SER B 529 26.02 -23.97 -27.48
CA SER B 529 25.24 -23.30 -26.43
C SER B 529 25.46 -23.96 -25.07
N GLY B 530 25.51 -25.28 -25.02
CA GLY B 530 25.77 -25.98 -23.78
C GLY B 530 26.35 -27.36 -24.04
N GLU B 531 27.68 -27.48 -23.99
CA GLU B 531 28.33 -28.74 -24.38
C GLU B 531 27.84 -29.91 -23.55
N ARG B 532 27.94 -29.80 -22.23
CA ARG B 532 27.59 -30.93 -21.37
C ARG B 532 26.11 -31.25 -21.47
N PHE B 533 25.25 -30.23 -21.44
CA PHE B 533 23.82 -30.48 -21.56
C PHE B 533 23.47 -31.06 -22.93
N HIS B 534 24.13 -30.57 -23.99
CA HIS B 534 23.95 -31.17 -25.31
C HIS B 534 24.33 -32.65 -25.30
N ARG B 535 25.50 -32.97 -24.72
CA ARG B 535 25.94 -34.36 -24.64
C ARG B 535 24.94 -35.22 -23.87
N LEU B 536 24.32 -34.66 -22.84
CA LEU B 536 23.33 -35.40 -22.05
C LEU B 536 22.10 -35.75 -22.89
N VAL B 537 21.53 -34.76 -23.58
CA VAL B 537 20.31 -34.99 -24.35
C VAL B 537 20.59 -35.90 -25.55
N ARG B 538 21.74 -35.71 -26.20
CA ARG B 538 22.10 -36.60 -27.31
C ARG B 538 22.21 -38.04 -26.83
N ARG B 539 22.97 -38.26 -25.75
CA ARG B 539 23.14 -39.62 -25.24
C ARG B 539 21.80 -40.25 -24.85
N PHE B 540 20.92 -39.47 -24.21
CA PHE B 540 19.58 -39.99 -23.91
C PHE B 540 18.84 -40.38 -25.19
N GLY B 541 19.02 -39.61 -26.27
CA GLY B 541 18.41 -39.98 -27.53
C GLY B 541 19.01 -41.25 -28.12
N GLU B 542 20.35 -41.36 -28.06
CA GLU B 542 21.00 -42.59 -28.48
C GLU B 542 20.47 -43.79 -27.70
N LEU B 543 20.19 -43.60 -26.41
CA LEU B 543 19.69 -44.70 -25.60
C LEU B 543 18.23 -45.01 -25.88
N THR B 544 17.42 -44.03 -26.26
CA THR B 544 15.97 -44.22 -26.33
C THR B 544 15.34 -44.00 -27.70
N GLY B 545 16.04 -43.37 -28.64
CA GLY B 545 15.43 -42.97 -29.89
C GLY B 545 14.68 -41.66 -29.84
N THR B 546 14.69 -40.96 -28.71
CA THR B 546 14.04 -39.65 -28.57
C THR B 546 15.03 -38.71 -27.91
N PRO B 547 15.69 -37.85 -28.66
CA PRO B 547 16.68 -36.92 -28.09
C PRO B 547 16.04 -35.65 -27.55
N VAL B 548 14.95 -35.81 -26.77
CA VAL B 548 14.20 -34.73 -26.15
C VAL B 548 14.02 -35.05 -24.67
N LEU B 549 14.33 -34.09 -23.80
CA LEU B 549 14.06 -34.18 -22.37
C LEU B 549 13.14 -33.03 -21.96
N LEU B 550 12.34 -33.25 -20.92
CA LEU B 550 11.73 -32.08 -20.30
C LEU B 550 12.76 -31.40 -19.41
N ASN B 551 12.65 -30.08 -19.32
CA ASN B 551 13.64 -29.25 -18.62
C ASN B 551 12.88 -28.16 -17.87
N THR B 552 12.85 -28.25 -16.55
CA THR B 552 12.17 -27.26 -15.74
C THR B 552 13.16 -26.68 -14.74
N SER B 553 12.82 -25.54 -14.17
CA SER B 553 13.78 -24.83 -13.33
C SER B 553 13.94 -25.58 -12.01
N PHE B 554 15.16 -25.57 -11.49
CA PHE B 554 15.50 -26.28 -10.25
C PHE B 554 15.18 -25.36 -9.08
N ASN B 555 13.94 -25.45 -8.59
CA ASN B 555 13.45 -24.73 -7.43
C ASN B 555 12.10 -25.30 -7.04
N ASN B 556 11.79 -25.26 -5.75
CA ASN B 556 10.43 -25.61 -5.33
C ASN B 556 9.55 -24.37 -5.44
N ASN B 557 8.33 -24.44 -4.90
CA ASN B 557 7.37 -23.35 -5.01
C ASN B 557 7.72 -22.11 -4.17
N ALA B 558 8.71 -22.19 -3.28
CA ALA B 558 8.96 -21.12 -2.31
C ALA B 558 10.29 -20.43 -2.51
N GLU B 559 10.89 -20.51 -3.71
CA GLU B 559 12.23 -20.01 -3.90
C GLU B 559 12.47 -19.69 -5.37
N PRO B 560 13.37 -18.78 -5.68
CA PRO B 560 13.85 -18.69 -7.06
C PRO B 560 14.78 -19.84 -7.38
N ILE B 561 15.26 -19.91 -8.62
CA ILE B 561 16.21 -20.94 -9.05
C ILE B 561 17.38 -21.03 -8.08
N VAL B 562 17.73 -22.27 -7.71
CA VAL B 562 18.82 -22.46 -6.75
C VAL B 562 20.13 -21.92 -7.32
N GLN B 563 20.98 -21.45 -6.42
CA GLN B 563 22.25 -20.84 -6.80
C GLN B 563 23.43 -21.69 -6.33
N SER B 564 23.69 -21.75 -5.03
CA SER B 564 24.88 -22.37 -4.48
C SER B 564 24.69 -23.88 -4.30
N LEU B 565 25.78 -24.54 -3.95
CA LEU B 565 25.72 -25.97 -3.66
C LEU B 565 24.74 -26.24 -2.51
N ASP B 566 24.86 -25.47 -1.43
CA ASP B 566 23.90 -25.61 -0.33
C ASP B 566 22.48 -25.39 -0.81
N ASP B 567 22.23 -24.37 -1.63
CA ASP B 567 20.89 -24.19 -2.21
C ASP B 567 20.43 -25.45 -2.92
N VAL B 568 21.31 -26.03 -3.74
CA VAL B 568 20.97 -27.18 -4.57
C VAL B 568 20.64 -28.40 -3.69
N VAL B 569 21.49 -28.69 -2.72
CA VAL B 569 21.24 -29.84 -1.84
C VAL B 569 19.97 -29.60 -1.01
N THR B 570 19.80 -28.39 -0.49
CA THR B 570 18.57 -28.06 0.26
C THR B 570 17.32 -28.32 -0.56
N SER B 571 17.32 -27.87 -1.81
CA SER B 571 16.14 -28.02 -2.66
C SER B 571 15.90 -29.48 -3.00
N PHE B 572 16.98 -30.22 -3.28
CA PHE B 572 16.86 -31.65 -3.51
C PHE B 572 16.23 -32.34 -2.31
N LEU B 573 16.72 -32.02 -1.11
CA LEU B 573 16.24 -32.66 0.11
C LEU B 573 14.81 -32.29 0.48
N THR B 574 14.30 -31.14 0.01
CA THR B 574 12.94 -30.72 0.35
C THR B 574 11.97 -30.90 -0.81
N THR B 575 12.38 -31.60 -1.86
CA THR B 575 11.47 -32.02 -2.91
C THR B 575 11.53 -33.55 -3.04
N ASP B 576 10.69 -34.08 -3.92
CA ASP B 576 10.61 -35.53 -4.14
C ASP B 576 11.35 -35.96 -5.39
N LEU B 577 12.52 -35.35 -5.66
CA LEU B 577 13.34 -35.77 -6.80
C LEU B 577 14.02 -37.09 -6.52
N ASP B 578 14.24 -37.88 -7.57
CA ASP B 578 14.85 -39.21 -7.41
C ASP B 578 16.33 -39.11 -7.10
N VAL B 579 17.06 -38.24 -7.80
CA VAL B 579 18.51 -38.19 -7.65
C VAL B 579 18.97 -36.83 -8.12
N LEU B 580 20.11 -36.39 -7.60
CA LEU B 580 20.71 -35.12 -7.94
C LEU B 580 22.08 -35.36 -8.56
N VAL B 581 22.30 -34.79 -9.75
CA VAL B 581 23.60 -34.77 -10.40
C VAL B 581 24.18 -33.37 -10.23
N VAL B 582 25.28 -33.26 -9.51
CA VAL B 582 25.85 -31.95 -9.23
C VAL B 582 27.37 -32.03 -9.39
N GLU B 583 27.90 -31.40 -10.43
N GLU B 583 27.90 -31.40 -10.43
CA GLU B 583 29.34 -31.38 -10.69
CA GLU B 583 29.33 -31.37 -10.70
C GLU B 583 29.92 -32.79 -10.63
C GLU B 583 29.91 -32.78 -10.63
N ASP B 584 29.26 -33.70 -11.36
CA ASP B 584 29.65 -35.10 -11.55
C ASP B 584 29.41 -35.99 -10.33
N CYS B 585 28.94 -35.45 -9.22
CA CYS B 585 28.58 -36.27 -8.07
C CYS B 585 27.11 -36.66 -8.17
N LEU B 586 26.80 -37.91 -7.80
CA LEU B 586 25.42 -38.38 -7.71
C LEU B 586 24.99 -38.36 -6.24
N VAL B 587 23.92 -37.63 -5.94
CA VAL B 587 23.47 -37.45 -4.58
C VAL B 587 22.08 -38.08 -4.45
N ARG B 588 21.89 -38.86 -3.39
CA ARG B 588 20.57 -39.36 -3.05
C ARG B 588 20.33 -39.12 -1.56
N GLY B 589 19.05 -39.00 -1.20
CA GLY B 589 18.71 -38.75 0.19
C GLY B 589 18.71 -40.05 1.00
N LYS B 590 19.41 -40.03 2.13
CA LYS B 590 19.47 -41.16 3.05
C LYS B 590 18.06 -41.62 3.44
N ALA B 591 17.93 -42.89 3.83
CA ALA B 591 16.64 -43.43 4.21
C ALA B 591 16.01 -42.61 5.34
N SER B 592 16.83 -42.18 6.29
CA SER B 592 16.38 -41.33 7.39
C SER B 592 17.42 -40.23 7.59
N PRO B 593 17.22 -39.07 6.96
CA PRO B 593 18.20 -37.99 7.10
C PRO B 593 18.16 -37.43 8.52
N ASP B 594 19.35 -37.10 9.04
CA ASP B 594 19.48 -36.56 10.39
C ASP B 594 19.38 -35.03 10.34
N LEU B 595 18.16 -34.52 10.51
CA LEU B 595 17.94 -33.08 10.53
C LEU B 595 18.72 -32.40 11.64
N GLY B 596 19.00 -33.12 12.73
CA GLY B 596 19.61 -32.53 13.91
C GLY B 596 20.98 -31.95 13.69
N VAL B 597 21.69 -32.36 12.64
CA VAL B 597 23.02 -31.82 12.42
C VAL B 597 23.00 -30.48 11.69
N LEU B 598 21.86 -30.06 11.16
CA LEU B 598 21.75 -28.79 10.44
C LEU B 598 21.74 -27.62 11.42
N VAL B 599 22.48 -26.57 11.07
CA VAL B 599 22.56 -25.37 11.90
C VAL B 599 21.52 -24.37 11.40
N PRO B 600 20.53 -24.01 12.21
CA PRO B 600 19.54 -23.02 11.76
C PRO B 600 20.13 -21.63 11.77
N ARG B 601 19.79 -20.84 10.74
CA ARG B 601 20.17 -19.44 10.66
C ARG B 601 18.97 -18.61 10.21
N PHE B 602 18.75 -17.47 10.84
CA PHE B 602 17.73 -16.55 10.33
C PHE B 602 18.18 -16.01 8.98
N ARG B 603 17.22 -15.81 8.07
CA ARG B 603 17.46 -14.94 6.94
C ARG B 603 17.35 -13.50 7.42
N PRO B 604 17.94 -12.54 6.70
CA PRO B 604 17.80 -11.14 7.15
C PRO B 604 16.33 -10.68 7.28
N VAL B 605 15.41 -11.28 6.52
CA VAL B 605 14.01 -10.91 6.57
C VAL B 605 13.18 -11.80 7.50
N THR B 606 13.80 -12.79 8.16
CA THR B 606 13.03 -13.70 9.03
C THR B 606 12.55 -12.95 10.27
N ARG B 607 11.27 -13.11 10.60
CA ARG B 607 10.73 -12.57 11.84
C ARG B 607 10.00 -13.67 12.59
N LEU B 608 10.20 -13.71 13.90
CA LEU B 608 9.57 -14.69 14.78
C LEU B 608 8.75 -13.96 15.83
N VAL B 609 7.46 -14.28 15.92
CA VAL B 609 6.53 -13.41 16.62
C VAL B 609 5.60 -14.22 17.49
N GLU B 610 5.36 -13.73 18.71
CA GLU B 610 4.23 -14.14 19.53
C GLU B 610 3.22 -12.99 19.59
N ARG B 611 1.95 -13.31 19.27
CA ARG B 611 0.88 -12.32 19.06
C ARG B 611 -0.28 -12.59 19.99
N ARG B 612 -0.86 -11.52 20.54
CA ARG B 612 -2.14 -11.54 21.21
C ARG B 612 -3.07 -10.53 20.54
N THR B 613 -4.25 -10.98 20.15
CA THR B 613 -5.25 -10.11 19.57
C THR B 613 -6.25 -9.75 20.68
N ALA B 614 -7.29 -8.99 20.33
CA ALA B 614 -8.33 -8.70 21.30
C ALA B 614 -9.28 -9.88 21.43
N GLY B 615 -9.66 -10.22 22.66
CA GLY B 615 -10.59 -11.30 22.90
C GLY B 615 -12.00 -10.83 23.21
N PRO B 616 -12.91 -11.78 23.44
CA PRO B 616 -14.27 -11.42 23.85
C PRO B 616 -14.28 -10.74 25.20
N ASP B 617 -15.25 -9.83 25.36
CA ASP B 617 -15.36 -8.99 26.55
C ASP B 617 -14.10 -8.19 26.81
N ALA B 618 -13.42 -7.80 25.73
CA ALA B 618 -12.29 -6.88 25.77
C ALA B 618 -11.10 -7.45 26.54
N SER B 619 -10.97 -8.76 26.53
CA SER B 619 -9.83 -9.42 27.14
C SER B 619 -8.68 -9.46 26.14
N ALA B 620 -7.49 -9.74 26.67
CA ALA B 620 -6.39 -10.18 25.82
C ALA B 620 -6.77 -11.52 25.20
N GLY B 621 -6.66 -11.61 23.89
CA GLY B 621 -7.17 -12.73 23.14
C GLY B 621 -6.15 -13.84 22.96
N ALA B 622 -6.39 -14.64 21.92
CA ALA B 622 -5.61 -15.85 21.67
C ALA B 622 -4.15 -15.51 21.47
N LYS B 623 -3.29 -16.25 22.17
CA LYS B 623 -1.83 -16.13 22.03
C LYS B 623 -1.34 -17.14 21.00
N THR B 624 -0.95 -16.64 19.83
CA THR B 624 -0.49 -17.44 18.70
C THR B 624 0.98 -17.17 18.43
N HIS B 625 1.64 -18.10 17.74
CA HIS B 625 3.05 -17.95 17.42
C HIS B 625 3.24 -18.13 15.92
N GLU B 626 4.13 -17.33 15.33
CA GLU B 626 4.20 -17.28 13.88
C GLU B 626 5.63 -16.98 13.45
N ILE B 627 6.03 -17.52 12.32
CA ILE B 627 7.25 -17.10 11.64
C ILE B 627 6.83 -16.48 10.32
N HIS B 628 7.51 -15.41 9.90
CA HIS B 628 7.18 -14.84 8.61
C HIS B 628 8.39 -14.12 8.02
N LEU B 629 8.32 -13.84 6.73
CA LEU B 629 9.37 -13.10 6.02
C LEU B 629 8.92 -11.66 5.78
N ASP B 630 9.74 -10.70 6.22
CA ASP B 630 9.38 -9.28 6.28
C ASP B 630 9.72 -8.59 4.96
N TYR B 631 8.83 -8.78 3.98
CA TYR B 631 8.86 -8.03 2.73
C TYR B 631 7.47 -8.15 2.13
N ASP B 632 7.17 -7.21 1.22
CA ASP B 632 5.85 -7.15 0.61
C ASP B 632 5.53 -8.48 -0.08
N GLY B 633 4.46 -9.14 0.35
CA GLY B 633 4.11 -10.44 -0.19
C GLY B 633 4.84 -11.63 0.41
N GLY B 634 5.61 -11.44 1.48
CA GLY B 634 6.36 -12.54 2.06
C GLY B 634 5.43 -13.52 2.76
N PRO B 635 5.82 -14.79 2.81
CA PRO B 635 4.95 -15.80 3.43
C PRO B 635 4.99 -15.69 4.95
N SER B 636 4.08 -16.44 5.58
CA SER B 636 3.99 -16.56 7.03
C SER B 636 3.41 -17.93 7.38
N ALA B 637 3.74 -18.43 8.57
CA ALA B 637 3.28 -19.75 9.00
C ALA B 637 3.18 -19.78 10.52
N LYS B 638 2.11 -20.41 11.01
CA LYS B 638 2.00 -20.69 12.44
C LYS B 638 3.08 -21.65 12.90
N VAL B 639 3.57 -21.48 14.13
CA VAL B 639 4.49 -22.42 14.74
C VAL B 639 3.97 -22.77 16.13
N SER B 640 4.38 -23.96 16.60
CA SER B 640 3.99 -24.41 17.93
C SER B 640 4.74 -23.63 19.00
N PRO B 641 4.20 -23.57 20.23
CA PRO B 641 4.95 -22.93 21.32
C PRO B 641 6.34 -23.51 21.50
N GLU B 642 6.48 -24.84 21.34
CA GLU B 642 7.78 -25.48 21.51
C GLU B 642 8.75 -25.02 20.43
N LEU B 643 8.32 -25.02 19.17
CA LEU B 643 9.22 -24.56 18.11
C LEU B 643 9.50 -23.08 18.24
N TYR B 644 8.52 -22.30 18.71
CA TYR B 644 8.77 -20.90 19.01
C TYR B 644 9.90 -20.74 20.00
N GLU B 645 9.87 -21.53 21.08
CA GLU B 645 10.93 -21.46 22.08
C GLU B 645 12.25 -21.90 21.48
N LEU B 646 12.24 -22.98 20.70
CA LEU B 646 13.45 -23.43 20.01
C LEU B 646 14.00 -22.35 19.08
N LEU B 647 13.17 -21.81 18.18
CA LEU B 647 13.69 -20.84 17.21
C LEU B 647 14.17 -19.55 17.87
N GLY B 648 13.60 -19.18 19.03
CA GLY B 648 14.07 -17.98 19.71
C GLY B 648 15.51 -18.08 20.17
N ALA B 649 16.04 -19.29 20.30
CA ALA B 649 17.40 -19.50 20.75
C ALA B 649 18.41 -19.66 19.62
N VAL B 650 17.96 -19.60 18.35
CA VAL B 650 18.89 -19.73 17.24
C VAL B 650 20.00 -18.70 17.38
N ASP B 651 21.24 -19.16 17.29
CA ASP B 651 22.39 -18.28 17.44
C ASP B 651 23.27 -18.28 16.21
N GLY B 652 22.92 -19.04 15.17
CA GLY B 652 23.69 -19.07 13.95
C GLY B 652 24.81 -20.09 13.93
N THR B 653 25.11 -20.73 15.06
CA THR B 653 26.22 -21.68 15.13
C THR B 653 25.80 -23.01 15.76
N THR B 654 24.89 -23.00 16.74
CA THR B 654 24.46 -24.23 17.40
C THR B 654 23.52 -25.05 16.50
N THR B 655 23.74 -26.36 16.44
CA THR B 655 22.91 -27.20 15.57
C THR B 655 21.47 -27.28 16.07
N LEU B 656 20.59 -27.68 15.15
CA LEU B 656 19.19 -27.86 15.48
C LEU B 656 19.00 -28.89 16.59
N GLY B 657 19.77 -29.98 16.53
CA GLY B 657 19.64 -31.02 17.55
C GLY B 657 20.04 -30.51 18.92
N ASP B 658 21.10 -29.72 19.00
CA ASP B 658 21.52 -29.19 20.28
C ASP B 658 20.55 -28.14 20.80
N LEU B 659 20.05 -27.27 19.91
CA LEU B 659 19.02 -26.31 20.30
C LEU B 659 17.78 -27.04 20.82
N ALA B 660 17.37 -28.12 20.15
CA ALA B 660 16.19 -28.86 20.56
C ALA B 660 16.29 -29.45 21.97
N LYS B 661 17.51 -29.65 22.49
CA LYS B 661 17.64 -30.18 23.83
C LYS B 661 16.96 -29.27 24.85
N THR B 662 16.99 -27.95 24.62
CA THR B 662 16.34 -27.05 25.58
C THR B 662 14.83 -27.24 25.65
N VAL B 663 14.22 -27.96 24.70
CA VAL B 663 12.77 -28.21 24.76
C VAL B 663 12.50 -29.71 24.77
N GLY B 664 13.46 -30.49 25.27
CA GLY B 664 13.24 -31.91 25.47
C GLY B 664 13.81 -32.81 24.40
N GLY B 665 14.49 -32.27 23.40
CA GLY B 665 15.01 -33.09 22.34
C GLY B 665 14.23 -32.92 21.03
N LEU B 666 14.91 -33.20 19.93
CA LEU B 666 14.33 -33.13 18.59
C LEU B 666 13.47 -34.36 18.36
N SER B 667 12.22 -34.28 18.81
CA SER B 667 11.25 -35.33 18.59
C SER B 667 10.90 -35.44 17.10
N ASP B 668 10.21 -36.54 16.75
CA ASP B 668 9.76 -36.68 15.37
C ASP B 668 8.80 -35.55 14.99
N ALA B 669 7.93 -35.15 15.92
CA ALA B 669 6.98 -34.08 15.65
C ALA B 669 7.68 -32.74 15.41
N LEU B 670 8.67 -32.40 16.26
CA LEU B 670 9.41 -31.17 16.05
C LEU B 670 10.21 -31.20 14.75
N ALA B 671 10.84 -32.34 14.44
CA ALA B 671 11.61 -32.44 13.20
C ALA B 671 10.70 -32.27 11.98
N THR B 672 9.52 -32.86 12.03
CA THR B 672 8.54 -32.71 10.96
C THR B 672 8.09 -31.26 10.84
N GLU B 673 7.82 -30.61 11.96
CA GLU B 673 7.45 -29.20 11.92
C GLU B 673 8.57 -28.35 11.33
N VAL B 674 9.81 -28.58 11.79
CA VAL B 674 10.95 -27.83 11.27
C VAL B 674 11.10 -28.07 9.77
N PHE B 675 10.92 -29.33 9.35
CA PHE B 675 11.08 -29.66 7.93
C PHE B 675 10.08 -28.89 7.07
N ALA B 676 8.83 -28.76 7.53
CA ALA B 676 7.85 -27.99 6.76
C ALA B 676 8.19 -26.51 6.69
N LEU B 677 8.80 -25.94 7.75
CA LEU B 677 9.28 -24.55 7.64
C LEU B 677 10.46 -24.46 6.68
N TRP B 678 11.31 -25.48 6.68
CA TRP B 678 12.44 -25.54 5.76
C TRP B 678 11.95 -25.56 4.30
N GLU B 679 10.92 -26.35 4.01
CA GLU B 679 10.35 -26.38 2.66
C GLU B 679 9.93 -25.00 2.19
N GLN B 680 9.37 -24.19 3.09
CA GLN B 680 8.95 -22.84 2.74
C GLN B 680 10.04 -21.80 2.92
N ARG B 681 11.26 -22.22 3.28
CA ARG B 681 12.43 -21.35 3.30
C ARG B 681 12.28 -20.20 4.31
N PHE B 682 11.60 -20.44 5.43
CA PHE B 682 11.51 -19.40 6.46
C PHE B 682 12.85 -19.10 7.10
N LEU B 683 13.76 -20.08 7.10
CA LEU B 683 15.07 -19.87 7.67
C LEU B 683 16.04 -20.73 6.89
N THR B 684 17.32 -20.52 7.14
CA THR B 684 18.35 -21.30 6.48
C THR B 684 18.71 -22.47 7.37
N LEU B 685 18.73 -23.67 6.77
CA LEU B 685 19.14 -24.88 7.46
C LEU B 685 20.19 -25.58 6.60
N ALA B 686 21.41 -25.68 7.12
CA ALA B 686 22.54 -26.26 6.40
C ALA B 686 23.58 -26.67 7.42
N PRO B 687 24.51 -27.57 7.05
CA PRO B 687 25.57 -27.96 7.99
C PRO B 687 26.41 -26.75 8.42
N ALA B 688 27.08 -26.93 9.56
CA ALA B 688 27.95 -25.90 10.11
C ALA B 688 28.99 -25.45 9.08
N GLY B 689 29.31 -24.15 9.10
CA GLY B 689 30.29 -23.59 8.17
C GLY B 689 29.69 -23.35 6.79
N ASP B 690 30.57 -23.26 5.80
CA ASP B 690 30.14 -23.11 4.41
C ASP B 690 31.21 -23.66 3.48
N ILE B 691 30.91 -23.63 2.18
CA ILE B 691 31.80 -24.17 1.17
C ILE B 691 33.08 -23.34 1.02
N GLY B 692 33.07 -22.10 1.49
CA GLY B 692 34.22 -21.24 1.39
C GLY B 692 34.21 -20.42 0.11
N PRO B 693 35.14 -19.49 -0.01
CA PRO B 693 35.22 -18.68 -1.24
C PRO B 693 35.30 -19.56 -2.47
N LEU B 694 34.54 -19.20 -3.49
CA LEU B 694 34.47 -20.02 -4.69
C LEU B 694 35.83 -20.03 -5.39
N ALA B 695 36.32 -21.23 -5.70
CA ALA B 695 37.68 -21.38 -6.22
C ALA B 695 37.82 -20.72 -7.58
N ASP B 696 39.05 -20.33 -7.89
CA ASP B 696 39.41 -19.89 -9.24
C ASP B 696 39.69 -21.16 -10.03
N ASP B 697 38.72 -21.58 -10.85
CA ASP B 697 38.89 -22.78 -11.66
C ASP B 697 39.67 -22.51 -12.95
N GLY B 698 40.26 -21.33 -13.10
CA GLY B 698 41.08 -21.00 -14.24
C GLY B 698 40.35 -20.95 -15.57
N THR B 699 39.02 -20.87 -15.56
CA THR B 699 38.25 -20.85 -16.81
C THR B 699 38.00 -19.43 -17.31
N ARG B 700 38.38 -18.42 -16.55
CA ARG B 700 38.34 -17.04 -17.03
C ARG B 700 39.58 -16.73 -17.86
PG ATP C . -13.45 9.36 -0.83
O1G ATP C . -14.02 9.47 -2.24
O2G ATP C . -11.95 9.12 -0.90
O3G ATP C . -14.08 8.17 -0.13
PB ATP C . -14.32 12.28 -0.28
O1B ATP C . -15.68 12.19 -0.99
O2B ATP C . -13.31 13.14 -1.04
O3B ATP C . -13.73 10.75 0.08
PA ATP C . -14.94 14.50 1.74
O1A ATP C . -16.20 15.18 1.29
O2A ATP C . -15.01 14.24 3.22
O3A ATP C . -14.61 12.98 1.18
O5' ATP C . -13.71 15.54 1.45
C5' ATP C . -12.42 14.98 1.44
C4' ATP C . -11.56 16.03 0.71
O4' ATP C . -11.72 17.16 1.31
C3' ATP C . -10.08 15.57 0.85
O3' ATP C . -9.48 15.56 -0.37
C2' ATP C . -9.48 16.66 1.74
O2' ATP C . -8.06 16.89 1.36
C1' ATP C . -10.22 17.73 1.49
N9 ATP C . -10.12 18.64 2.59
C8 ATP C . -10.39 18.41 3.88
N7 ATP C . -10.12 19.52 4.56
C5 ATP C . -9.66 20.46 3.72
C6 ATP C . -9.21 21.79 3.81
N6 ATP C . -9.16 22.45 5.10
N1 ATP C . -8.80 22.44 2.71
C2 ATP C . -8.81 21.86 1.51
N3 ATP C . -9.23 20.60 1.38
C4 ATP C . -9.66 19.89 2.45
FE FE D . -17.39 13.90 -0.11
C1 GOL E . -8.61 10.54 -4.53
O1 GOL E . -9.48 9.44 -4.60
C2 GOL E . -9.05 11.56 -5.63
O2 GOL E . -9.07 12.86 -5.15
C3 GOL E . -8.03 11.38 -6.80
O3 GOL E . -8.04 12.60 -7.53
S SO4 F . -8.98 23.08 17.40
O1 SO4 F . -10.17 22.62 18.10
O2 SO4 F . -8.14 21.93 17.08
O3 SO4 F . -8.21 24.00 18.24
O4 SO4 F . -9.35 23.74 16.15
S SO4 G . -26.61 21.31 27.10
O1 SO4 G . -27.03 20.50 28.25
O2 SO4 G . -25.76 20.46 26.29
O3 SO4 G . -25.84 22.48 27.57
O4 SO4 G . -27.74 21.78 26.29
S SO4 H . -31.18 33.48 -4.33
O1 SO4 H . -31.78 33.72 -3.00
O2 SO4 H . -29.92 32.76 -4.14
O3 SO4 H . -30.94 34.78 -4.99
O4 SO4 H . -32.10 32.68 -5.14
S SO4 I . 16.48 -12.64 24.41
O1 SO4 I . 16.00 -13.80 25.17
O2 SO4 I . 17.92 -12.73 24.18
O3 SO4 I . 15.78 -12.63 23.12
O4 SO4 I . 16.17 -11.40 25.12
C1 EDO J . -5.29 -0.53 0.40
O1 EDO J . -6.42 -1.05 1.10
C2 EDO J . -5.03 -1.34 -0.88
O2 EDO J . -5.71 -0.72 -1.99
C1 EDO K . -12.48 16.65 15.53
O1 EDO K . -11.58 17.75 15.33
C2 EDO K . -11.79 15.44 16.13
O2 EDO K . -12.78 14.46 16.43
C1 EDO L . -2.25 32.59 1.46
O1 EDO L . -1.75 31.92 2.62
C2 EDO L . -3.75 32.73 1.65
O2 EDO L . -4.28 33.49 0.58
C1 EDO M . -13.96 3.64 29.15
O1 EDO M . -14.33 4.14 27.84
C2 EDO M . -14.87 2.51 29.61
O2 EDO M . -16.19 3.01 29.84
C1 EDO N . 3.53 30.77 29.41
O1 EDO N . 3.87 30.06 28.20
C2 EDO N . 2.22 30.24 29.97
O2 EDO N . 2.20 30.54 31.38
C1 EDO O . -12.26 45.90 33.26
O1 EDO O . -12.78 44.67 33.78
C2 EDO O . -13.18 46.46 32.17
O2 EDO O . -14.52 46.57 32.68
C1 EDO P . -5.87 30.32 8.76
O1 EDO P . -4.94 29.69 9.67
C2 EDO P . -6.23 31.78 9.09
O2 EDO P . -6.12 32.71 7.98
C1 EDO Q . 4.43 18.76 -12.87
O1 EDO Q . 3.59 18.86 -14.03
C2 EDO Q . 5.18 17.43 -12.84
O2 EDO Q . 6.25 17.35 -13.79
N CP R . -6.64 17.23 18.59
C CP R . -6.68 18.51 17.93
O CP R . -7.57 19.26 18.16
O4P CP R . -5.62 18.84 17.05
P CP R . -4.25 17.92 17.18
O1P CP R . -3.81 17.91 18.63
O2P CP R . -4.54 16.52 16.68
O3P CP R . -3.10 18.46 16.35
P PO4 S . -16.36 -10.06 8.90
O1 PO4 S . -15.65 -11.38 8.65
O2 PO4 S . -17.81 -10.25 8.57
O3 PO4 S . -15.76 -8.97 8.02
O4 PO4 S . -16.21 -9.68 10.35
PG ATP T . 9.57 -0.84 -13.35
O1G ATP T . 10.90 -0.48 -14.02
O2G ATP T . 9.78 -1.09 -11.86
O3G ATP T . 8.66 0.38 -13.50
PB ATP T . 9.03 -2.62 -15.72
O1B ATP T . 7.65 -2.70 -16.35
O2B ATP T . 9.88 -1.58 -16.47
O3B ATP T . 8.92 -2.19 -14.09
PA ATP T . 9.97 -5.23 -16.96
O1A ATP T . 10.73 -4.82 -18.18
O2A ATP T . 10.69 -6.34 -16.22
O3A ATP T . 9.83 -4.06 -15.80
O5' ATP T . 8.51 -5.81 -17.39
C5' ATP T . 7.56 -5.95 -16.38
C4' ATP T . 6.23 -5.94 -17.18
O4' ATP T . 6.30 -6.90 -18.03
C3' ATP T . 5.04 -6.21 -16.22
O3' ATP T . 4.02 -5.33 -16.47
C2' ATP T . 4.65 -7.63 -16.58
O2' ATP T . 3.19 -7.86 -16.33
C1' ATP T . 4.94 -7.74 -17.87
N9 ATP T . 5.08 -9.13 -18.23
C8 ATP T . 5.91 -10.02 -17.71
N7 ATP T . 5.69 -11.20 -18.29
C5 ATP T . 4.70 -11.06 -19.18
C6 ATP T . 4.04 -11.93 -20.08
N6 ATP T . 4.43 -13.33 -20.15
N1 ATP T . 3.08 -11.45 -20.85
C2 ATP T . 2.74 -10.17 -20.79
N3 ATP T . 3.33 -9.33 -19.96
C4 ATP T . 4.31 -9.74 -19.15
FE FE U . 11.48 -2.63 -18.14
S SO4 V . 9.19 -23.76 -15.85
O1 SO4 V . 8.43 -25.00 -15.91
O2 SO4 V . 10.61 -23.98 -15.73
O3 SO4 V . 8.77 -22.98 -14.69
O4 SO4 V . 8.89 -23.01 -17.07
S SO4 W . 19.73 1.48 5.84
O1 SO4 W . 20.20 0.14 6.24
O2 SO4 W . 19.28 2.22 7.01
O3 SO4 W . 20.82 2.21 5.21
O4 SO4 W . 18.59 1.32 4.92
S SO4 X . -3.74 -20.54 -5.41
O1 SO4 X . -3.12 -21.77 -4.93
O2 SO4 X . -3.37 -19.44 -4.52
O3 SO4 X . -5.19 -20.69 -5.43
O4 SO4 X . -3.27 -20.24 -6.76
C1 EDO Y . 3.76 2.31 -1.08
O1 EDO Y . 3.51 3.36 -2.01
C2 EDO Y . 5.19 1.79 -1.27
O2 EDO Y . 5.27 0.40 -0.91
C1 EDO Z . 26.85 -27.47 -20.44
O1 EDO Z . 25.48 -27.24 -20.77
C2 EDO Z . 27.79 -26.35 -20.91
O2 EDO Z . 29.12 -26.86 -20.80
C1 EDO AA . 1.51 1.87 -15.54
O1 EDO AA . 0.62 1.35 -16.53
C2 EDO AA . 2.50 0.81 -15.08
O2 EDO AA . 2.62 -0.19 -16.11
C1 EDO BA . -10.78 3.58 -6.05
O1 EDO BA . -11.45 4.83 -5.93
C2 EDO BA . -9.45 3.62 -5.31
O2 EDO BA . -8.72 2.40 -5.56
C1 EDO CA . -1.98 -0.19 -12.64
O1 EDO CA . -3.18 0.20 -13.33
C2 EDO CA . -0.78 0.25 -13.48
O2 EDO CA . -0.94 -0.24 -14.82
C1 EDO DA . 4.85 -9.89 4.93
O1 EDO DA . 3.53 -10.21 4.43
C2 EDO DA . 5.03 -10.45 6.34
O2 EDO DA . 4.55 -11.80 6.36
C1 EDO EA . 8.98 -10.34 -15.87
O1 EDO EA . 8.41 -11.55 -15.31
C2 EDO EA . 8.60 -9.14 -15.03
O2 EDO EA . 9.74 -8.30 -14.79
C1 EDO FA . -13.64 -7.32 20.99
O1 EDO FA . -12.61 -7.43 21.98
C2 EDO FA . -13.03 -7.29 19.60
O2 EDO FA . -12.57 -8.59 19.22
C1 EDO GA . -15.53 -19.27 -5.19
O1 EDO GA . -14.41 -19.80 -4.46
C2 EDO GA . -15.76 -17.81 -4.81
O2 EDO GA . -16.47 -17.09 -5.83
C1 EDO HA . 1.66 -17.02 3.69
O1 EDO HA . 2.40 -18.25 3.48
C2 EDO HA . 0.16 -17.25 3.83
O2 EDO HA . -0.18 -17.45 5.21
P PO4 IA . 29.08 -26.61 -17.27
O1 PO4 IA . 30.02 -27.19 -16.23
O2 PO4 IA . 28.28 -25.49 -16.63
O3 PO4 IA . 28.12 -27.69 -17.71
O4 PO4 IA . 29.86 -26.05 -18.44
#